data_8TP7
#
_entry.id   8TP7
#
_cell.length_a   1.00
_cell.length_b   1.00
_cell.length_c   1.00
_cell.angle_alpha   90.00
_cell.angle_beta   90.00
_cell.angle_gamma   90.00
#
_symmetry.space_group_name_H-M   'P 1'
#
loop_
_entity.id
_entity.type
_entity.pdbx_description
1 polymer Hemagglutinin
2 polymer 'Heavy chain of monoclonal antibody 4-1-1G03'
3 polymer 'Light chain of monoclonal antibody 4-1-1G03'
4 branched 2-acetamido-2-deoxy-beta-D-glucopyranose-(1-4)-[alpha-L-fucopyranose-(1-6)]2-acetamido-2-deoxy-beta-D-glucopyranose
5 non-polymer 2-acetamido-2-deoxy-beta-D-glucopyranose
#
loop_
_entity_poly.entity_id
_entity_poly.type
_entity_poly.pdbx_seq_one_letter_code
_entity_poly.pdbx_strand_id
1 'polypeptide(L)'
;MAIIYLILLFTAVRGDQICIGYHANNSTEKVDTILERNVTVTHAKDILEKTHNGKLCKLNGIPPLELGDCSIAGWLLGNP
ECDRLLSVPEWSYIMEKENPRDGLCYPGSFNDYEELKHLLSSVKHFEKVKILPKDRWTQHTTTGGSRACAVSGNPSFFRN
MVWLTKKGSNYPVAKGSYNNTSGEQMLIIWGVHHPNDETEQRTLYQNVGTYVSVGTSTLNKRSTPDIATRPKVNGQGGRM
EFSWTLLDMWDTINFESTGNLIAPEYGFKISKRGSSGIMKTEGTLENCETKCQTPLGAINTTLPFHNVHPLTIGECPKYV
KSEKLVLATGLRNVPQIESRGLFGAIAGFIEGGWQGMVDGWYGYHHSNDQGSGYAADKESTQKAFDGITNKVNSVIEKMN
TQFEAVGKEFSNLERRLENLNKKMEDGFLDVWTYNAELLVLMENERTLDFHDSNVKNLYDKVRMQLRDNVKELGNGCFEF
YHKCDDECMNSVKNGTYDYPKYEEESKLNRNEIKGVKLSSMGVYQILAIYATVAGSLSLAIMMAGISFWMCSNGSLQCRI
CI
;
A,B,C
2 'polypeptide(L)'
;QVQLQESGPGLVKTSETLSLTCAVSGGSISGSRYYWAWIRQPPGKGLEWIGNLYYSGTNFYNPSLEGRVTISVDTSKNQV
SLKLSSVTAADTAVYFCARHVYYSDTNSYTYFFDYWGQGTLVTVSS
;
D,E,H
3 'polypeptide(L)'
;ALTQPASVSGSPGQSITISCTGTSSDIGGYNYVSWYQNHPGKAPKLIIYDVSHRPSGVSNRFSGSKSGNTASLSISGLQA
EDEADYYCCSFTDNNIPAFGGGTKLTVL
;
F,G,L
#
# COMPACT_ATOMS: atom_id res chain seq x y z
N ASP A 16 -58.27 44.91 45.08
CA ASP A 16 -59.06 43.76 45.49
C ASP A 16 -58.34 42.44 45.19
N GLN A 17 -57.98 42.15 43.91
CA GLN A 17 -57.35 40.88 43.50
C GLN A 17 -56.13 41.05 42.59
N ILE A 18 -55.08 40.29 42.89
CA ILE A 18 -53.92 40.26 42.01
C ILE A 18 -53.63 38.79 41.71
N CYS A 19 -53.37 38.45 40.42
CA CYS A 19 -53.08 37.10 39.92
C CYS A 19 -51.69 37.05 39.32
N ILE A 20 -51.09 35.88 39.42
CA ILE A 20 -49.81 35.58 38.80
C ILE A 20 -50.01 34.53 37.76
N GLY A 21 -49.53 34.79 36.56
CA GLY A 21 -49.73 33.89 35.44
C GLY A 21 -48.67 34.04 34.38
N TYR A 22 -48.96 33.45 33.23
CA TYR A 22 -48.01 33.46 32.15
C TYR A 22 -48.65 33.49 30.77
N HIS A 23 -47.82 33.92 29.84
CA HIS A 23 -48.05 34.12 28.42
C HIS A 23 -48.50 32.91 27.64
N ALA A 24 -49.42 33.16 26.72
CA ALA A 24 -49.91 32.17 25.80
C ALA A 24 -50.17 32.89 24.51
N ASN A 25 -50.15 32.17 23.41
CA ASN A 25 -50.36 32.80 22.13
C ASN A 25 -51.02 31.79 21.18
N ASN A 26 -51.02 32.08 19.87
CA ASN A 26 -51.62 31.29 18.79
C ASN A 26 -50.59 30.39 18.06
N SER A 27 -49.35 30.21 18.60
CA SER A 27 -48.28 29.39 18.01
C SER A 27 -48.57 27.91 18.01
N THR A 28 -48.14 27.27 16.92
CA THR A 28 -48.27 25.84 16.72
C THR A 28 -46.89 25.18 16.61
N GLU A 29 -45.86 25.86 17.08
CA GLU A 29 -44.52 25.27 17.05
C GLU A 29 -44.52 24.10 18.00
N LYS A 30 -43.95 22.96 17.61
CA LYS A 30 -43.93 21.85 18.55
C LYS A 30 -42.55 21.31 18.78
N VAL A 31 -42.32 20.84 20.00
CA VAL A 31 -41.06 20.25 20.36
C VAL A 31 -41.24 18.91 21.03
N ASP A 32 -40.18 18.12 21.05
CA ASP A 32 -40.19 16.89 21.81
C ASP A 32 -39.30 17.06 23.01
N THR A 33 -39.58 16.30 24.06
CA THR A 33 -38.76 16.32 25.25
C THR A 33 -38.52 14.87 25.59
N ILE A 34 -37.75 14.60 26.61
CA ILE A 34 -37.54 13.21 26.96
C ILE A 34 -38.85 12.53 27.37
N LEU A 35 -39.63 13.20 28.19
CA LEU A 35 -40.89 12.68 28.72
C LEU A 35 -42.13 12.88 27.85
N GLU A 36 -42.15 13.91 27.03
CA GLU A 36 -43.32 14.27 26.22
C GLU A 36 -43.05 14.31 24.72
N ARG A 37 -44.10 14.18 23.94
CA ARG A 37 -43.94 14.30 22.49
C ARG A 37 -44.97 15.29 21.98
N ASN A 38 -44.63 16.05 20.90
CA ASN A 38 -45.48 17.04 20.22
C ASN A 38 -46.09 18.09 21.18
N VAL A 39 -45.22 18.73 22.01
CA VAL A 39 -45.60 19.76 22.97
C VAL A 39 -45.65 21.09 22.27
N THR A 40 -46.77 21.78 22.33
CA THR A 40 -46.86 23.05 21.64
C THR A 40 -46.22 24.08 22.52
N VAL A 41 -45.38 24.94 21.94
CA VAL A 41 -44.70 25.97 22.70
C VAL A 41 -44.95 27.33 22.11
N THR A 42 -44.77 28.37 22.92
CA THR A 42 -45.02 29.73 22.46
C THR A 42 -43.96 30.22 21.50
N HIS A 43 -42.74 29.74 21.68
CA HIS A 43 -41.58 30.11 20.87
C HIS A 43 -40.66 28.91 20.71
N ALA A 44 -40.02 28.79 19.55
CA ALA A 44 -39.06 27.71 19.35
C ALA A 44 -38.01 28.12 18.32
N LYS A 45 -36.85 27.46 18.37
CA LYS A 45 -35.80 27.70 17.41
C LYS A 45 -35.33 26.42 16.75
N ASP A 46 -35.34 26.43 15.42
CA ASP A 46 -34.89 25.29 14.63
C ASP A 46 -33.40 25.43 14.41
N ILE A 47 -32.61 24.47 14.89
CA ILE A 47 -31.17 24.56 14.80
C ILE A 47 -30.56 23.63 13.74
N LEU A 48 -31.42 23.07 12.88
CA LEU A 48 -30.97 22.20 11.80
C LEU A 48 -31.26 22.86 10.46
N GLU A 49 -30.23 23.05 9.64
CA GLU A 49 -30.40 23.63 8.33
C GLU A 49 -30.83 22.57 7.33
N LYS A 50 -31.92 22.85 6.63
CA LYS A 50 -32.50 21.89 5.73
C LYS A 50 -32.44 22.27 4.27
N THR A 51 -32.18 23.54 3.97
CA THR A 51 -32.22 23.97 2.58
C THR A 51 -30.88 24.38 2.02
N HIS A 52 -30.87 24.50 0.72
CA HIS A 52 -29.73 24.92 -0.08
C HIS A 52 -30.30 25.59 -1.31
N ASN A 53 -29.49 26.31 -2.06
CA ASN A 53 -30.06 27.00 -3.22
C ASN A 53 -30.10 26.24 -4.55
N GLY A 54 -29.69 24.97 -4.60
CA GLY A 54 -29.74 24.22 -5.85
C GLY A 54 -28.65 24.56 -6.87
N LYS A 55 -27.71 25.43 -6.51
CA LYS A 55 -26.69 25.88 -7.44
C LYS A 55 -25.26 25.58 -7.05
N LEU A 56 -24.40 25.47 -8.03
CA LEU A 56 -22.98 25.37 -7.76
C LEU A 56 -22.42 26.79 -7.90
N CYS A 57 -21.91 27.34 -6.77
CA CYS A 57 -21.47 28.71 -6.58
C CYS A 57 -19.96 28.85 -6.50
N LYS A 58 -19.50 30.07 -6.65
CA LYS A 58 -18.11 30.42 -6.48
C LYS A 58 -17.90 30.27 -4.99
N LEU A 59 -16.76 29.76 -4.57
CA LEU A 59 -16.53 29.60 -3.15
C LEU A 59 -15.58 30.67 -2.69
N ASN A 60 -16.04 31.51 -1.76
CA ASN A 60 -15.30 32.64 -1.26
C ASN A 60 -14.94 33.60 -2.39
N GLY A 61 -15.83 33.72 -3.37
CA GLY A 61 -15.66 34.62 -4.51
C GLY A 61 -14.84 34.06 -5.68
N ILE A 62 -14.28 32.86 -5.53
CA ILE A 62 -13.45 32.30 -6.58
C ILE A 62 -14.17 31.12 -7.29
N PRO A 63 -14.33 31.12 -8.61
CA PRO A 63 -14.97 30.08 -9.36
C PRO A 63 -14.25 28.75 -9.19
N PRO A 64 -14.94 27.62 -9.35
CA PRO A 64 -14.41 26.28 -9.38
C PRO A 64 -13.73 26.02 -10.69
N LEU A 65 -12.95 24.94 -10.75
CA LEU A 65 -12.43 24.48 -12.00
C LEU A 65 -13.42 23.53 -12.56
N GLU A 66 -14.05 23.89 -13.65
CA GLU A 66 -15.06 23.03 -14.20
C GLU A 66 -14.42 22.24 -15.31
N LEU A 67 -14.29 20.93 -15.09
CA LEU A 67 -13.59 20.10 -16.06
C LEU A 67 -14.51 19.64 -17.16
N GLY A 68 -15.80 19.86 -16.99
CA GLY A 68 -16.75 19.40 -17.97
C GLY A 68 -16.66 17.89 -18.04
N ASP A 69 -16.42 17.36 -19.23
CA ASP A 69 -16.35 15.92 -19.41
C ASP A 69 -14.94 15.29 -19.22
N CYS A 70 -13.91 16.09 -18.81
CA CYS A 70 -12.52 15.69 -18.61
C CYS A 70 -12.26 15.13 -17.23
N SER A 71 -11.31 14.22 -17.18
CA SER A 71 -10.82 13.69 -15.92
C SER A 71 -9.58 14.47 -15.55
N ILE A 72 -9.07 14.26 -14.34
CA ILE A 72 -7.84 14.92 -13.94
C ILE A 72 -6.68 14.46 -14.82
N ALA A 73 -6.59 13.17 -15.11
CA ALA A 73 -5.50 12.70 -15.96
C ALA A 73 -5.61 13.29 -17.35
N GLY A 74 -6.82 13.41 -17.89
CA GLY A 74 -6.99 13.96 -19.23
C GLY A 74 -6.52 15.39 -19.26
N TRP A 75 -6.86 16.13 -18.23
CA TRP A 75 -6.50 17.51 -18.10
C TRP A 75 -5.00 17.75 -18.05
N LEU A 76 -4.31 17.01 -17.18
CA LEU A 76 -2.88 17.20 -16.99
C LEU A 76 -2.05 16.66 -18.14
N LEU A 77 -2.50 15.59 -18.79
CA LEU A 77 -1.76 15.05 -19.91
C LEU A 77 -2.01 15.86 -21.17
N GLY A 78 -3.17 16.48 -21.28
CA GLY A 78 -3.46 17.24 -22.48
C GLY A 78 -4.32 16.52 -23.48
N ASN A 79 -5.26 15.72 -23.02
CA ASN A 79 -6.17 15.05 -23.92
C ASN A 79 -6.66 16.10 -24.92
N PRO A 80 -6.59 15.89 -26.24
CA PRO A 80 -7.01 16.83 -27.27
C PRO A 80 -8.44 17.33 -27.12
N GLU A 81 -9.28 16.61 -26.39
CA GLU A 81 -10.66 17.06 -26.19
C GLU A 81 -10.85 18.04 -24.99
N CYS A 82 -9.75 18.33 -24.25
CA CYS A 82 -9.66 19.15 -23.04
C CYS A 82 -8.90 20.44 -23.37
N ASP A 83 -8.97 20.90 -24.62
CA ASP A 83 -8.23 22.11 -25.02
C ASP A 83 -8.62 23.34 -24.24
N ARG A 84 -9.86 23.39 -23.79
CA ARG A 84 -10.38 24.50 -23.01
C ARG A 84 -9.71 24.61 -21.64
N LEU A 85 -9.00 23.55 -21.22
CA LEU A 85 -8.31 23.48 -19.96
C LEU A 85 -6.80 23.67 -20.08
N LEU A 86 -6.30 24.06 -21.27
CA LEU A 86 -4.86 24.24 -21.43
C LEU A 86 -4.32 25.42 -20.63
N SER A 87 -5.14 26.43 -20.41
CA SER A 87 -4.77 27.58 -19.61
C SER A 87 -5.85 27.76 -18.57
N VAL A 88 -5.49 27.52 -17.32
CA VAL A 88 -6.43 27.50 -16.23
C VAL A 88 -6.18 28.57 -15.15
N PRO A 89 -7.18 29.41 -14.83
CA PRO A 89 -7.16 30.43 -13.81
C PRO A 89 -7.30 29.77 -12.45
N GLU A 90 -7.03 30.51 -11.40
CA GLU A 90 -7.17 30.01 -10.04
C GLU A 90 -8.57 29.51 -9.76
N TRP A 91 -8.65 28.37 -9.09
CA TRP A 91 -9.93 27.79 -8.73
C TRP A 91 -10.07 27.60 -7.25
N SER A 92 -11.32 27.63 -6.79
CA SER A 92 -11.68 27.41 -5.40
C SER A 92 -11.93 25.96 -5.00
N TYR A 93 -12.31 25.14 -5.96
CA TYR A 93 -12.59 23.70 -5.81
C TYR A 93 -12.60 23.12 -7.20
N ILE A 94 -12.56 21.81 -7.32
CA ILE A 94 -12.62 21.19 -8.64
C ILE A 94 -13.90 20.44 -8.84
N MET A 95 -14.57 20.71 -9.95
CA MET A 95 -15.79 20.02 -10.32
C MET A 95 -15.51 18.94 -11.34
N GLU A 96 -15.44 17.71 -10.88
CA GLU A 96 -15.14 16.61 -11.77
C GLU A 96 -16.44 15.87 -11.95
N LYS A 97 -16.76 15.49 -13.15
CA LYS A 97 -17.96 14.71 -13.40
C LYS A 97 -17.70 13.31 -12.96
N GLU A 98 -18.69 12.60 -12.46
CA GLU A 98 -18.45 11.22 -12.13
C GLU A 98 -18.40 10.46 -13.44
N ASN A 99 -17.47 9.54 -13.59
CA ASN A 99 -17.34 8.79 -14.84
C ASN A 99 -17.20 9.69 -16.07
N PRO A 100 -16.15 10.54 -16.12
CA PRO A 100 -15.86 11.48 -17.18
C PRO A 100 -15.44 10.71 -18.42
N ARG A 101 -15.61 11.32 -19.58
CA ARG A 101 -15.23 10.71 -20.84
C ARG A 101 -13.79 10.98 -21.29
N ASP A 102 -13.37 12.22 -21.16
CA ASP A 102 -12.12 12.66 -21.72
C ASP A 102 -10.96 12.42 -20.76
N GLY A 103 -10.59 11.16 -20.67
CA GLY A 103 -9.54 10.67 -19.80
C GLY A 103 -8.35 10.23 -20.61
N LEU A 104 -7.91 9.02 -20.40
CA LEU A 104 -6.77 8.59 -21.17
C LEU A 104 -7.25 8.07 -22.52
N CYS A 105 -7.19 8.94 -23.56
CA CYS A 105 -7.64 8.67 -24.94
C CYS A 105 -6.83 7.54 -25.55
N TYR A 106 -5.61 7.41 -25.12
CA TYR A 106 -4.80 6.32 -25.54
C TYR A 106 -4.97 5.43 -24.32
N PRO A 107 -5.43 4.19 -24.41
CA PRO A 107 -5.75 3.36 -23.29
C PRO A 107 -4.53 3.14 -22.46
N GLY A 108 -4.72 3.04 -21.17
CA GLY A 108 -3.59 2.87 -20.31
C GLY A 108 -3.98 2.99 -18.87
N SER A 109 -3.02 3.37 -18.06
CA SER A 109 -3.22 3.48 -16.63
C SER A 109 -2.38 4.61 -16.09
N PHE A 110 -2.73 5.08 -14.90
CA PHE A 110 -1.98 6.15 -14.29
C PHE A 110 -1.67 5.68 -12.87
N ASN A 111 -0.40 5.60 -12.52
CA ASN A 111 0.03 5.12 -11.22
C ASN A 111 -0.14 6.19 -10.17
N ASP A 112 -0.50 5.77 -8.95
CA ASP A 112 -0.68 6.68 -7.85
C ASP A 112 -1.60 7.82 -8.24
N TYR A 113 -2.66 7.48 -8.93
CA TYR A 113 -3.60 8.45 -9.40
C TYR A 113 -4.42 9.03 -8.29
N GLU A 114 -4.85 8.20 -7.35
CA GLU A 114 -5.65 8.68 -6.24
C GLU A 114 -4.82 9.62 -5.37
N GLU A 115 -3.52 9.31 -5.22
CA GLU A 115 -2.63 10.18 -4.45
C GLU A 115 -2.47 11.50 -5.17
N LEU A 116 -2.42 11.49 -6.51
CA LEU A 116 -2.35 12.75 -7.24
C LEU A 116 -3.61 13.55 -7.08
N LYS A 117 -4.77 12.91 -7.18
CA LYS A 117 -6.01 13.65 -7.03
C LYS A 117 -6.07 14.27 -5.64
N HIS A 118 -5.58 13.56 -4.63
CA HIS A 118 -5.52 14.08 -3.27
C HIS A 118 -4.57 15.27 -3.22
N LEU A 119 -3.39 15.16 -3.84
CA LEU A 119 -2.43 16.23 -3.87
C LEU A 119 -3.02 17.49 -4.45
N LEU A 120 -3.82 17.35 -5.49
CA LEU A 120 -4.41 18.49 -6.18
C LEU A 120 -5.49 19.18 -5.39
N SER A 121 -5.91 18.60 -4.28
CA SER A 121 -6.91 19.20 -3.45
C SER A 121 -6.31 20.47 -2.84
N SER A 122 -5.21 20.35 -2.12
CA SER A 122 -4.59 21.52 -1.52
C SER A 122 -3.63 22.21 -2.48
N VAL A 123 -4.14 22.64 -3.62
CA VAL A 123 -3.33 23.31 -4.64
C VAL A 123 -3.91 24.61 -5.15
N LYS A 124 -5.15 24.61 -5.62
CA LYS A 124 -5.71 25.77 -6.30
C LYS A 124 -4.81 26.12 -7.50
N HIS A 125 -4.46 27.35 -7.74
CA HIS A 125 -3.70 27.60 -8.96
C HIS A 125 -2.31 26.93 -9.06
N PHE A 126 -1.95 26.59 -10.30
CA PHE A 126 -0.62 26.13 -10.68
C PHE A 126 -0.29 26.67 -12.05
N GLU A 127 0.99 26.84 -12.33
CA GLU A 127 1.48 27.35 -13.59
C GLU A 127 2.10 26.29 -14.48
N LYS A 128 1.69 26.23 -15.72
CA LYS A 128 2.30 25.25 -16.59
C LYS A 128 3.60 25.85 -17.14
N VAL A 129 4.71 25.15 -16.93
CA VAL A 129 6.06 25.57 -17.27
C VAL A 129 6.70 24.65 -18.27
N LYS A 130 7.25 25.19 -19.35
CA LYS A 130 7.90 24.30 -20.30
C LYS A 130 9.25 23.88 -19.73
N ILE A 131 9.48 22.58 -19.62
CA ILE A 131 10.72 22.07 -19.04
C ILE A 131 11.66 21.46 -20.07
N LEU A 132 11.10 20.71 -21.01
CA LEU A 132 11.85 19.99 -22.03
C LEU A 132 11.23 20.25 -23.39
N PRO A 133 11.48 21.41 -24.01
CA PRO A 133 10.83 21.87 -25.21
C PRO A 133 10.88 20.81 -26.26
N LYS A 134 9.78 20.62 -26.97
CA LYS A 134 9.69 19.57 -27.97
C LYS A 134 10.82 19.61 -29.00
N ASP A 135 11.25 20.79 -29.39
CA ASP A 135 12.26 20.90 -30.43
C ASP A 135 13.68 20.66 -29.95
N ARG A 136 13.86 20.27 -28.69
CA ARG A 136 15.20 19.96 -28.23
C ARG A 136 15.51 18.55 -28.66
N TRP A 137 14.47 17.80 -28.99
CA TRP A 137 14.64 16.39 -29.30
C TRP A 137 15.02 16.21 -30.73
N THR A 138 16.21 16.62 -31.05
CA THR A 138 16.71 16.45 -32.38
C THR A 138 17.16 15.01 -32.38
N GLN A 139 17.40 14.46 -33.54
CA GLN A 139 17.86 13.08 -33.67
C GLN A 139 16.79 12.06 -33.23
N HIS A 140 15.57 12.53 -33.04
CA HIS A 140 14.37 11.78 -32.67
C HIS A 140 13.18 12.28 -33.44
N THR A 141 12.15 11.46 -33.55
CA THR A 141 10.90 11.89 -34.15
C THR A 141 9.95 12.28 -33.02
N THR A 142 9.42 13.49 -33.09
CA THR A 142 8.54 14.07 -32.08
C THR A 142 7.10 14.27 -32.56
N THR A 143 6.79 13.68 -33.70
CA THR A 143 5.51 13.85 -34.38
C THR A 143 4.66 12.60 -34.41
N GLY A 144 4.89 11.68 -33.49
CA GLY A 144 4.10 10.46 -33.47
C GLY A 144 2.74 10.75 -32.88
N GLY A 145 1.86 9.76 -32.90
CA GLY A 145 0.51 9.93 -32.42
C GLY A 145 -0.31 8.70 -32.72
N SER A 146 -1.60 8.78 -32.46
CA SER A 146 -2.50 7.66 -32.65
C SER A 146 -3.90 8.08 -33.03
N ARG A 147 -4.59 7.21 -33.77
CA ARG A 147 -5.96 7.49 -34.16
C ARG A 147 -6.85 7.56 -32.92
N ALA A 148 -6.42 6.92 -31.83
CA ALA A 148 -7.19 6.92 -30.59
C ALA A 148 -7.43 8.34 -30.01
N CYS A 149 -6.48 9.28 -30.22
CA CYS A 149 -6.49 10.64 -29.72
C CYS A 149 -6.66 11.59 -30.92
N ALA A 150 -7.18 11.09 -32.04
CA ALA A 150 -7.31 11.89 -33.25
C ALA A 150 -8.17 13.11 -33.14
N VAL A 151 -7.76 14.14 -33.85
CA VAL A 151 -8.46 15.39 -33.93
C VAL A 151 -8.84 15.63 -35.36
N SER A 152 -10.13 15.73 -35.64
CA SER A 152 -10.60 15.91 -37.01
C SER A 152 -10.04 14.80 -37.93
N GLY A 153 -10.11 13.55 -37.45
CA GLY A 153 -9.65 12.39 -38.21
C GLY A 153 -8.17 12.11 -38.05
N ASN A 154 -7.38 13.13 -38.22
CA ASN A 154 -5.93 13.05 -38.14
C ASN A 154 -5.41 12.56 -36.78
N PRO A 155 -4.53 11.55 -36.73
CA PRO A 155 -3.95 11.00 -35.52
C PRO A 155 -3.30 12.11 -34.72
N SER A 156 -3.38 12.01 -33.42
CA SER A 156 -2.80 13.04 -32.57
C SER A 156 -2.39 12.46 -31.23
N PHE A 157 -2.11 13.32 -30.27
CA PHE A 157 -1.64 12.79 -29.01
C PHE A 157 -1.89 13.76 -27.86
N PHE A 158 -1.52 13.36 -26.67
CA PHE A 158 -1.69 14.20 -25.52
C PHE A 158 -0.86 15.43 -25.77
N ARG A 159 -1.41 16.60 -25.56
CA ARG A 159 -0.71 17.82 -25.90
C ARG A 159 0.43 18.23 -25.01
N ASN A 160 0.51 17.75 -23.77
CA ASN A 160 1.62 18.16 -22.93
C ASN A 160 2.72 17.10 -22.94
N MET A 161 2.59 16.09 -23.81
CA MET A 161 3.53 14.98 -23.84
C MET A 161 4.17 14.78 -25.21
N VAL A 162 5.38 14.28 -25.24
CA VAL A 162 6.07 14.00 -26.48
C VAL A 162 6.27 12.50 -26.65
N TRP A 163 5.70 11.95 -27.71
CA TRP A 163 5.88 10.53 -27.93
C TRP A 163 7.10 10.38 -28.77
N LEU A 164 8.21 9.95 -28.18
CA LEU A 164 9.41 9.88 -28.97
C LEU A 164 9.42 8.57 -29.68
N THR A 165 9.75 8.62 -30.97
CA THR A 165 9.88 7.45 -31.81
C THR A 165 11.16 7.56 -32.66
N LYS A 166 11.38 6.49 -33.42
CA LYS A 166 12.61 6.37 -34.23
C LYS A 166 12.68 7.44 -35.32
N LYS A 167 13.89 7.90 -35.62
CA LYS A 167 14.14 8.87 -36.68
C LYS A 167 15.00 8.20 -37.72
N GLY A 168 14.58 8.23 -38.97
CA GLY A 168 15.35 7.45 -39.92
C GLY A 168 15.14 6.04 -39.43
N SER A 169 16.21 5.29 -39.19
CA SER A 169 16.10 3.94 -38.70
C SER A 169 16.68 3.80 -37.29
N ASN A 170 17.01 4.93 -36.65
CA ASN A 170 17.64 4.91 -35.33
C ASN A 170 16.91 5.57 -34.18
N TYR A 171 17.16 5.05 -32.99
CA TYR A 171 16.64 5.63 -31.76
C TYR A 171 17.81 5.79 -30.77
N PRO A 172 18.51 6.95 -30.78
CA PRO A 172 19.64 7.32 -29.96
C PRO A 172 19.17 7.31 -28.53
N VAL A 173 20.04 7.22 -27.56
CA VAL A 173 19.49 7.23 -26.23
C VAL A 173 18.84 8.58 -26.04
N ALA A 174 17.61 8.57 -25.58
CA ALA A 174 16.85 9.76 -25.34
C ALA A 174 17.19 10.28 -23.99
N LYS A 175 17.84 11.42 -23.94
CA LYS A 175 18.25 11.98 -22.67
C LYS A 175 17.79 13.39 -22.52
N GLY A 176 17.62 13.79 -21.28
CA GLY A 176 17.38 15.18 -20.95
C GLY A 176 17.13 15.36 -19.47
N SER A 177 17.27 16.58 -19.01
CA SER A 177 17.03 16.86 -17.60
C SER A 177 16.53 18.26 -17.35
N TYR A 178 15.94 18.44 -16.18
CA TYR A 178 15.47 19.73 -15.75
C TYR A 178 15.79 20.05 -14.28
N ASN A 179 16.39 21.23 -14.04
CA ASN A 179 16.73 21.81 -12.74
C ASN A 179 15.58 22.73 -12.32
N ASN A 180 14.93 22.45 -11.16
CA ASN A 180 13.76 23.22 -10.74
C ASN A 180 14.15 24.55 -10.12
N THR A 181 14.19 25.54 -10.97
CA THR A 181 14.55 26.90 -10.62
C THR A 181 13.31 27.78 -10.78
N SER A 182 12.13 27.15 -10.89
CA SER A 182 10.85 27.81 -11.14
C SER A 182 10.30 28.64 -9.97
N GLY A 183 10.83 28.41 -8.79
CA GLY A 183 10.44 29.08 -7.56
C GLY A 183 9.57 28.26 -6.61
N GLU A 184 9.03 27.14 -7.07
CA GLU A 184 8.19 26.29 -6.23
C GLU A 184 8.20 24.84 -6.73
N GLN A 185 7.84 23.92 -5.84
CA GLN A 185 7.77 22.49 -6.11
C GLN A 185 6.94 22.22 -7.35
N MET A 186 7.47 21.36 -8.23
CA MET A 186 6.83 21.09 -9.51
C MET A 186 6.36 19.65 -9.75
N LEU A 187 5.20 19.52 -10.37
CA LEU A 187 4.64 18.23 -10.75
C LEU A 187 5.05 17.80 -12.14
N ILE A 188 5.70 16.66 -12.23
CA ILE A 188 6.18 16.14 -13.49
C ILE A 188 5.58 14.77 -13.77
N ILE A 189 5.04 14.63 -14.96
CA ILE A 189 4.38 13.41 -15.44
C ILE A 189 5.13 12.83 -16.63
N TRP A 190 5.29 11.52 -16.68
CA TRP A 190 5.96 10.85 -17.81
C TRP A 190 5.34 9.50 -17.98
N GLY A 191 5.63 8.82 -19.08
CA GLY A 191 5.09 7.47 -19.17
C GLY A 191 5.88 6.51 -20.04
N VAL A 192 5.39 5.27 -20.08
CA VAL A 192 5.98 4.17 -20.82
C VAL A 192 4.98 3.52 -21.76
N HIS A 193 5.37 3.36 -23.00
CA HIS A 193 4.51 2.69 -23.96
C HIS A 193 4.73 1.19 -23.92
N HIS A 194 3.63 0.44 -23.92
CA HIS A 194 3.60 -1.02 -23.90
C HIS A 194 2.92 -1.57 -25.17
N PRO A 195 3.68 -1.97 -26.19
CA PRO A 195 3.24 -2.44 -27.49
C PRO A 195 2.40 -3.70 -27.42
N ASN A 196 1.56 -3.90 -28.43
CA ASN A 196 0.76 -5.10 -28.54
C ASN A 196 1.66 -6.26 -28.98
N ASP A 197 2.65 -5.99 -29.81
CA ASP A 197 3.58 -7.04 -30.24
C ASP A 197 4.98 -6.54 -30.58
N GLU A 198 5.88 -7.48 -30.91
CA GLU A 198 7.26 -7.14 -31.24
C GLU A 198 7.37 -6.32 -32.51
N THR A 199 6.48 -6.55 -33.47
CA THR A 199 6.52 -5.79 -34.70
C THR A 199 6.31 -4.33 -34.38
N GLU A 200 5.31 -4.01 -33.54
CA GLU A 200 5.04 -2.63 -33.16
C GLU A 200 6.26 -2.03 -32.46
N GLN A 201 6.90 -2.82 -31.60
CA GLN A 201 8.08 -2.33 -30.90
C GLN A 201 9.18 -1.95 -31.85
N ARG A 202 9.44 -2.79 -32.85
CA ARG A 202 10.49 -2.52 -33.84
C ARG A 202 10.13 -1.39 -34.80
N THR A 203 8.84 -1.26 -35.11
CA THR A 203 8.37 -0.21 -36.00
C THR A 203 8.49 1.17 -35.36
N LEU A 204 8.15 1.29 -34.08
CA LEU A 204 8.25 2.57 -33.40
C LEU A 204 9.65 2.85 -32.88
N TYR A 205 10.35 1.82 -32.41
CA TYR A 205 11.67 1.97 -31.84
C TYR A 205 12.54 0.94 -32.51
N GLN A 206 13.72 1.27 -32.93
CA GLN A 206 14.48 0.19 -33.54
C GLN A 206 14.90 -0.86 -32.50
N ASN A 207 15.20 -0.36 -31.31
CA ASN A 207 15.71 -1.14 -30.21
C ASN A 207 14.60 -1.96 -29.57
N VAL A 208 14.87 -3.21 -29.20
CA VAL A 208 13.83 -4.01 -28.53
C VAL A 208 14.00 -4.19 -27.03
N GLY A 209 15.19 -4.52 -26.55
CA GLY A 209 15.38 -4.71 -25.12
C GLY A 209 15.57 -3.38 -24.42
N THR A 210 14.54 -2.55 -24.47
CA THR A 210 14.57 -1.18 -24.00
C THR A 210 14.24 -1.00 -22.54
N TYR A 211 14.57 0.19 -22.05
CA TYR A 211 14.25 0.62 -20.70
C TYR A 211 13.99 2.10 -20.68
N VAL A 212 13.29 2.53 -19.64
CA VAL A 212 13.06 3.92 -19.32
C VAL A 212 13.51 4.19 -17.88
N SER A 213 14.42 5.13 -17.69
CA SER A 213 14.97 5.44 -16.39
C SER A 213 14.78 6.88 -15.99
N VAL A 214 14.15 7.10 -14.83
CA VAL A 214 13.88 8.44 -14.35
C VAL A 214 14.34 8.61 -12.90
N GLY A 215 14.95 9.74 -12.58
CA GLY A 215 15.31 9.94 -11.19
C GLY A 215 15.66 11.35 -10.76
N THR A 216 15.61 11.55 -9.45
CA THR A 216 15.83 12.81 -8.72
C THR A 216 16.67 12.48 -7.49
N SER A 217 16.74 13.40 -6.52
CA SER A 217 17.49 13.09 -5.30
C SER A 217 16.75 12.04 -4.46
N THR A 218 15.44 11.84 -4.70
CA THR A 218 14.63 10.87 -3.98
C THR A 218 14.01 9.76 -4.85
N LEU A 219 13.88 10.01 -6.14
CA LEU A 219 13.25 9.08 -7.08
C LEU A 219 14.27 8.27 -7.83
N ASN A 220 14.09 6.96 -7.83
CA ASN A 220 14.98 6.05 -8.54
C ASN A 220 14.15 4.98 -9.24
N LYS A 221 13.67 5.26 -10.43
CA LYS A 221 12.78 4.29 -11.06
C LYS A 221 13.21 3.84 -12.45
N ARG A 222 13.26 2.53 -12.64
CA ARG A 222 13.61 2.00 -13.95
C ARG A 222 12.54 1.00 -14.40
N SER A 223 11.93 1.28 -15.53
CA SER A 223 10.87 0.42 -16.06
C SER A 223 11.25 -0.14 -17.41
N THR A 224 10.65 -1.26 -17.75
CA THR A 224 10.82 -1.82 -19.08
C THR A 224 9.42 -2.01 -19.60
N PRO A 225 9.17 -1.98 -20.91
CA PRO A 225 7.89 -2.24 -21.50
C PRO A 225 7.51 -3.69 -21.44
N ASP A 226 6.22 -3.95 -21.34
CA ASP A 226 5.66 -5.29 -21.40
C ASP A 226 4.97 -5.50 -22.73
N ILE A 227 5.58 -6.28 -23.60
CA ILE A 227 4.97 -6.49 -24.90
C ILE A 227 4.05 -7.67 -24.80
N ALA A 228 2.78 -7.46 -25.09
CA ALA A 228 1.80 -8.53 -24.98
C ALA A 228 0.57 -8.24 -25.77
N THR A 229 -0.09 -9.28 -26.24
CA THR A 229 -1.37 -9.09 -26.88
C THR A 229 -2.39 -8.79 -25.82
N ARG A 230 -3.17 -7.74 -26.02
CA ARG A 230 -4.18 -7.37 -25.06
C ARG A 230 -5.51 -7.13 -25.75
N PRO A 231 -6.66 -7.21 -25.06
CA PRO A 231 -7.96 -6.84 -25.57
C PRO A 231 -7.88 -5.40 -26.01
N LYS A 232 -8.56 -5.05 -27.09
CA LYS A 232 -8.49 -3.67 -27.52
C LYS A 232 -9.37 -2.74 -26.73
N VAL A 233 -8.82 -1.58 -26.41
CA VAL A 233 -9.54 -0.50 -25.77
C VAL A 233 -9.36 0.73 -26.65
N ASN A 234 -10.46 1.34 -27.05
CA ASN A 234 -10.44 2.48 -27.97
C ASN A 234 -9.72 2.11 -29.26
N GLY A 235 -9.84 0.86 -29.68
CA GLY A 235 -9.24 0.37 -30.91
C GLY A 235 -7.79 -0.11 -30.78
N GLN A 236 -7.16 0.06 -29.63
CA GLN A 236 -5.75 -0.34 -29.53
C GLN A 236 -5.48 -1.47 -28.55
N GLY A 237 -4.59 -2.37 -28.93
CA GLY A 237 -4.20 -3.51 -28.08
C GLY A 237 -2.99 -3.18 -27.22
N GLY A 238 -2.53 -1.96 -27.35
CA GLY A 238 -1.40 -1.45 -26.64
C GLY A 238 -1.88 -0.70 -25.41
N ARG A 239 -0.96 -0.40 -24.51
CA ARG A 239 -1.29 0.37 -23.32
C ARG A 239 -0.23 1.42 -23.05
N MET A 240 -0.61 2.55 -22.49
CA MET A 240 0.39 3.53 -22.11
C MET A 240 0.30 3.84 -20.61
N GLU A 241 1.38 3.62 -19.88
CA GLU A 241 1.42 3.79 -18.44
C GLU A 241 2.04 5.09 -17.99
N PHE A 242 1.32 5.85 -17.19
CA PHE A 242 1.83 7.14 -16.73
C PHE A 242 2.13 7.13 -15.25
N SER A 243 3.11 7.92 -14.86
CA SER A 243 3.49 8.06 -13.47
C SER A 243 3.95 9.48 -13.22
N TRP A 244 4.07 9.85 -11.95
CA TRP A 244 4.44 11.21 -11.65
C TRP A 244 5.26 11.36 -10.39
N THR A 245 5.96 12.47 -10.32
CA THR A 245 6.67 12.83 -9.11
C THR A 245 6.56 14.31 -8.85
N LEU A 246 7.03 14.71 -7.69
CA LEU A 246 7.17 16.12 -7.37
C LEU A 246 8.63 16.40 -7.24
N LEU A 247 9.06 17.36 -8.01
CA LEU A 247 10.43 17.73 -8.01
C LEU A 247 10.59 18.88 -7.04
N ASP A 248 11.37 18.61 -6.01
CA ASP A 248 11.59 19.56 -4.96
C ASP A 248 12.33 20.73 -5.50
N MET A 249 12.15 21.86 -4.87
CA MET A 249 12.78 23.04 -5.35
C MET A 249 14.29 22.87 -5.30
N TRP A 250 14.94 23.33 -6.36
CA TRP A 250 16.36 23.30 -6.63
C TRP A 250 16.91 21.90 -6.91
N ASP A 251 16.04 20.88 -7.04
CA ASP A 251 16.56 19.56 -7.39
C ASP A 251 16.56 19.41 -8.90
N THR A 252 17.03 18.26 -9.40
CA THR A 252 17.08 17.98 -10.82
C THR A 252 16.51 16.63 -11.18
N ILE A 253 15.68 16.61 -12.22
CA ILE A 253 15.13 15.34 -12.69
C ILE A 253 15.80 14.94 -13.97
N ASN A 254 16.30 13.72 -14.01
CA ASN A 254 16.94 13.21 -15.20
C ASN A 254 16.08 12.14 -15.84
N PHE A 255 16.07 12.12 -17.17
CA PHE A 255 15.41 11.09 -17.94
C PHE A 255 16.41 10.44 -18.88
N GLU A 256 16.31 9.13 -19.03
CA GLU A 256 17.09 8.38 -19.99
C GLU A 256 16.31 7.22 -20.58
N SER A 257 16.32 7.06 -21.89
CA SER A 257 15.62 5.95 -22.51
C SER A 257 16.17 5.39 -23.80
N THR A 258 15.99 4.10 -24.00
CA THR A 258 16.36 3.44 -25.26
C THR A 258 15.13 3.09 -26.06
N GLY A 259 13.99 3.55 -25.60
CA GLY A 259 12.74 3.36 -26.27
C GLY A 259 11.60 3.36 -25.30
N ASN A 260 10.41 3.51 -25.85
CA ASN A 260 9.14 3.50 -25.14
C ASN A 260 8.93 4.65 -24.17
N LEU A 261 9.64 5.75 -24.34
CA LEU A 261 9.47 6.93 -23.49
C LEU A 261 8.54 7.99 -24.05
N ILE A 262 7.56 8.34 -23.22
CA ILE A 262 6.64 9.40 -23.47
C ILE A 262 7.13 10.50 -22.52
N ALA A 263 7.74 11.54 -23.06
CA ALA A 263 8.40 12.52 -22.25
C ALA A 263 7.48 13.68 -21.96
N PRO A 264 7.58 14.36 -20.84
CA PRO A 264 6.84 15.55 -20.61
C PRO A 264 7.42 16.65 -21.43
N GLU A 265 6.61 17.60 -21.84
CA GLU A 265 7.16 18.81 -22.37
C GLU A 265 7.10 19.86 -21.28
N TYR A 266 6.05 19.76 -20.46
CA TYR A 266 5.75 20.72 -19.41
C TYR A 266 5.66 20.11 -18.03
N GLY A 267 5.94 20.91 -17.02
CA GLY A 267 5.70 20.51 -15.63
C GLY A 267 4.71 21.49 -15.05
N PHE A 268 4.22 21.24 -13.85
CA PHE A 268 3.26 22.17 -13.28
C PHE A 268 3.73 22.72 -11.94
N LYS A 269 3.97 24.00 -11.88
CA LYS A 269 4.49 24.62 -10.68
C LYS A 269 3.34 24.92 -9.76
N ILE A 270 3.40 24.48 -8.53
CA ILE A 270 2.29 24.77 -7.63
C ILE A 270 2.31 26.26 -7.31
N SER A 271 1.17 26.97 -7.45
CA SER A 271 1.22 28.41 -7.16
C SER A 271 0.60 28.82 -5.83
N LYS A 272 -0.52 28.20 -5.43
CA LYS A 272 -1.17 28.69 -4.20
C LYS A 272 -1.18 27.81 -2.94
N ARG A 273 -1.41 26.52 -3.06
CA ARG A 273 -1.48 25.59 -1.91
C ARG A 273 -2.53 25.91 -0.85
N GLY A 274 -3.69 26.39 -1.23
CA GLY A 274 -4.72 26.67 -0.24
C GLY A 274 -5.60 25.45 0.01
N SER A 275 -6.54 25.56 0.96
CA SER A 275 -7.44 24.45 1.23
C SER A 275 -8.57 24.40 0.21
N SER A 276 -8.82 23.21 -0.31
CA SER A 276 -9.85 22.96 -1.30
C SER A 276 -10.24 21.48 -1.31
N GLY A 277 -10.81 21.01 -2.42
CA GLY A 277 -11.22 19.61 -2.59
C GLY A 277 -11.84 19.35 -3.95
N ILE A 278 -12.13 18.07 -4.22
CA ILE A 278 -12.72 17.69 -5.50
C ILE A 278 -14.14 17.19 -5.25
N MET A 279 -15.07 17.82 -5.94
CA MET A 279 -16.48 17.52 -5.83
C MET A 279 -16.95 16.73 -7.03
N LYS A 280 -17.80 15.74 -6.80
CA LYS A 280 -18.36 14.96 -7.91
C LYS A 280 -19.73 15.45 -8.27
N THR A 281 -19.84 16.03 -9.45
CA THR A 281 -21.09 16.60 -9.88
C THR A 281 -21.24 16.77 -11.36
N GLU A 282 -22.48 16.67 -11.81
CA GLU A 282 -22.83 16.82 -13.22
C GLU A 282 -23.31 18.22 -13.56
N GLY A 283 -23.27 19.12 -12.60
CA GLY A 283 -23.75 20.47 -12.82
C GLY A 283 -22.72 21.40 -13.44
N THR A 284 -23.07 22.68 -13.47
CA THR A 284 -22.24 23.72 -14.04
C THR A 284 -22.15 24.87 -13.07
N LEU A 285 -21.38 25.91 -13.40
CA LEU A 285 -21.30 27.07 -12.53
C LEU A 285 -22.45 28.02 -12.83
N GLU A 286 -23.19 28.40 -11.78
CA GLU A 286 -24.40 29.22 -11.87
C GLU A 286 -24.29 30.72 -11.57
N ASN A 287 -23.09 31.27 -11.48
CA ASN A 287 -22.93 32.71 -11.20
C ASN A 287 -23.59 33.23 -9.90
N CYS A 288 -23.20 32.63 -8.77
CA CYS A 288 -23.65 32.88 -7.39
C CYS A 288 -22.45 32.69 -6.46
N GLU A 289 -22.57 33.09 -5.19
CA GLU A 289 -21.45 32.94 -4.24
C GLU A 289 -21.82 32.28 -2.92
N THR A 290 -20.90 31.48 -2.40
CA THR A 290 -21.09 30.86 -1.10
C THR A 290 -19.85 30.81 -0.21
N LYS A 291 -20.07 30.27 0.98
CA LYS A 291 -19.07 29.98 2.03
C LYS A 291 -18.93 28.45 2.36
N CYS A 292 -19.94 27.65 1.90
CA CYS A 292 -20.17 26.22 2.10
C CYS A 292 -20.91 25.70 0.86
N GLN A 293 -20.36 24.67 0.22
CA GLN A 293 -20.97 24.14 -1.00
C GLN A 293 -21.16 22.63 -0.95
N THR A 294 -22.38 22.15 -1.21
CA THR A 294 -22.59 20.71 -1.23
C THR A 294 -22.77 20.40 -2.71
N PRO A 295 -22.72 19.15 -3.17
CA PRO A 295 -22.99 18.75 -4.53
C PRO A 295 -24.39 19.09 -5.01
N LEU A 296 -25.32 19.35 -4.07
CA LEU A 296 -26.70 19.63 -4.42
C LEU A 296 -27.00 21.11 -4.49
N GLY A 297 -26.08 21.94 -4.03
CA GLY A 297 -26.35 23.37 -3.93
C GLY A 297 -25.61 24.01 -2.77
N ALA A 298 -25.59 25.32 -2.72
CA ALA A 298 -24.86 26.01 -1.67
C ALA A 298 -25.70 26.21 -0.41
N ILE A 299 -25.02 26.21 0.74
CA ILE A 299 -25.67 26.44 2.03
C ILE A 299 -25.27 27.77 2.67
N ASN A 300 -26.28 28.60 2.98
CA ASN A 300 -26.13 29.91 3.64
C ASN A 300 -26.90 29.88 4.97
N THR A 301 -26.18 29.59 6.09
CA THR A 301 -26.79 29.38 7.42
C THR A 301 -25.84 29.64 8.55
N THR A 302 -26.41 29.92 9.71
CA THR A 302 -25.66 30.11 10.95
C THR A 302 -25.96 29.01 11.97
N LEU A 303 -26.72 28.01 11.57
CA LEU A 303 -27.13 26.97 12.49
C LEU A 303 -26.01 25.93 12.65
N PRO A 304 -25.88 25.25 13.82
CA PRO A 304 -24.87 24.24 14.13
C PRO A 304 -24.96 22.91 13.40
N PHE A 305 -26.15 22.55 12.87
CA PHE A 305 -26.28 21.28 12.20
C PHE A 305 -26.98 21.48 10.87
N HIS A 306 -26.77 20.57 9.92
CA HIS A 306 -27.51 20.57 8.67
C HIS A 306 -27.76 19.13 8.25
N ASN A 307 -28.73 18.92 7.39
CA ASN A 307 -28.96 17.58 6.87
C ASN A 307 -29.04 17.56 5.34
N VAL A 308 -28.24 18.38 4.65
CA VAL A 308 -28.35 18.45 3.21
C VAL A 308 -27.56 17.35 2.46
N HIS A 309 -26.27 17.21 2.75
CA HIS A 309 -25.47 16.19 2.09
C HIS A 309 -24.16 16.02 2.86
N PRO A 310 -23.67 14.80 3.12
CA PRO A 310 -22.42 14.60 3.82
C PRO A 310 -21.14 14.99 3.10
N LEU A 311 -21.11 15.06 1.76
CA LEU A 311 -19.84 15.36 1.10
C LEU A 311 -19.73 16.81 0.78
N THR A 312 -19.68 17.60 1.81
CA THR A 312 -19.69 19.03 1.67
C THR A 312 -18.31 19.67 1.80
N ILE A 313 -17.96 20.62 0.90
CA ILE A 313 -16.67 21.32 0.94
C ILE A 313 -16.83 22.75 1.44
N GLY A 314 -16.11 23.11 2.49
CA GLY A 314 -16.20 24.46 3.03
C GLY A 314 -16.23 24.47 4.55
N GLU A 315 -16.58 25.63 5.12
CA GLU A 315 -16.68 25.77 6.58
C GLU A 315 -18.16 25.60 6.88
N CYS A 316 -18.57 24.37 7.25
CA CYS A 316 -19.96 23.93 7.29
C CYS A 316 -20.42 23.39 8.67
N PRO A 317 -21.75 23.39 8.95
CA PRO A 317 -22.40 22.84 10.12
C PRO A 317 -22.17 21.33 10.16
N LYS A 318 -22.37 20.69 11.30
CA LYS A 318 -22.19 19.25 11.30
C LYS A 318 -23.32 18.61 10.53
N TYR A 319 -23.01 17.57 9.77
CA TYR A 319 -24.04 16.85 9.08
C TYR A 319 -24.60 15.82 10.03
N VAL A 320 -25.91 15.76 10.13
CA VAL A 320 -26.59 14.77 10.95
C VAL A 320 -27.67 14.06 10.16
N LYS A 321 -28.07 12.90 10.66
CA LYS A 321 -29.11 12.10 10.05
C LYS A 321 -30.52 12.46 10.52
N SER A 322 -30.62 13.42 11.42
CA SER A 322 -31.90 13.83 11.97
C SER A 322 -32.70 14.62 10.96
N GLU A 323 -34.01 14.74 11.19
CA GLU A 323 -34.90 15.50 10.31
C GLU A 323 -35.21 16.86 10.87
N LYS A 324 -35.21 16.98 12.18
CA LYS A 324 -35.51 18.23 12.85
C LYS A 324 -34.80 18.25 14.16
N LEU A 325 -34.34 19.42 14.56
CA LEU A 325 -33.75 19.65 15.86
C LEU A 325 -34.31 20.95 16.35
N VAL A 326 -35.32 20.91 17.17
CA VAL A 326 -35.93 22.18 17.55
C VAL A 326 -35.90 22.37 19.04
N LEU A 327 -35.34 23.48 19.46
CA LEU A 327 -35.25 23.82 20.85
C LEU A 327 -36.44 24.66 21.25
N ALA A 328 -37.00 24.38 22.39
CA ALA A 328 -38.05 25.24 22.90
C ALA A 328 -37.33 26.43 23.44
N THR A 329 -37.91 27.61 23.30
CA THR A 329 -37.29 28.73 23.93
C THR A 329 -38.37 29.26 24.82
N GLY A 330 -39.59 28.98 24.39
CA GLY A 330 -40.77 29.50 25.04
C GLY A 330 -41.41 28.56 26.05
N LEU A 331 -42.63 28.89 26.39
CA LEU A 331 -43.41 28.25 27.42
C LEU A 331 -44.34 27.26 26.81
N ARG A 332 -44.90 26.34 27.60
CA ARG A 332 -45.86 25.49 26.91
C ARG A 332 -46.96 26.41 26.48
N ASN A 333 -47.38 26.28 25.25
CA ASN A 333 -48.40 27.18 24.80
C ASN A 333 -49.70 26.57 25.15
N VAL A 334 -50.24 27.03 26.26
CA VAL A 334 -51.50 26.49 26.71
C VAL A 334 -52.52 27.61 26.82
N PRO A 335 -53.10 28.09 25.70
CA PRO A 335 -54.12 29.10 25.64
C PRO A 335 -55.42 28.40 25.94
N ILE A 346 -58.58 36.42 35.10
CA ILE A 346 -59.32 36.28 36.38
C ILE A 346 -58.76 35.07 37.10
N ALA A 347 -58.02 34.23 36.39
CA ALA A 347 -57.38 33.05 37.00
C ALA A 347 -55.89 33.06 36.67
N GLY A 348 -55.08 32.59 37.59
CA GLY A 348 -53.62 32.58 37.49
C GLY A 348 -53.14 31.36 36.80
N PHE A 349 -51.87 31.03 36.96
CA PHE A 349 -51.18 29.98 36.22
C PHE A 349 -51.79 28.61 36.43
N ILE A 350 -52.50 28.35 37.50
CA ILE A 350 -52.93 26.94 37.69
C ILE A 350 -53.77 26.59 36.46
N GLU A 351 -54.65 27.45 35.98
CA GLU A 351 -55.33 27.32 34.66
C GLU A 351 -54.43 27.42 33.40
N GLY A 352 -53.47 28.35 33.32
CA GLY A 352 -52.58 28.59 32.16
C GLY A 352 -53.30 29.33 31.09
N GLY A 353 -52.69 30.18 30.24
CA GLY A 353 -53.42 30.81 29.14
C GLY A 353 -53.58 32.33 29.04
N TRP A 354 -52.71 33.14 29.62
CA TRP A 354 -52.98 34.57 29.53
C TRP A 354 -52.59 35.16 28.19
N GLN A 355 -53.46 34.99 27.21
CA GLN A 355 -53.21 35.47 25.85
C GLN A 355 -53.28 36.98 25.81
N GLY A 356 -53.91 37.58 26.81
CA GLY A 356 -54.05 39.01 26.92
C GLY A 356 -52.78 39.68 27.46
N MET A 357 -51.80 38.90 27.92
CA MET A 357 -50.59 39.51 28.43
C MET A 357 -49.51 39.34 27.40
N VAL A 358 -49.17 40.43 26.72
CA VAL A 358 -48.21 40.37 25.62
C VAL A 358 -46.97 41.21 25.87
N ASP A 359 -46.78 41.53 27.13
CA ASP A 359 -45.69 42.33 27.66
C ASP A 359 -44.42 41.54 28.01
N GLY A 360 -44.58 40.24 28.24
CA GLY A 360 -43.49 39.39 28.69
C GLY A 360 -44.00 37.99 28.91
N TRP A 361 -43.15 37.13 29.44
CA TRP A 361 -43.49 35.75 29.68
C TRP A 361 -44.24 35.52 30.98
N TYR A 362 -43.81 36.18 32.04
CA TYR A 362 -44.44 35.92 33.32
C TYR A 362 -44.97 37.25 33.78
N GLY A 363 -46.04 37.25 34.53
CA GLY A 363 -46.54 38.54 34.97
C GLY A 363 -47.75 38.51 35.85
N TYR A 364 -48.41 39.65 35.90
CA TYR A 364 -49.53 39.91 36.75
C TYR A 364 -50.79 40.35 36.04
N HIS A 365 -51.90 40.05 36.66
CA HIS A 365 -53.19 40.54 36.23
C HIS A 365 -53.86 41.10 37.44
N HIS A 366 -54.51 42.23 37.31
CA HIS A 366 -55.14 42.74 38.49
C HIS A 366 -56.49 43.34 38.25
N SER A 367 -57.24 43.43 39.33
CA SER A 367 -58.52 44.10 39.36
C SER A 367 -58.71 44.82 40.70
N ASN A 368 -59.01 46.12 40.62
CA ASN A 368 -59.24 46.92 41.81
C ASN A 368 -60.23 48.04 41.45
N ASP A 369 -60.49 48.95 42.39
CA ASP A 369 -61.48 50.02 42.20
C ASP A 369 -61.20 50.92 41.01
N GLN A 370 -59.93 51.05 40.65
CA GLN A 370 -59.49 51.95 39.59
C GLN A 370 -59.41 51.31 38.21
N GLY A 371 -59.64 50.01 38.10
CA GLY A 371 -59.50 49.36 36.79
C GLY A 371 -58.92 47.96 36.85
N SER A 372 -58.55 47.45 35.69
CA SER A 372 -58.00 46.11 35.58
C SER A 372 -57.09 45.99 34.38
N GLY A 373 -56.30 44.94 34.34
CA GLY A 373 -55.43 44.72 33.19
C GLY A 373 -54.24 43.82 33.47
N TYR A 374 -53.39 43.68 32.46
CA TYR A 374 -52.22 42.82 32.55
C TYR A 374 -50.94 43.62 32.49
N ALA A 375 -49.90 43.09 33.12
CA ALA A 375 -48.56 43.66 33.03
C ALA A 375 -47.54 42.57 33.22
N ALA A 376 -46.41 42.65 32.53
CA ALA A 376 -45.38 41.65 32.75
C ALA A 376 -44.55 41.96 33.95
N ASP A 377 -43.99 40.91 34.53
CA ASP A 377 -43.01 41.09 35.58
C ASP A 377 -41.71 41.14 34.82
N LYS A 378 -41.18 42.35 34.65
CA LYS A 378 -40.04 42.53 33.78
C LYS A 378 -38.78 41.93 34.37
N GLU A 379 -38.63 41.96 35.68
CA GLU A 379 -37.41 41.40 36.25
C GLU A 379 -37.34 39.90 35.99
N SER A 380 -38.46 39.22 36.25
CA SER A 380 -38.52 37.78 36.09
C SER A 380 -38.37 37.37 34.64
N THR A 381 -39.06 38.08 33.75
CA THR A 381 -38.98 37.75 32.35
C THR A 381 -37.61 38.00 31.81
N GLN A 382 -36.96 39.11 32.16
CA GLN A 382 -35.67 39.36 31.59
C GLN A 382 -34.65 38.35 32.06
N LYS A 383 -34.73 37.92 33.32
CA LYS A 383 -33.74 36.93 33.75
C LYS A 383 -33.95 35.62 33.03
N ALA A 384 -35.21 35.21 32.87
CA ALA A 384 -35.48 33.97 32.18
C ALA A 384 -35.05 34.05 30.74
N PHE A 385 -35.27 35.20 30.13
CA PHE A 385 -34.93 35.44 28.75
C PHE A 385 -33.44 35.32 28.55
N ASP A 386 -32.66 35.97 29.42
CA ASP A 386 -31.22 35.93 29.29
C ASP A 386 -30.72 34.52 29.44
N GLY A 387 -31.34 33.75 30.34
CA GLY A 387 -30.99 32.37 30.58
C GLY A 387 -31.21 31.55 29.32
N ILE A 388 -32.37 31.68 28.70
CA ILE A 388 -32.66 30.93 27.49
C ILE A 388 -31.73 31.35 26.38
N THR A 389 -31.43 32.63 26.25
CA THR A 389 -30.52 33.08 25.22
C THR A 389 -29.15 32.44 25.40
N ASN A 390 -28.64 32.41 26.64
CA ASN A 390 -27.34 31.81 26.91
C ASN A 390 -27.36 30.32 26.65
N LYS A 391 -28.50 29.69 26.89
CA LYS A 391 -28.67 28.27 26.67
C LYS A 391 -28.57 27.90 25.21
N VAL A 392 -29.25 28.68 24.39
CA VAL A 392 -29.24 28.46 22.96
C VAL A 392 -27.84 28.69 22.43
N ASN A 393 -27.19 29.76 22.90
CA ASN A 393 -25.85 30.04 22.45
C ASN A 393 -24.88 28.98 22.92
N SER A 394 -25.07 28.37 24.09
CA SER A 394 -24.14 27.33 24.50
C SER A 394 -24.18 26.16 23.53
N VAL A 395 -25.39 25.78 23.13
CA VAL A 395 -25.57 24.68 22.21
C VAL A 395 -24.93 24.94 20.86
N ILE A 396 -25.08 26.16 20.35
CA ILE A 396 -24.55 26.53 19.04
C ILE A 396 -23.06 26.92 19.03
N GLU A 397 -22.65 27.78 19.94
CA GLU A 397 -21.30 28.31 20.00
C GLU A 397 -20.25 27.29 20.39
N LYS A 398 -20.63 26.23 21.10
CA LYS A 398 -19.64 25.23 21.46
C LYS A 398 -19.36 24.25 20.33
N MET A 399 -20.07 24.37 19.20
CA MET A 399 -19.82 23.44 18.12
C MET A 399 -18.63 23.93 17.30
N ASN A 400 -17.67 23.04 17.02
CA ASN A 400 -16.48 23.40 16.27
C ASN A 400 -16.58 23.30 14.74
N THR A 401 -16.56 24.46 14.07
CA THR A 401 -16.67 24.51 12.62
C THR A 401 -15.30 24.80 12.00
N GLN A 402 -14.86 23.91 11.11
CA GLN A 402 -13.56 23.96 10.44
C GLN A 402 -13.73 23.74 8.96
N PHE A 403 -12.80 24.22 8.15
CA PHE A 403 -12.84 23.91 6.72
C PHE A 403 -12.56 22.44 6.55
N GLU A 404 -13.36 21.78 5.74
CA GLU A 404 -13.16 20.35 5.44
C GLU A 404 -13.55 20.05 3.99
N ALA A 405 -12.95 18.99 3.41
CA ALA A 405 -13.29 18.56 2.05
C ALA A 405 -14.06 17.24 2.03
N VAL A 406 -13.86 16.44 3.08
CA VAL A 406 -14.50 15.14 3.33
C VAL A 406 -14.15 13.99 2.37
N GLY A 407 -14.40 14.19 1.09
CA GLY A 407 -14.23 13.12 0.10
C GLY A 407 -12.80 12.64 -0.12
N LYS A 408 -12.70 11.34 -0.41
CA LYS A 408 -11.47 10.60 -0.68
C LYS A 408 -11.66 9.71 -1.89
N GLU A 409 -10.57 9.40 -2.56
CA GLU A 409 -10.61 8.47 -3.69
C GLU A 409 -9.77 7.26 -3.37
N PHE A 410 -10.25 6.08 -3.76
CA PHE A 410 -9.53 4.83 -3.55
C PHE A 410 -9.53 3.99 -4.81
N SER A 411 -8.51 3.17 -4.98
CA SER A 411 -8.41 2.28 -6.14
C SER A 411 -9.19 1.02 -5.86
N ASN A 412 -9.32 0.16 -6.85
CA ASN A 412 -10.07 -1.08 -6.68
C ASN A 412 -9.31 -2.14 -5.88
N LEU A 413 -8.07 -1.84 -5.53
CA LEU A 413 -7.25 -2.74 -4.74
C LEU A 413 -7.06 -2.19 -3.34
N GLU A 414 -7.86 -1.20 -2.99
CA GLU A 414 -7.84 -0.57 -1.69
C GLU A 414 -9.20 -0.65 -1.04
N ARG A 415 -9.90 -1.76 -1.18
CA ARG A 415 -11.24 -1.89 -0.66
C ARG A 415 -11.26 -1.86 0.85
N ARG A 416 -10.22 -2.37 1.51
CA ARG A 416 -10.27 -2.36 2.96
C ARG A 416 -10.03 -0.96 3.48
N LEU A 417 -9.26 -0.15 2.74
CA LEU A 417 -8.96 1.20 3.16
C LEU A 417 -10.17 2.08 2.92
N GLU A 418 -10.87 1.85 1.81
CA GLU A 418 -12.08 2.61 1.55
C GLU A 418 -13.10 2.30 2.60
N ASN A 419 -13.20 1.02 3.01
CA ASN A 419 -14.14 0.63 4.02
C ASN A 419 -13.75 1.21 5.37
N LEU A 420 -12.46 1.32 5.66
CA LEU A 420 -12.00 1.91 6.90
C LEU A 420 -12.41 3.37 6.94
N ASN A 421 -12.25 4.08 5.83
CA ASN A 421 -12.62 5.47 5.71
C ASN A 421 -14.12 5.63 5.89
N LYS A 422 -14.91 4.79 5.24
CA LYS A 422 -16.35 4.87 5.35
C LYS A 422 -16.79 4.64 6.77
N LYS A 423 -16.23 3.63 7.42
CA LYS A 423 -16.64 3.34 8.77
C LYS A 423 -16.30 4.46 9.71
N MET A 424 -15.13 5.06 9.56
CA MET A 424 -14.75 6.15 10.41
C MET A 424 -15.74 7.30 10.26
N GLU A 425 -16.11 7.63 9.02
CA GLU A 425 -17.05 8.72 8.77
C GLU A 425 -18.48 8.39 9.28
N ASP A 426 -18.92 7.13 9.12
CA ASP A 426 -20.25 6.75 9.57
C ASP A 426 -20.29 6.75 11.08
N GLY A 427 -19.20 6.34 11.69
CA GLY A 427 -19.09 6.30 13.12
C GLY A 427 -19.25 7.68 13.71
N PHE A 428 -18.56 8.67 13.15
CA PHE A 428 -18.68 9.99 13.71
C PHE A 428 -20.05 10.56 13.45
N LEU A 429 -20.66 10.22 12.32
CA LEU A 429 -21.99 10.70 12.05
C LEU A 429 -22.99 10.16 13.06
N ASP A 430 -22.90 8.87 13.41
CA ASP A 430 -23.83 8.34 14.41
C ASP A 430 -23.61 8.99 15.77
N VAL A 431 -22.36 9.29 16.11
CA VAL A 431 -22.08 9.94 17.38
C VAL A 431 -22.67 11.33 17.42
N TRP A 432 -22.48 12.12 16.37
CA TRP A 432 -23.00 13.47 16.38
C TRP A 432 -24.50 13.52 16.24
N THR A 433 -25.10 12.57 15.52
CA THR A 433 -26.54 12.57 15.40
C THR A 433 -27.16 12.22 16.73
N TYR A 434 -26.63 11.21 17.42
CA TYR A 434 -27.17 10.78 18.69
C TYR A 434 -27.05 11.91 19.69
N ASN A 435 -25.89 12.57 19.73
CA ASN A 435 -25.71 13.65 20.67
C ASN A 435 -26.65 14.80 20.35
N ALA A 436 -26.86 15.12 19.07
CA ALA A 436 -27.75 16.21 18.72
C ALA A 436 -29.17 15.91 19.17
N GLU A 437 -29.60 14.66 18.99
CA GLU A 437 -30.96 14.28 19.35
C GLU A 437 -31.18 14.34 20.84
N LEU A 438 -30.22 13.86 21.64
CA LEU A 438 -30.45 13.89 23.07
C LEU A 438 -30.18 15.24 23.65
N LEU A 439 -29.31 16.03 23.07
CA LEU A 439 -29.10 17.32 23.64
C LEU A 439 -30.37 18.11 23.46
N VAL A 440 -31.00 18.02 22.30
CA VAL A 440 -32.22 18.76 22.12
C VAL A 440 -33.31 18.27 23.05
N LEU A 441 -33.49 16.96 23.18
CA LEU A 441 -34.56 16.51 24.06
C LEU A 441 -34.30 16.84 25.52
N MET A 442 -33.07 16.71 25.98
CA MET A 442 -32.77 16.99 27.38
C MET A 442 -32.89 18.47 27.65
N GLU A 443 -32.48 19.30 26.71
CA GLU A 443 -32.57 20.71 26.93
C GLU A 443 -34.02 21.15 26.91
N ASN A 444 -34.86 20.55 26.06
CA ASN A 444 -36.26 20.96 26.03
C ASN A 444 -36.99 20.54 27.29
N GLU A 445 -36.62 19.40 27.88
CA GLU A 445 -37.24 19.00 29.12
C GLU A 445 -36.95 20.05 30.16
N ARG A 446 -35.69 20.48 30.22
CA ARG A 446 -35.31 21.47 31.20
C ARG A 446 -35.90 22.85 30.92
N THR A 447 -36.03 23.27 29.65
CA THR A 447 -36.62 24.58 29.35
C THR A 447 -38.02 24.64 29.87
N LEU A 448 -38.79 23.61 29.65
CA LEU A 448 -40.15 23.71 30.10
C LEU A 448 -40.24 23.65 31.63
N ASP A 449 -39.37 22.86 32.30
CA ASP A 449 -39.41 22.86 33.76
C ASP A 449 -38.98 24.21 34.32
N PHE A 450 -38.03 24.85 33.65
CA PHE A 450 -37.49 26.15 34.00
C PHE A 450 -38.59 27.17 34.01
N HIS A 451 -39.40 27.19 32.96
CA HIS A 451 -40.47 28.15 32.91
C HIS A 451 -41.53 27.89 33.98
N ASP A 452 -41.84 26.63 34.27
CA ASP A 452 -42.84 26.36 35.29
C ASP A 452 -42.32 26.78 36.65
N SER A 453 -41.03 26.57 36.88
CA SER A 453 -40.41 26.95 38.12
C SER A 453 -40.45 28.46 38.30
N ASN A 454 -40.16 29.21 37.24
CA ASN A 454 -40.15 30.65 37.34
C ASN A 454 -41.51 31.25 37.63
N VAL A 455 -42.59 30.72 37.08
CA VAL A 455 -43.87 31.31 37.41
C VAL A 455 -44.26 30.94 38.85
N LYS A 456 -43.92 29.73 39.29
CA LYS A 456 -44.18 29.37 40.67
C LYS A 456 -43.34 30.23 41.61
N ASN A 457 -42.12 30.56 41.22
CA ASN A 457 -41.30 31.39 42.07
C ASN A 457 -41.93 32.76 42.25
N LEU A 458 -42.60 33.33 41.23
CA LEU A 458 -43.27 34.59 41.48
C LEU A 458 -44.39 34.38 42.46
N TYR A 459 -45.10 33.28 42.32
CA TYR A 459 -46.21 33.06 43.21
C TYR A 459 -45.78 33.06 44.66
N ASP A 460 -44.67 32.41 44.98
CA ASP A 460 -44.21 32.41 46.37
C ASP A 460 -43.49 33.70 46.73
N LYS A 461 -42.80 34.33 45.79
CA LYS A 461 -42.14 35.60 46.09
C LYS A 461 -43.18 36.60 46.57
N VAL A 462 -44.31 36.60 45.90
CA VAL A 462 -45.41 37.48 46.24
C VAL A 462 -46.14 37.00 47.49
N ARG A 463 -46.44 35.71 47.59
CA ARG A 463 -47.13 35.20 48.77
C ARG A 463 -46.40 35.57 50.05
N MET A 464 -45.07 35.49 50.02
CA MET A 464 -44.24 35.78 51.19
C MET A 464 -44.14 37.24 51.56
N GLN A 465 -44.58 38.18 50.70
CA GLN A 465 -44.53 39.57 51.14
C GLN A 465 -45.93 39.95 51.59
N LEU A 466 -46.94 39.30 51.01
CA LEU A 466 -48.32 39.61 51.32
C LEU A 466 -48.72 38.98 52.65
N ARG A 467 -48.09 37.85 52.95
CA ARG A 467 -48.26 37.13 54.18
C ARG A 467 -49.72 36.94 54.57
N ASP A 468 -50.13 37.50 55.70
CA ASP A 468 -51.47 37.30 56.23
C ASP A 468 -52.48 38.34 55.80
N ASN A 469 -52.12 39.26 54.90
CA ASN A 469 -53.07 40.28 54.52
C ASN A 469 -53.92 39.88 53.31
N VAL A 470 -53.70 38.67 52.82
CA VAL A 470 -54.44 38.16 51.68
C VAL A 470 -54.96 36.75 51.87
N LYS A 471 -55.94 36.39 51.06
CA LYS A 471 -56.43 35.03 50.97
C LYS A 471 -55.81 34.35 49.79
N GLU A 472 -55.42 33.11 49.96
CA GLU A 472 -54.94 32.35 48.82
C GLU A 472 -56.20 31.80 48.21
N LEU A 473 -56.43 32.03 46.92
CA LEU A 473 -57.69 31.56 46.36
C LEU A 473 -57.63 30.15 45.77
N GLY A 474 -56.42 29.61 45.70
CA GLY A 474 -56.19 28.26 45.20
C GLY A 474 -56.08 28.12 43.68
N ASN A 475 -56.16 29.23 42.97
CA ASN A 475 -56.09 29.22 41.51
C ASN A 475 -54.98 30.11 40.99
N GLY A 476 -53.92 30.29 41.78
CA GLY A 476 -52.79 31.14 41.39
C GLY A 476 -52.99 32.66 41.57
N CYS A 477 -53.90 33.08 42.49
CA CYS A 477 -54.26 34.48 42.77
C CYS A 477 -54.41 34.72 44.26
N PHE A 478 -54.34 35.99 44.62
CA PHE A 478 -54.50 36.45 45.99
C PHE A 478 -55.59 37.50 46.10
N GLU A 479 -56.36 37.45 47.18
CA GLU A 479 -57.39 38.46 47.41
C GLU A 479 -57.08 39.24 48.66
N PHE A 480 -57.11 40.55 48.56
CA PHE A 480 -56.73 41.40 49.68
C PHE A 480 -57.86 41.63 50.65
N TYR A 481 -57.54 41.61 51.94
CA TYR A 481 -58.56 41.93 52.91
C TYR A 481 -58.71 43.43 53.01
N HIS A 482 -57.59 44.13 52.96
CA HIS A 482 -57.58 45.57 53.03
C HIS A 482 -57.73 46.07 51.62
N LYS A 483 -58.41 47.18 51.42
CA LYS A 483 -58.49 47.67 50.06
C LYS A 483 -57.06 47.98 49.54
N CYS A 484 -56.79 47.55 48.29
CA CYS A 484 -55.52 47.67 47.59
C CYS A 484 -55.78 48.27 46.21
N ASP A 485 -55.29 49.50 46.05
CA ASP A 485 -55.43 50.39 44.90
C ASP A 485 -54.25 50.27 43.93
N ASP A 486 -54.16 51.14 42.89
CA ASP A 486 -53.07 51.00 41.93
C ASP A 486 -51.69 51.26 42.52
N GLU A 487 -51.58 52.14 43.52
CA GLU A 487 -50.26 52.36 44.12
C GLU A 487 -49.78 51.10 44.90
N CYS A 488 -50.73 50.40 45.60
CA CYS A 488 -50.54 49.12 46.29
C CYS A 488 -50.16 48.07 45.24
N MET A 489 -50.96 48.02 44.18
CA MET A 489 -50.65 47.09 43.07
C MET A 489 -49.20 47.33 42.62
N ASN A 490 -48.80 48.60 42.41
CA ASN A 490 -47.44 48.77 41.90
C ASN A 490 -46.44 48.14 42.88
N SER A 491 -46.65 48.35 44.21
CA SER A 491 -45.77 47.89 45.28
C SER A 491 -45.68 46.35 45.34
N VAL A 492 -46.82 45.69 45.22
CA VAL A 492 -46.92 44.23 45.25
C VAL A 492 -46.21 43.62 44.05
N LYS A 493 -46.35 44.27 42.91
CA LYS A 493 -45.78 43.85 41.64
C LYS A 493 -44.26 44.06 41.59
N ASN A 494 -43.71 44.69 42.63
CA ASN A 494 -42.31 44.97 42.79
C ASN A 494 -41.97 44.36 44.15
N GLY A 495 -40.76 44.43 44.61
CA GLY A 495 -40.47 43.88 45.93
C GLY A 495 -40.63 44.90 47.02
N THR A 496 -41.72 45.68 47.02
CA THR A 496 -41.84 46.74 47.99
C THR A 496 -43.10 46.71 48.84
N TYR A 497 -43.87 45.61 48.87
CA TYR A 497 -45.10 45.68 49.64
C TYR A 497 -44.83 45.94 51.10
N ASP A 498 -45.54 46.91 51.65
CA ASP A 498 -45.41 47.26 53.04
C ASP A 498 -46.42 46.50 53.87
N TYR A 499 -45.99 45.42 54.49
CA TYR A 499 -46.89 44.59 55.26
C TYR A 499 -47.56 45.35 56.42
N PRO A 500 -46.81 46.06 57.32
CA PRO A 500 -47.32 46.78 58.49
C PRO A 500 -48.46 47.77 58.22
N LYS A 501 -48.52 48.37 57.03
CA LYS A 501 -49.60 49.32 56.76
C LYS A 501 -50.96 48.71 56.45
N TYR A 502 -51.03 47.40 56.29
CA TYR A 502 -52.31 46.78 55.94
C TYR A 502 -52.69 45.74 56.97
N GLU A 503 -53.99 45.48 57.13
CA GLU A 503 -54.44 44.50 58.10
C GLU A 503 -55.70 43.74 57.70
N GLU A 504 -55.88 42.56 58.29
CA GLU A 504 -57.09 41.79 58.10
C GLU A 504 -58.28 42.44 58.79
N GLU A 505 -59.42 42.47 58.11
CA GLU A 505 -60.67 43.05 58.62
C GLU A 505 -61.34 42.31 59.81
N SER A 506 -61.22 40.96 59.86
CA SER A 506 -61.82 40.08 60.89
C SER A 506 -60.81 38.97 61.24
N ASP B 16 -62.64 12.41 58.03
CA ASP B 16 -61.76 12.93 59.07
C ASP B 16 -60.36 13.25 58.54
N GLN B 17 -59.62 12.25 57.98
CA GLN B 17 -58.24 12.43 57.49
C GLN B 17 -57.97 11.86 56.11
N ILE B 18 -57.28 12.65 55.29
CA ILE B 18 -56.84 12.15 53.99
C ILE B 18 -55.33 12.40 53.90
N CYS B 19 -54.55 11.39 53.44
CA CYS B 19 -53.10 11.42 53.26
C CYS B 19 -52.72 11.25 51.82
N ILE B 20 -51.60 11.86 51.46
CA ILE B 20 -51.00 11.71 50.14
C ILE B 20 -49.67 11.02 50.30
N GLY B 21 -49.47 9.98 49.53
CA GLY B 21 -48.26 9.18 49.64
C GLY B 21 -47.95 8.43 48.37
N TYR B 22 -47.04 7.49 48.49
CA TYR B 22 -46.58 6.74 47.35
C TYR B 22 -46.21 5.30 47.66
N HIS B 23 -46.23 4.53 46.59
CA HIS B 23 -45.95 3.11 46.47
C HIS B 23 -44.60 2.65 46.94
N ALA B 24 -44.61 1.49 47.58
CA ALA B 24 -43.40 0.82 48.03
C ALA B 24 -43.67 -0.65 47.88
N ASN B 25 -42.62 -1.43 47.74
CA ASN B 25 -42.80 -2.85 47.56
C ASN B 25 -41.59 -3.58 48.17
N ASN B 26 -41.41 -4.88 47.84
CA ASN B 26 -40.35 -5.76 48.32
C ASN B 26 -39.17 -5.91 47.33
N SER B 27 -39.08 -5.02 46.28
CA SER B 27 -38.02 -5.04 45.26
C SER B 27 -36.66 -4.66 45.79
N THR B 28 -35.65 -5.34 45.26
CA THR B 28 -34.26 -5.13 45.57
C THR B 28 -33.48 -4.67 44.35
N GLU B 29 -34.18 -4.17 43.33
CA GLU B 29 -33.49 -3.68 42.15
C GLU B 29 -32.71 -2.45 42.56
N LYS B 30 -31.47 -2.31 42.11
CA LYS B 30 -30.75 -1.11 42.48
C LYS B 30 -30.19 -0.37 41.30
N VAL B 31 -30.14 0.95 41.42
CA VAL B 31 -29.59 1.79 40.39
C VAL B 31 -28.58 2.77 40.94
N ASP B 32 -27.75 3.29 40.06
CA ASP B 32 -26.86 4.37 40.44
C ASP B 32 -27.35 5.65 39.82
N THR B 33 -27.02 6.77 40.43
CA THR B 33 -27.37 8.07 39.91
C THR B 33 -26.10 8.89 39.99
N ILE B 34 -26.12 10.11 39.52
CA ILE B 34 -24.92 10.91 39.63
C ILE B 34 -24.54 11.15 41.09
N LEU B 35 -25.52 11.48 41.91
CA LEU B 35 -25.32 11.81 43.32
C LEU B 35 -25.33 10.63 44.30
N GLU B 36 -26.02 9.55 43.96
CA GLU B 36 -26.19 8.41 44.84
C GLU B 36 -25.69 7.09 44.25
N ARG B 37 -25.40 6.13 45.12
CA ARG B 37 -25.00 4.81 44.64
C ARG B 37 -25.85 3.77 45.35
N ASN B 38 -26.18 2.64 44.65
CA ASN B 38 -26.94 1.50 45.16
C ASN B 38 -28.32 1.89 45.77
N VAL B 39 -29.11 2.67 45.01
CA VAL B 39 -30.43 3.15 45.40
C VAL B 39 -31.44 2.08 45.07
N THR B 40 -32.21 1.64 46.04
CA THR B 40 -33.17 0.60 45.76
C THR B 40 -34.39 1.26 45.16
N VAL B 41 -34.91 0.69 44.08
CA VAL B 41 -36.08 1.23 43.41
C VAL B 41 -37.18 0.21 43.29
N THR B 42 -38.41 0.68 43.12
CA THR B 42 -39.55 -0.22 43.02
C THR B 42 -39.59 -0.97 41.72
N HIS B 43 -39.08 -0.34 40.66
CA HIS B 43 -39.05 -0.91 39.32
C HIS B 43 -37.79 -0.44 38.60
N ALA B 44 -37.22 -1.29 37.75
CA ALA B 44 -36.06 -0.91 36.97
C ALA B 44 -35.99 -1.69 35.67
N LYS B 45 -35.29 -1.15 34.68
CA LYS B 45 -35.10 -1.83 33.42
C LYS B 45 -33.64 -1.93 33.04
N ASP B 46 -33.19 -3.14 32.77
CA ASP B 46 -31.82 -3.40 32.36
C ASP B 46 -31.74 -3.26 30.85
N ILE B 47 -30.92 -2.32 30.37
CA ILE B 47 -30.85 -2.05 28.94
C ILE B 47 -29.57 -2.58 28.29
N LEU B 48 -28.82 -3.41 29.02
CA LEU B 48 -27.61 -4.03 28.51
C LEU B 48 -27.79 -5.54 28.39
N GLU B 49 -27.60 -6.07 27.19
CA GLU B 49 -27.71 -7.50 26.97
C GLU B 49 -26.42 -8.20 27.36
N LYS B 50 -26.55 -9.21 28.20
CA LYS B 50 -25.40 -9.90 28.73
C LYS B 50 -25.26 -11.34 28.29
N THR B 51 -26.32 -11.93 27.77
CA THR B 51 -26.25 -13.34 27.43
C THR B 51 -26.33 -13.63 25.95
N HIS B 52 -25.99 -14.86 25.64
CA HIS B 52 -26.01 -15.42 24.30
C HIS B 52 -26.27 -16.90 24.47
N ASN B 53 -26.62 -17.60 23.41
CA ASN B 53 -26.91 -19.01 23.59
C ASN B 53 -25.76 -20.01 23.47
N GLY B 54 -24.53 -19.57 23.28
CA GLY B 54 -23.40 -20.50 23.19
C GLY B 54 -23.28 -21.25 21.86
N LYS B 55 -24.12 -20.94 20.88
CA LYS B 55 -24.14 -21.67 19.63
C LYS B 55 -23.87 -20.84 18.39
N LEU B 56 -23.35 -21.49 17.37
CA LEU B 56 -23.22 -20.84 16.07
C LEU B 56 -24.45 -21.26 15.26
N CYS B 57 -25.30 -20.26 14.93
CA CYS B 57 -26.61 -20.39 14.31
C CYS B 57 -26.63 -19.97 12.85
N LYS B 58 -27.69 -20.37 12.16
CA LYS B 58 -27.93 -19.95 10.81
C LYS B 58 -28.28 -18.48 10.95
N LEU B 59 -27.86 -17.65 10.03
CA LEU B 59 -28.16 -16.23 10.14
C LEU B 59 -29.23 -15.90 9.15
N ASN B 60 -30.36 -15.42 9.65
CA ASN B 60 -31.54 -15.12 8.84
C ASN B 60 -32.02 -16.35 8.09
N GLY B 61 -31.88 -17.53 8.71
CA GLY B 61 -32.31 -18.80 8.16
C GLY B 61 -31.32 -19.49 7.22
N ILE B 62 -30.20 -18.84 6.91
CA ILE B 62 -29.23 -19.41 5.99
C ILE B 62 -27.96 -19.88 6.72
N PRO B 63 -27.53 -21.14 6.59
CA PRO B 63 -26.36 -21.67 7.23
C PRO B 63 -25.10 -20.91 6.80
N PRO B 64 -24.06 -20.90 7.61
CA PRO B 64 -22.75 -20.38 7.33
C PRO B 64 -21.99 -21.32 6.44
N LEU B 65 -20.89 -20.85 5.87
CA LEU B 65 -19.99 -21.72 5.17
C LEU B 65 -18.99 -22.19 6.18
N GLU B 66 -19.03 -23.47 6.48
CA GLU B 66 -18.13 -23.97 7.48
C GLU B 66 -16.95 -24.57 6.76
N LEU B 67 -15.79 -23.94 6.90
CA LEU B 67 -14.61 -24.39 6.17
C LEU B 67 -13.89 -25.50 6.90
N GLY B 68 -14.28 -25.74 8.13
CA GLY B 68 -13.60 -26.75 8.91
C GLY B 68 -12.15 -26.34 9.07
N ASP B 69 -11.24 -27.19 8.67
CA ASP B 69 -9.82 -26.90 8.81
C ASP B 69 -9.17 -26.16 7.61
N CYS B 70 -9.96 -25.77 6.57
CA CYS B 70 -9.53 -25.10 5.34
C CYS B 70 -9.44 -23.59 5.49
N SER B 71 -8.53 -23.03 4.74
CA SER B 71 -8.41 -21.58 4.63
C SER B 71 -9.15 -21.16 3.39
N ILE B 72 -9.32 -19.86 3.19
CA ILE B 72 -9.96 -19.37 1.98
C ILE B 72 -9.12 -19.74 0.76
N ALA B 73 -7.81 -19.59 0.83
CA ALA B 73 -6.98 -19.94 -0.32
C ALA B 73 -7.08 -21.42 -0.62
N GLY B 74 -7.11 -22.26 0.41
CA GLY B 74 -7.19 -23.70 0.19
C GLY B 74 -8.48 -24.05 -0.51
N TRP B 75 -9.55 -23.42 -0.09
CA TRP B 75 -10.86 -23.62 -0.65
C TRP B 75 -10.95 -23.26 -2.11
N LEU B 76 -10.50 -22.06 -2.47
CA LEU B 76 -10.61 -21.58 -3.84
C LEU B 76 -9.64 -22.25 -4.79
N LEU B 77 -8.46 -22.64 -4.31
CA LEU B 77 -7.51 -23.30 -5.17
C LEU B 77 -7.87 -24.77 -5.34
N GLY B 78 -8.51 -25.37 -4.35
CA GLY B 78 -8.85 -26.76 -4.47
C GLY B 78 -7.90 -27.68 -3.73
N ASN B 79 -7.40 -27.26 -2.59
CA ASN B 79 -6.55 -28.12 -1.79
C ASN B 79 -7.24 -29.48 -1.71
N PRO B 80 -6.58 -30.61 -2.03
CA PRO B 80 -7.15 -31.95 -2.01
C PRO B 80 -7.80 -32.33 -0.69
N GLU B 81 -7.46 -31.66 0.39
CA GLU B 81 -8.07 -31.99 1.69
C GLU B 81 -9.41 -31.22 1.96
N CYS B 82 -9.84 -30.35 1.01
CA CYS B 82 -11.00 -29.48 1.05
C CYS B 82 -12.03 -29.97 0.03
N ASP B 83 -12.05 -31.28 -0.26
CA ASP B 83 -12.98 -31.83 -1.26
C ASP B 83 -14.44 -31.60 -0.92
N ARG B 84 -14.74 -31.51 0.35
CA ARG B 84 -16.09 -31.26 0.83
C ARG B 84 -16.59 -29.87 0.46
N LEU B 85 -15.68 -28.98 0.05
CA LEU B 85 -15.98 -27.63 -0.33
C LEU B 85 -15.98 -27.40 -1.85
N LEU B 86 -15.89 -28.48 -2.64
CA LEU B 86 -15.88 -28.31 -4.10
C LEU B 86 -17.21 -27.79 -4.64
N SER B 87 -18.30 -28.12 -3.98
CA SER B 87 -19.62 -27.64 -4.37
C SER B 87 -20.23 -27.03 -3.12
N VAL B 88 -20.40 -25.72 -3.17
CA VAL B 88 -20.84 -24.96 -2.02
C VAL B 88 -22.18 -24.23 -2.21
N PRO B 89 -23.17 -24.45 -1.33
CA PRO B 89 -24.47 -23.83 -1.30
C PRO B 89 -24.32 -22.42 -0.76
N GLU B 90 -25.34 -21.60 -0.92
CA GLU B 90 -25.35 -20.24 -0.41
C GLU B 90 -25.11 -20.21 1.08
N TRP B 91 -24.27 -19.26 1.50
CA TRP B 91 -23.97 -19.09 2.91
C TRP B 91 -24.31 -17.71 3.40
N SER B 92 -24.60 -17.62 4.69
CA SER B 92 -24.90 -16.36 5.37
C SER B 92 -23.70 -15.62 5.94
N TYR B 93 -22.64 -16.35 6.25
CA TYR B 93 -21.37 -15.86 6.79
C TYR B 93 -20.35 -16.95 6.61
N ILE B 94 -19.08 -16.64 6.76
CA ILE B 94 -18.07 -17.67 6.65
C ILE B 94 -17.40 -17.97 7.97
N MET B 95 -17.34 -19.23 8.32
CA MET B 95 -16.68 -19.67 9.53
C MET B 95 -15.30 -20.22 9.22
N GLU B 96 -14.31 -19.40 9.47
CA GLU B 96 -12.95 -19.81 9.18
C GLU B 96 -12.31 -20.07 10.52
N LYS B 97 -11.57 -21.14 10.63
CA LYS B 97 -10.88 -21.45 11.86
C LYS B 97 -9.68 -20.54 11.95
N GLU B 98 -9.28 -20.13 13.13
CA GLU B 98 -8.07 -19.33 13.21
C GLU B 98 -6.91 -20.29 13.00
N ASN B 99 -5.91 -19.90 12.23
CA ASN B 99 -4.77 -20.78 11.97
C ASN B 99 -5.20 -22.14 11.42
N PRO B 100 -5.87 -22.18 10.25
CA PRO B 100 -6.36 -23.36 9.58
C PRO B 100 -5.19 -24.15 9.05
N ARG B 101 -5.39 -25.45 8.85
CA ARG B 101 -4.35 -26.32 8.32
C ARG B 101 -4.32 -26.44 6.80
N ASP B 102 -5.49 -26.60 6.21
CA ASP B 102 -5.60 -26.92 4.81
C ASP B 102 -5.60 -25.67 3.94
N GLY B 103 -4.41 -25.10 3.82
CA GLY B 103 -4.15 -23.87 3.08
C GLY B 103 -3.36 -24.17 1.83
N LEU B 104 -2.25 -23.50 1.67
CA LEU B 104 -1.48 -23.77 0.47
C LEU B 104 -0.59 -24.98 0.75
N CYS B 105 -1.05 -26.19 0.31
CA CYS B 105 -0.36 -27.48 0.50
C CYS B 105 0.98 -27.48 -0.22
N TYR B 106 1.06 -26.73 -1.29
CA TYR B 106 2.30 -26.58 -1.97
C TYR B 106 2.70 -25.22 -1.40
N PRO B 107 3.85 -25.05 -0.76
CA PRO B 107 4.22 -23.85 -0.06
C PRO B 107 4.26 -22.70 -1.02
N GLY B 108 3.90 -21.55 -0.54
CA GLY B 108 3.86 -20.42 -1.42
C GLY B 108 3.23 -19.23 -0.75
N SER B 109 2.69 -18.36 -1.56
CA SER B 109 2.08 -17.13 -1.09
C SER B 109 0.93 -16.76 -1.97
N PHE B 110 0.05 -15.91 -1.45
CA PHE B 110 -1.09 -15.49 -2.22
C PHE B 110 -1.11 -13.96 -2.14
N ASN B 111 -1.04 -13.29 -3.27
CA ASN B 111 -0.99 -11.83 -3.33
C ASN B 111 -2.35 -11.24 -3.11
N ASP B 112 -2.41 -10.10 -2.43
CA ASP B 112 -3.66 -9.41 -2.19
C ASP B 112 -4.68 -10.35 -1.58
N TYR B 113 -4.22 -11.15 -0.64
CA TYR B 113 -5.06 -12.14 -0.01
C TYR B 113 -6.05 -11.51 0.92
N GLU B 114 -5.63 -10.50 1.67
CA GLU B 114 -6.53 -9.84 2.60
C GLU B 114 -7.63 -9.11 1.83
N GLU B 115 -7.27 -8.55 0.67
CA GLU B 115 -8.26 -7.88 -0.17
C GLU B 115 -9.25 -8.91 -0.71
N LEU B 116 -8.78 -10.11 -1.04
CA LEU B 116 -9.70 -11.14 -1.49
C LEU B 116 -10.61 -11.58 -0.37
N LYS B 117 -10.09 -11.77 0.83
CA LYS B 117 -10.95 -12.18 1.93
C LYS B 117 -12.01 -11.12 2.18
N HIS B 118 -11.63 -9.84 2.04
CA HIS B 118 -12.57 -8.74 2.19
C HIS B 118 -13.62 -8.81 1.09
N LEU B 119 -13.20 -9.04 -0.16
CA LEU B 119 -14.11 -9.16 -1.28
C LEU B 119 -15.15 -10.22 -1.06
N LEU B 120 -14.73 -11.34 -0.47
CA LEU B 120 -15.62 -12.47 -0.25
C LEU B 120 -16.64 -12.24 0.83
N SER B 121 -16.50 -11.15 1.57
CA SER B 121 -17.44 -10.83 2.61
C SER B 121 -18.77 -10.51 1.96
N SER B 122 -18.81 -9.52 1.06
CA SER B 122 -20.05 -9.17 0.40
C SER B 122 -20.29 -10.01 -0.85
N VAL B 123 -20.35 -11.33 -0.67
CA VAL B 123 -20.55 -12.25 -1.78
C VAL B 123 -21.66 -13.26 -1.57
N LYS B 124 -21.61 -14.01 -0.48
CA LYS B 124 -22.52 -15.14 -0.28
C LYS B 124 -22.35 -16.11 -1.45
N HIS B 125 -23.39 -16.62 -2.06
CA HIS B 125 -23.15 -17.61 -3.10
C HIS B 125 -22.36 -17.14 -4.34
N PHE B 126 -21.58 -18.08 -4.90
CA PHE B 126 -20.91 -17.94 -6.19
C PHE B 126 -20.92 -19.29 -6.88
N GLU B 127 -20.86 -19.25 -8.20
CA GLU B 127 -20.87 -20.44 -9.04
C GLU B 127 -19.52 -20.76 -9.64
N LYS B 128 -19.08 -21.99 -9.50
CA LYS B 128 -17.81 -22.34 -10.10
C LYS B 128 -18.08 -22.69 -11.58
N VAL B 129 -17.38 -21.98 -12.47
CA VAL B 129 -17.54 -22.08 -13.92
C VAL B 129 -16.28 -22.55 -14.60
N LYS B 130 -16.37 -23.55 -15.45
CA LYS B 130 -15.16 -23.98 -16.13
C LYS B 130 -14.84 -22.98 -17.23
N ILE B 131 -13.63 -22.42 -17.21
CA ILE B 131 -13.24 -21.42 -18.18
C ILE B 131 -12.23 -21.93 -19.20
N LEU B 132 -11.26 -22.71 -18.74
CA LEU B 132 -10.18 -23.23 -19.55
C LEU B 132 -10.02 -24.71 -19.31
N PRO B 133 -10.86 -25.56 -19.87
CA PRO B 133 -10.95 -26.97 -19.58
C PRO B 133 -9.59 -27.60 -19.67
N LYS B 134 -9.28 -28.48 -18.74
CA LYS B 134 -7.96 -29.09 -18.69
C LYS B 134 -7.55 -29.76 -19.99
N ASP B 135 -8.49 -30.36 -20.71
CA ASP B 135 -8.14 -31.09 -21.91
C ASP B 135 -7.95 -30.20 -23.14
N ARG B 136 -8.00 -28.88 -22.97
CA ARG B 136 -7.74 -28.02 -24.11
C ARG B 136 -6.25 -27.90 -24.25
N TRP B 137 -5.52 -28.25 -23.19
CA TRP B 137 -4.09 -28.05 -23.20
C TRP B 137 -3.39 -29.21 -23.83
N THR B 138 -3.57 -29.32 -25.12
CA THR B 138 -2.91 -30.36 -25.85
C THR B 138 -1.53 -29.80 -26.04
N GLN B 139 -0.59 -30.62 -26.42
CA GLN B 139 0.79 -30.21 -26.66
C GLN B 139 1.50 -29.77 -25.36
N HIS B 140 0.88 -30.05 -24.23
CA HIS B 140 1.35 -29.80 -22.86
C HIS B 140 1.03 -30.97 -21.98
N THR B 141 1.73 -31.08 -20.87
CA THR B 141 1.43 -32.08 -19.86
C THR B 141 0.60 -31.42 -18.78
N THR B 142 -0.56 -31.99 -18.49
CA THR B 142 -1.52 -31.48 -17.52
C THR B 142 -1.68 -32.34 -16.29
N THR B 143 -0.78 -33.29 -16.13
CA THR B 143 -0.82 -34.30 -15.08
C THR B 143 0.28 -34.16 -14.05
N GLY B 144 0.86 -32.98 -13.91
CA GLY B 144 1.92 -32.79 -12.94
C GLY B 144 1.32 -32.69 -11.55
N GLY B 145 2.18 -32.65 -10.54
CA GLY B 145 1.73 -32.60 -9.17
C GLY B 145 2.92 -32.72 -8.23
N SER B 146 2.63 -32.83 -6.96
CA SER B 146 3.66 -32.91 -5.94
C SER B 146 3.27 -33.74 -4.75
N ARG B 147 4.28 -34.32 -4.10
CA ARG B 147 4.02 -35.12 -2.91
C ARG B 147 3.45 -34.25 -1.79
N ALA B 148 3.72 -32.94 -1.86
CA ALA B 148 3.23 -32.00 -0.86
C ALA B 148 1.69 -31.96 -0.75
N CYS B 149 0.96 -32.20 -1.87
CA CYS B 149 -0.49 -32.16 -1.98
C CYS B 149 -0.98 -33.60 -2.24
N ALA B 150 -0.18 -34.60 -1.89
CA ALA B 150 -0.53 -35.99 -2.17
C ALA B 150 -1.79 -36.49 -1.52
N VAL B 151 -2.48 -37.35 -2.25
CA VAL B 151 -3.68 -37.98 -1.80
C VAL B 151 -3.46 -39.47 -1.79
N SER B 152 -3.58 -40.09 -0.62
CA SER B 152 -3.31 -41.51 -0.50
C SER B 152 -1.92 -41.87 -1.04
N GLY B 153 -0.92 -41.07 -0.67
CA GLY B 153 0.47 -41.30 -1.07
C GLY B 153 0.82 -40.67 -2.41
N ASN B 154 -0.01 -40.94 -3.38
CA ASN B 154 0.16 -40.47 -4.75
C ASN B 154 0.21 -38.94 -4.86
N PRO B 155 1.22 -38.35 -5.53
CA PRO B 155 1.38 -36.93 -5.73
C PRO B 155 0.13 -36.36 -6.38
N SER B 156 -0.24 -35.16 -6.00
CA SER B 156 -1.43 -34.55 -6.55
C SER B 156 -1.31 -33.04 -6.56
N PHE B 157 -2.40 -32.35 -6.77
CA PHE B 157 -2.30 -30.91 -6.86
C PHE B 157 -3.61 -30.22 -6.53
N PHE B 158 -3.62 -28.92 -6.56
CA PHE B 158 -4.80 -28.15 -6.30
C PHE B 158 -5.79 -28.55 -7.37
N ARG B 159 -7.02 -28.85 -6.99
CA ARG B 159 -7.98 -29.36 -7.95
C ARG B 159 -8.56 -28.37 -8.92
N ASN B 160 -8.52 -27.08 -8.64
CA ASN B 160 -9.08 -26.14 -9.60
C ASN B 160 -7.99 -25.54 -10.49
N MET B 161 -6.76 -26.07 -10.37
CA MET B 161 -5.63 -25.51 -11.09
C MET B 161 -4.92 -26.54 -11.97
N VAL B 162 -4.33 -26.08 -13.06
CA VAL B 162 -3.59 -26.96 -13.94
C VAL B 162 -2.11 -26.61 -13.90
N TRP B 163 -1.28 -27.56 -13.49
CA TRP B 163 0.14 -27.28 -13.47
C TRP B 163 0.68 -27.68 -14.80
N LEU B 164 0.98 -26.72 -15.67
CA LEU B 164 1.42 -27.11 -16.97
C LEU B 164 2.88 -27.36 -16.91
N THR B 165 3.31 -28.47 -17.51
CA THR B 165 4.70 -28.85 -17.63
C THR B 165 5.00 -29.33 -19.05
N LYS B 166 6.28 -29.64 -19.25
CA LYS B 166 6.78 -30.03 -20.59
C LYS B 166 6.16 -31.34 -21.06
N LYS B 167 5.94 -31.45 -22.37
CA LYS B 167 5.41 -32.64 -23.01
C LYS B 167 6.46 -33.17 -23.94
N GLY B 168 6.83 -34.43 -23.81
CA GLY B 168 7.95 -34.86 -24.63
C GLY B 168 9.09 -34.04 -24.08
N SER B 169 9.79 -33.31 -24.93
CA SER B 169 10.89 -32.47 -24.49
C SER B 169 10.59 -30.99 -24.72
N ASN B 170 9.34 -30.66 -25.10
CA ASN B 170 8.97 -29.28 -25.41
C ASN B 170 7.90 -28.62 -24.57
N TYR B 171 8.01 -27.30 -24.47
CA TYR B 171 7.00 -26.49 -23.80
C TYR B 171 6.62 -25.33 -24.74
N PRO B 172 5.61 -25.51 -25.61
CA PRO B 172 5.09 -24.57 -26.59
C PRO B 172 4.56 -23.39 -25.82
N VAL B 173 4.40 -22.25 -26.44
CA VAL B 173 3.90 -21.18 -25.61
C VAL B 173 2.50 -21.59 -25.19
N ALA B 174 2.24 -21.48 -23.91
CA ALA B 174 0.97 -21.83 -23.33
C ALA B 174 0.07 -20.66 -23.46
N LYS B 175 -0.96 -20.79 -24.26
CA LYS B 175 -1.87 -19.70 -24.47
C LYS B 175 -3.30 -20.10 -24.25
N GLY B 176 -4.10 -19.13 -23.88
CA GLY B 176 -5.54 -19.32 -23.82
C GLY B 176 -6.23 -18.09 -23.29
N SER B 177 -7.52 -18.00 -23.54
CA SER B 177 -8.28 -16.87 -23.05
C SER B 177 -9.71 -17.20 -22.75
N TYR B 178 -10.33 -16.33 -21.97
CA TYR B 178 -11.73 -16.46 -21.64
C TYR B 178 -12.50 -15.13 -21.69
N ASN B 179 -13.63 -15.12 -22.42
CA ASN B 179 -14.58 -14.01 -22.56
C ASN B 179 -15.70 -14.20 -21.52
N ASN B 180 -15.89 -13.22 -20.60
CA ASN B 180 -16.86 -13.37 -19.52
C ASN B 180 -18.27 -13.10 -19.99
N THR B 181 -18.91 -14.19 -20.38
CA THR B 181 -20.27 -14.20 -20.87
C THR B 181 -21.15 -14.93 -19.87
N SER B 182 -20.63 -15.14 -18.65
CA SER B 182 -21.28 -15.90 -17.59
C SER B 182 -22.50 -15.22 -16.95
N GLY B 183 -22.64 -13.93 -17.17
CA GLY B 183 -23.72 -13.12 -16.65
C GLY B 183 -23.36 -12.22 -15.47
N GLU B 184 -22.20 -12.45 -14.85
CA GLU B 184 -21.76 -11.63 -13.72
C GLU B 184 -20.23 -11.64 -13.58
N GLN B 185 -19.71 -10.64 -12.89
CA GLN B 185 -18.28 -10.46 -12.63
C GLN B 185 -17.68 -11.74 -12.05
N MET B 186 -16.54 -12.14 -12.61
CA MET B 186 -15.89 -13.39 -12.22
C MET B 186 -14.52 -13.30 -11.58
N LEU B 187 -14.29 -14.12 -10.57
CA LEU B 187 -13.01 -14.22 -9.90
C LEU B 187 -12.10 -15.26 -10.52
N ILE B 188 -10.93 -14.82 -10.96
CA ILE B 188 -9.98 -15.69 -11.61
C ILE B 188 -8.66 -15.68 -10.87
N ILE B 189 -8.17 -16.88 -10.56
CA ILE B 189 -6.92 -17.11 -9.83
C ILE B 189 -5.91 -17.83 -10.71
N TRP B 190 -4.65 -17.43 -10.65
CA TRP B 190 -3.59 -18.09 -11.42
C TRP B 190 -2.32 -17.99 -10.63
N GLY B 191 -1.27 -18.71 -11.02
CA GLY B 191 -0.03 -18.52 -10.29
C GLY B 191 1.22 -18.81 -11.08
N VAL B 192 2.36 -18.61 -10.41
CA VAL B 192 3.69 -18.80 -10.95
C VAL B 192 4.53 -19.71 -10.08
N HIS B 193 5.14 -20.70 -10.69
CA HIS B 193 6.01 -21.60 -9.96
C HIS B 193 7.43 -21.04 -9.89
N HIS B 194 8.02 -21.11 -8.71
CA HIS B 194 9.38 -20.64 -8.43
C HIS B 194 10.26 -21.81 -7.96
N PRO B 195 11.05 -22.43 -8.84
CA PRO B 195 11.90 -23.59 -8.61
C PRO B 195 12.98 -23.35 -7.58
N ASN B 196 13.42 -24.44 -6.96
CA ASN B 196 14.51 -24.38 -6.00
C ASN B 196 15.84 -24.19 -6.76
N ASP B 197 15.95 -24.78 -7.94
CA ASP B 197 17.16 -24.61 -8.74
C ASP B 197 16.94 -24.70 -10.26
N GLU B 198 18.01 -24.49 -11.03
CA GLU B 198 17.93 -24.54 -12.48
C GLU B 198 17.60 -25.93 -13.00
N THR B 199 18.06 -26.98 -12.31
CA THR B 199 17.78 -28.31 -12.74
C THR B 199 16.28 -28.53 -12.72
N GLU B 200 15.61 -28.11 -11.64
CA GLU B 200 14.15 -28.25 -11.54
C GLU B 200 13.48 -27.48 -12.65
N GLN B 201 13.98 -26.28 -12.95
CA GLN B 201 13.39 -25.49 -14.02
C GLN B 201 13.45 -26.19 -15.34
N ARG B 202 14.60 -26.78 -15.68
CA ARG B 202 14.78 -27.50 -16.93
C ARG B 202 14.02 -28.81 -16.99
N THR B 203 13.87 -29.48 -15.84
CA THR B 203 13.16 -30.73 -15.75
C THR B 203 11.67 -30.53 -15.97
N LEU B 204 11.09 -29.49 -15.39
CA LEU B 204 9.67 -29.24 -15.56
C LEU B 204 9.35 -28.47 -16.84
N TYR B 205 10.21 -27.56 -17.25
CA TYR B 205 10.01 -26.73 -18.41
C TYR B 205 11.28 -26.80 -19.22
N GLN B 206 11.22 -26.98 -20.50
CA GLN B 206 12.51 -27.01 -21.17
C GLN B 206 13.17 -25.64 -21.18
N ASN B 207 12.34 -24.62 -21.29
CA ASN B 207 12.74 -23.23 -21.42
C ASN B 207 13.18 -22.70 -20.06
N VAL B 208 14.25 -21.90 -20.03
CA VAL B 208 14.68 -21.32 -18.75
C VAL B 208 14.36 -19.84 -18.55
N GLY B 209 14.61 -19.00 -19.54
CA GLY B 209 14.33 -17.57 -19.39
C GLY B 209 12.86 -17.29 -19.65
N THR B 210 12.01 -17.85 -18.81
CA THR B 210 10.57 -17.84 -18.97
C THR B 210 9.87 -16.64 -18.37
N TYR B 211 8.63 -16.47 -18.78
CA TYR B 211 7.74 -15.45 -18.25
C TYR B 211 6.31 -15.95 -18.26
N VAL B 212 5.49 -15.31 -17.44
CA VAL B 212 4.06 -15.51 -17.38
C VAL B 212 3.36 -14.16 -17.55
N SER B 213 2.51 -14.03 -18.55
CA SER B 213 1.81 -12.79 -18.85
C SER B 213 0.32 -12.93 -18.82
N VAL B 214 -0.33 -12.09 -18.01
CA VAL B 214 -1.78 -12.13 -17.87
C VAL B 214 -2.38 -10.73 -18.04
N GLY B 215 -3.50 -10.63 -18.75
CA GLY B 215 -4.12 -9.32 -18.83
C GLY B 215 -5.57 -9.27 -19.32
N THR B 216 -6.19 -8.14 -19.02
CA THR B 216 -7.59 -7.79 -19.29
C THR B 216 -7.64 -6.36 -19.77
N SER B 217 -8.81 -5.73 -19.79
CA SER B 217 -8.87 -4.33 -20.19
C SER B 217 -8.24 -3.42 -19.13
N THR B 218 -8.09 -3.93 -17.89
CA THR B 218 -7.50 -3.17 -16.78
C THR B 218 -6.23 -3.79 -16.19
N LEU B 219 -6.03 -5.09 -16.38
CA LEU B 219 -4.90 -5.83 -15.83
C LEU B 219 -3.79 -5.99 -16.82
N ASN B 220 -2.58 -5.65 -16.42
CA ASN B 220 -1.40 -5.79 -17.27
C ASN B 220 -0.25 -6.31 -16.45
N LYS B 221 -0.14 -7.62 -16.29
CA LYS B 221 0.89 -8.13 -15.40
C LYS B 221 1.82 -9.14 -16.04
N ARG B 222 3.12 -8.92 -15.90
CA ARG B 222 4.10 -9.86 -16.42
C ARG B 222 5.08 -10.24 -15.33
N SER B 223 5.15 -11.52 -15.03
CA SER B 223 6.04 -12.02 -13.98
C SER B 223 7.06 -12.98 -14.54
N THR B 224 8.17 -13.11 -13.84
CA THR B 224 9.16 -14.11 -14.20
C THR B 224 9.38 -14.89 -12.92
N PRO B 225 9.78 -16.16 -12.97
CA PRO B 225 10.10 -16.97 -11.83
C PRO B 225 11.41 -16.56 -11.20
N ASP B 226 11.49 -16.72 -9.89
CA ASP B 226 12.72 -16.52 -9.14
C ASP B 226 13.31 -17.84 -8.73
N ILE B 227 14.38 -18.25 -9.37
CA ILE B 227 14.96 -19.53 -9.03
C ILE B 227 15.96 -19.31 -7.92
N ALA B 228 15.74 -19.98 -6.80
CA ALA B 228 16.61 -19.80 -5.65
C ALA B 228 16.50 -20.94 -4.68
N THR B 229 17.57 -21.22 -3.97
CA THR B 229 17.49 -22.19 -2.91
C THR B 229 16.76 -21.57 -1.75
N ARG B 230 15.78 -22.29 -1.22
CA ARG B 230 15.00 -21.78 -0.12
C ARG B 230 14.90 -22.83 0.98
N PRO B 231 14.64 -22.47 2.24
CA PRO B 231 14.35 -23.39 3.32
C PRO B 231 13.16 -24.21 2.91
N LYS B 232 13.13 -25.48 3.26
CA LYS B 232 11.99 -26.29 2.87
C LYS B 232 10.77 -26.08 3.72
N VAL B 233 9.63 -26.00 3.07
CA VAL B 233 8.33 -25.92 3.71
C VAL B 233 7.50 -27.06 3.14
N ASN B 234 6.96 -27.90 4.00
CA ASN B 234 6.20 -29.08 3.59
C ASN B 234 7.05 -29.97 2.68
N GLY B 235 8.36 -30.00 2.93
CA GLY B 235 9.28 -30.83 2.16
C GLY B 235 9.82 -30.18 0.88
N GLN B 236 9.33 -29.01 0.49
CA GLN B 236 9.81 -28.44 -0.76
C GLN B 236 10.56 -27.13 -0.62
N GLY B 237 11.61 -26.96 -1.42
CA GLY B 237 12.42 -25.74 -1.40
C GLY B 237 11.94 -24.74 -2.44
N GLY B 238 10.88 -25.10 -3.11
CA GLY B 238 10.25 -24.31 -4.14
C GLY B 238 9.10 -23.55 -3.55
N ARG B 239 8.59 -22.57 -4.28
CA ARG B 239 7.43 -21.81 -3.85
C ARG B 239 6.46 -21.61 -4.99
N MET B 240 5.18 -21.54 -4.69
CA MET B 240 4.22 -21.23 -5.74
C MET B 240 3.41 -19.97 -5.38
N GLU B 241 3.47 -18.96 -6.23
CA GLU B 241 2.83 -17.68 -5.98
C GLU B 241 1.52 -17.51 -6.70
N PHE B 242 0.46 -17.19 -5.97
CA PHE B 242 -0.85 -17.03 -6.58
C PHE B 242 -1.32 -15.60 -6.55
N SER B 243 -2.10 -15.22 -7.54
CA SER B 243 -2.67 -13.90 -7.64
C SER B 243 -4.04 -13.98 -8.26
N TRP B 244 -4.81 -12.91 -8.17
CA TRP B 244 -6.14 -12.94 -8.70
C TRP B 244 -6.64 -11.63 -9.24
N THR B 245 -7.64 -11.72 -10.09
CA THR B 245 -8.32 -10.54 -10.57
C THR B 245 -9.81 -10.79 -10.66
N LEU B 246 -10.53 -9.73 -10.93
CA LEU B 246 -11.94 -9.82 -11.24
C LEU B 246 -12.12 -9.42 -12.66
N LEU B 247 -12.72 -10.30 -13.41
CA LEU B 247 -12.94 -10.07 -14.79
C LEU B 247 -14.33 -9.48 -14.94
N ASP B 248 -14.36 -8.25 -15.41
CA ASP B 248 -15.59 -7.53 -15.56
C ASP B 248 -16.43 -8.18 -16.59
N MET B 249 -17.71 -7.99 -16.48
CA MET B 249 -18.60 -8.64 -17.39
C MET B 249 -18.33 -8.15 -18.80
N TRP B 250 -18.33 -9.10 -19.73
CA TRP B 250 -18.08 -8.96 -21.14
C TRP B 250 -16.62 -8.63 -21.49
N ASP B 251 -15.71 -8.67 -20.52
CA ASP B 251 -14.31 -8.46 -20.86
C ASP B 251 -13.65 -9.81 -21.15
N THR B 252 -12.37 -9.77 -21.53
CA THR B 252 -11.61 -10.98 -21.83
C THR B 252 -10.28 -11.05 -21.12
N ILE B 253 -9.98 -12.21 -20.55
CA ILE B 253 -8.69 -12.38 -19.91
C ILE B 253 -7.82 -13.26 -20.76
N ASN B 254 -6.61 -12.80 -21.03
CA ASN B 254 -5.67 -13.57 -21.82
C ASN B 254 -4.54 -14.06 -20.95
N PHE B 255 -4.07 -15.26 -21.22
CA PHE B 255 -2.90 -15.83 -20.57
C PHE B 255 -1.89 -16.23 -21.63
N GLU B 256 -0.62 -16.00 -21.34
CA GLU B 256 0.48 -16.45 -22.17
C GLU B 256 1.70 -16.83 -21.35
N SER B 257 2.29 -17.97 -21.61
CA SER B 257 3.48 -18.38 -20.87
C SER B 257 4.48 -19.25 -21.59
N THR B 258 5.74 -19.08 -21.25
CA THR B 258 6.83 -19.93 -21.76
C THR B 258 7.32 -20.89 -20.68
N GLY B 259 6.62 -20.90 -19.57
CA GLY B 259 6.92 -21.78 -18.48
C GLY B 259 6.48 -21.20 -17.17
N ASN B 260 6.42 -22.05 -16.17
CA ASN B 260 6.08 -21.72 -14.80
C ASN B 260 4.65 -21.24 -14.58
N LEU B 261 3.74 -21.56 -15.49
CA LEU B 261 2.33 -21.19 -15.35
C LEU B 261 1.44 -22.27 -14.75
N ILE B 262 0.75 -21.86 -13.70
CA ILE B 262 -0.25 -22.65 -13.05
C ILE B 262 -1.55 -21.98 -13.50
N ALA B 263 -2.28 -22.64 -14.37
CA ALA B 263 -3.42 -22.03 -15.01
C ALA B 263 -4.69 -22.36 -14.26
N PRO B 264 -5.69 -21.51 -14.23
CA PRO B 264 -6.96 -21.86 -13.67
C PRO B 264 -7.66 -22.79 -14.61
N GLU B 265 -8.48 -23.66 -14.07
CA GLU B 265 -9.38 -24.40 -14.92
C GLU B 265 -10.74 -23.73 -14.81
N TYR B 266 -11.02 -23.21 -13.61
CA TYR B 266 -12.30 -22.63 -13.25
C TYR B 266 -12.21 -21.20 -12.77
N GLY B 267 -13.27 -20.45 -12.95
CA GLY B 267 -13.38 -19.12 -12.36
C GLY B 267 -14.60 -19.14 -11.45
N PHE B 268 -14.81 -18.09 -10.68
CA PHE B 268 -15.97 -18.10 -9.79
C PHE B 268 -16.88 -16.92 -10.05
N LYS B 269 -18.09 -17.20 -10.49
CA LYS B 269 -19.03 -16.16 -10.83
C LYS B 269 -19.73 -15.70 -9.58
N ILE B 270 -19.72 -14.42 -9.30
CA ILE B 270 -20.40 -13.98 -8.09
C ILE B 270 -21.91 -14.13 -8.29
N SER B 271 -22.63 -14.77 -7.36
CA SER B 271 -24.06 -14.95 -7.58
C SER B 271 -24.96 -14.01 -6.77
N LYS B 272 -24.61 -13.74 -5.49
CA LYS B 272 -25.54 -12.93 -4.69
C LYS B 272 -25.16 -11.52 -4.26
N ARG B 273 -23.92 -11.28 -3.85
CA ARG B 273 -23.45 -9.97 -3.37
C ARG B 273 -24.20 -9.36 -2.19
N GLY B 274 -24.64 -10.17 -1.24
CA GLY B 274 -25.32 -9.61 -0.08
C GLY B 274 -24.35 -9.24 1.03
N SER B 275 -24.86 -8.65 2.12
CA SER B 275 -23.98 -8.29 3.23
C SER B 275 -23.69 -9.50 4.11
N SER B 276 -22.43 -9.68 4.44
CA SER B 276 -21.95 -10.78 5.26
C SER B 276 -20.60 -10.44 5.89
N GLY B 277 -19.84 -11.46 6.27
CA GLY B 277 -18.51 -11.29 6.87
C GLY B 277 -17.86 -12.61 7.22
N ILE B 278 -16.60 -12.55 7.66
CA ILE B 278 -15.86 -13.76 8.02
C ILE B 278 -15.61 -13.75 9.51
N MET B 279 -16.04 -14.81 10.16
CA MET B 279 -15.93 -14.99 11.59
C MET B 279 -14.82 -15.96 11.92
N LYS B 280 -14.05 -15.67 12.96
CA LYS B 280 -13.00 -16.59 13.38
C LYS B 280 -13.46 -17.43 14.54
N THR B 281 -13.61 -18.71 14.29
CA THR B 281 -14.12 -19.60 15.30
C THR B 281 -13.78 -21.05 15.11
N GLU B 282 -13.65 -21.77 16.22
CA GLU B 282 -13.35 -23.20 16.22
C GLU B 282 -14.58 -24.06 16.38
N GLY B 283 -15.75 -23.44 16.38
CA GLY B 283 -16.99 -24.18 16.57
C GLY B 283 -17.55 -24.76 15.29
N THR B 284 -18.77 -25.27 15.39
CA THR B 284 -19.48 -25.90 14.29
C THR B 284 -20.88 -25.33 14.21
N LEU B 285 -21.66 -25.76 13.23
CA LEU B 285 -23.04 -25.29 13.14
C LEU B 285 -23.94 -26.16 14.02
N GLU B 286 -24.72 -25.51 14.90
CA GLU B 286 -25.57 -26.15 15.90
C GLU B 286 -27.06 -26.31 15.60
N ASN B 287 -27.49 -26.08 14.37
CA ASN B 287 -28.93 -26.23 14.03
C ASN B 287 -29.92 -25.37 14.85
N CYS B 288 -29.70 -24.04 14.82
CA CYS B 288 -30.43 -22.97 15.51
C CYS B 288 -30.46 -21.75 14.59
N GLU B 289 -31.27 -20.74 14.92
CA GLU B 289 -31.37 -19.54 14.06
C GLU B 289 -31.22 -18.22 14.83
N THR B 290 -30.57 -17.26 14.19
CA THR B 290 -30.44 -15.93 14.75
C THR B 290 -30.58 -14.78 13.76
N LYS B 291 -30.51 -13.58 14.32
CA LYS B 291 -30.49 -12.27 13.63
C LYS B 291 -29.16 -11.46 13.83
N CYS B 292 -28.35 -11.90 14.84
CA CYS B 292 -27.11 -11.35 15.35
C CYS B 292 -26.26 -12.51 15.89
N GLN B 293 -25.03 -12.65 15.40
CA GLN B 293 -24.17 -13.75 15.81
C GLN B 293 -22.79 -13.30 16.26
N THR B 294 -22.36 -13.70 17.47
CA THR B 294 -21.03 -13.33 17.91
C THR B 294 -20.26 -14.65 17.82
N PRO B 295 -18.92 -14.66 17.88
CA PRO B 295 -18.11 -15.86 17.92
C PRO B 295 -18.40 -16.76 19.11
N LEU B 296 -19.04 -16.23 20.15
CA LEU B 296 -19.32 -16.99 21.35
C LEU B 296 -20.70 -17.59 21.38
N GLY B 297 -21.55 -17.19 20.46
CA GLY B 297 -22.95 -17.60 20.49
C GLY B 297 -23.87 -16.53 19.92
N ALA B 298 -25.13 -16.89 19.67
CA ALA B 298 -26.06 -15.94 19.09
C ALA B 298 -26.74 -15.07 20.13
N ILE B 299 -27.07 -13.85 19.73
CA ILE B 299 -27.78 -12.91 20.59
C ILE B 299 -29.20 -12.62 20.12
N ASN B 300 -30.19 -12.84 21.00
CA ASN B 300 -31.62 -12.60 20.78
C ASN B 300 -32.11 -11.57 21.81
N THR B 301 -32.15 -10.28 21.42
CA THR B 301 -32.46 -9.15 22.32
C THR B 301 -33.00 -7.95 21.61
N THR B 302 -33.71 -7.12 22.36
CA THR B 302 -34.23 -5.85 21.87
C THR B 302 -33.58 -4.66 22.57
N LEU B 303 -32.58 -4.92 23.38
CA LEU B 303 -31.95 -3.86 24.15
C LEU B 303 -30.93 -3.10 23.28
N PRO B 304 -30.69 -1.80 23.53
CA PRO B 304 -29.75 -0.94 22.80
C PRO B 304 -28.27 -1.23 22.96
N PHE B 305 -27.86 -1.90 24.04
CA PHE B 305 -26.45 -2.17 24.25
C PHE B 305 -26.25 -3.63 24.59
N HIS B 306 -25.06 -4.15 24.34
CA HIS B 306 -24.70 -5.50 24.80
C HIS B 306 -23.23 -5.50 25.18
N ASN B 307 -22.83 -6.48 25.97
CA ASN B 307 -21.42 -6.61 26.31
C ASN B 307 -20.89 -8.02 26.06
N VAL B 308 -21.36 -8.69 25.00
CA VAL B 308 -20.94 -10.07 24.78
C VAL B 308 -19.59 -10.21 24.05
N HIS B 309 -19.44 -9.57 22.90
CA HIS B 309 -18.18 -9.66 22.16
C HIS B 309 -18.16 -8.55 21.10
N PRO B 310 -17.06 -7.82 20.89
CA PRO B 310 -16.99 -6.79 19.88
C PRO B 310 -17.01 -7.24 18.42
N LEU B 311 -16.61 -8.48 18.10
CA LEU B 311 -16.56 -8.85 16.69
C LEU B 311 -17.80 -9.56 16.26
N THR B 312 -18.88 -8.84 16.30
CA THR B 312 -20.18 -9.41 16.03
C THR B 312 -20.70 -9.12 14.61
N ILE B 313 -21.25 -10.15 13.93
CA ILE B 313 -21.79 -9.99 12.58
C ILE B 313 -23.32 -10.02 12.60
N GLY B 314 -23.95 -8.98 12.06
CA GLY B 314 -25.41 -8.92 12.04
C GLY B 314 -25.94 -7.54 12.39
N GLU B 315 -27.24 -7.46 12.66
CA GLU B 315 -27.87 -6.19 13.04
C GLU B 315 -27.96 -6.25 14.56
N CYS B 316 -26.97 -5.64 15.24
CA CYS B 316 -26.69 -5.83 16.67
C CYS B 316 -26.71 -4.52 17.49
N PRO B 317 -26.91 -4.61 18.83
CA PRO B 317 -26.85 -3.53 19.80
C PRO B 317 -25.44 -2.99 19.84
N LYS B 318 -25.24 -1.80 20.40
CA LYS B 318 -23.86 -1.30 20.47
C LYS B 318 -23.12 -2.11 21.50
N TYR B 319 -21.86 -2.41 21.21
CA TYR B 319 -21.04 -3.08 22.18
C TYR B 319 -20.45 -2.04 23.10
N VAL B 320 -20.55 -2.28 24.40
CA VAL B 320 -19.96 -1.40 25.40
C VAL B 320 -19.13 -2.18 26.38
N LYS B 321 -18.25 -1.47 27.07
CA LYS B 321 -17.38 -2.06 28.08
C LYS B 321 -18.01 -2.11 29.47
N SER B 322 -19.22 -1.59 29.61
CA SER B 322 -19.92 -1.55 30.88
C SER B 322 -20.38 -2.93 31.29
N GLU B 323 -20.68 -3.09 32.59
CA GLU B 323 -21.18 -4.36 33.12
C GLU B 323 -22.68 -4.35 33.30
N LYS B 324 -23.23 -3.18 33.57
CA LYS B 324 -24.65 -3.03 33.79
C LYS B 324 -25.06 -1.65 33.38
N LEU B 325 -26.25 -1.53 32.82
CA LEU B 325 -26.84 -0.26 32.50
C LEU B 325 -28.28 -0.34 32.91
N VAL B 326 -28.61 0.15 34.08
CA VAL B 326 -29.98 -0.04 34.53
C VAL B 326 -30.66 1.27 34.79
N LEU B 327 -31.80 1.46 34.14
CA LEU B 327 -32.58 2.65 34.30
C LEU B 327 -33.61 2.45 35.38
N ALA B 328 -33.79 3.43 36.21
CA ALA B 328 -34.85 3.37 37.18
C ALA B 328 -36.09 3.68 36.41
N THR B 329 -37.19 3.05 36.73
CA THR B 329 -38.40 3.44 36.08
C THR B 329 -39.30 3.81 37.22
N GLY B 330 -39.00 3.19 38.34
CA GLY B 330 -39.81 3.32 39.54
C GLY B 330 -39.35 4.36 40.52
N LEU B 331 -39.88 4.25 41.72
CA LEU B 331 -39.70 5.19 42.79
C LEU B 331 -38.64 4.70 43.73
N ARG B 332 -38.10 5.55 44.60
CA ARG B 332 -37.16 4.94 45.51
C ARG B 332 -37.98 3.98 46.33
N ASN B 333 -37.48 2.78 46.49
CA ASN B 333 -38.26 1.83 47.22
C ASN B 333 -37.93 2.00 48.64
N VAL B 334 -38.78 2.73 49.33
CA VAL B 334 -38.55 2.97 50.72
C VAL B 334 -39.72 2.47 51.54
N PRO B 335 -39.85 1.16 51.77
CA PRO B 335 -40.87 0.52 52.57
C PRO B 335 -40.43 0.67 53.99
N ILE B 346 -51.45 5.87 57.58
CA ILE B 346 -51.75 6.88 58.64
C ILE B 346 -50.79 8.04 58.46
N ALA B 347 -49.68 7.80 57.77
CA ALA B 347 -48.66 8.84 57.53
C ALA B 347 -48.45 8.95 56.03
N GLY B 348 -48.29 10.15 55.53
CA GLY B 348 -48.17 10.45 54.11
C GLY B 348 -46.77 10.31 53.65
N PHE B 349 -46.42 10.90 52.53
CA PHE B 349 -45.13 10.68 51.85
C PHE B 349 -43.95 11.08 52.71
N ILE B 350 -44.08 11.95 53.69
CA ILE B 350 -42.85 12.40 54.37
C ILE B 350 -42.16 11.17 54.97
N GLU B 351 -42.89 10.14 55.42
CA GLU B 351 -42.21 8.91 55.91
C GLU B 351 -41.79 8.05 54.72
N GLY B 352 -42.69 7.85 53.74
CA GLY B 352 -42.42 7.02 52.55
C GLY B 352 -42.87 5.64 52.93
N GLY B 353 -42.97 4.66 52.02
CA GLY B 353 -43.58 3.39 52.36
C GLY B 353 -44.98 2.79 52.23
N TRP B 354 -45.87 3.30 51.38
CA TRP B 354 -47.19 2.70 51.37
C TRP B 354 -47.26 1.40 50.61
N GLN B 355 -46.85 0.33 51.26
CA GLN B 355 -46.81 -1.00 50.65
C GLN B 355 -48.22 -1.52 50.44
N GLY B 356 -49.17 -0.94 51.17
CA GLY B 356 -50.57 -1.32 51.08
C GLY B 356 -51.26 -0.71 49.86
N MET B 357 -50.60 0.21 49.15
CA MET B 357 -51.23 0.81 47.99
C MET B 357 -50.63 0.19 46.76
N VAL B 358 -51.39 -0.67 46.10
CA VAL B 358 -50.88 -1.42 44.95
C VAL B 358 -51.63 -1.12 43.66
N ASP B 359 -52.34 -0.01 43.70
CA ASP B 359 -53.17 0.51 42.63
C ASP B 359 -52.43 1.40 41.62
N GLY B 360 -51.31 1.97 42.05
CA GLY B 360 -50.56 2.92 41.24
C GLY B 360 -49.38 3.42 42.01
N TRP B 361 -48.67 4.39 41.46
CA TRP B 361 -47.49 4.95 42.08
C TRP B 361 -47.78 6.01 43.12
N TYR B 362 -48.72 6.89 42.82
CA TYR B 362 -48.97 7.99 43.74
C TYR B 362 -50.41 7.86 44.12
N GLY B 363 -50.78 8.27 45.31
CA GLY B 363 -52.17 8.15 45.68
C GLY B 363 -52.55 8.64 47.03
N TYR B 364 -53.70 8.17 47.47
CA TYR B 364 -54.34 8.58 48.69
C TYR B 364 -54.61 7.47 49.68
N HIS B 365 -54.64 7.84 50.93
CA HIS B 365 -55.08 6.96 51.99
C HIS B 365 -56.07 7.72 52.81
N HIS B 366 -57.14 7.09 53.21
CA HIS B 366 -58.08 7.86 53.98
C HIS B 366 -58.68 7.09 55.12
N SER B 367 -59.19 7.87 56.07
CA SER B 367 -59.96 7.35 57.18
C SER B 367 -61.10 8.31 57.53
N ASN B 368 -62.32 7.76 57.58
CA ASN B 368 -63.50 8.55 57.92
C ASN B 368 -64.51 7.62 58.60
N ASP B 369 -65.70 8.13 58.90
CA ASP B 369 -66.72 7.38 59.63
C ASP B 369 -67.15 6.07 58.94
N GLN B 370 -67.03 6.04 57.63
CA GLN B 370 -67.48 4.91 56.82
C GLN B 370 -66.40 3.86 56.55
N GLY B 371 -65.16 4.09 56.98
CA GLY B 371 -64.11 3.13 56.67
C GLY B 371 -62.75 3.77 56.37
N SER B 372 -61.85 2.96 55.84
CA SER B 372 -60.51 3.41 55.53
C SER B 372 -59.92 2.58 54.41
N GLY B 373 -58.85 3.08 53.82
CA GLY B 373 -58.16 2.31 52.79
C GLY B 373 -57.31 3.15 51.85
N TYR B 374 -56.76 2.49 50.83
CA TYR B 374 -55.87 3.15 49.88
C TYR B 374 -56.49 3.17 48.50
N ALA B 375 -56.11 4.19 47.72
CA ALA B 375 -56.49 4.27 46.32
C ALA B 375 -55.45 5.04 45.56
N ALA B 376 -55.19 4.68 44.32
CA ALA B 376 -54.22 5.46 43.54
C ALA B 376 -54.85 6.68 42.95
N ASP B 377 -54.02 7.68 42.72
CA ASP B 377 -54.45 8.84 41.97
C ASP B 377 -54.12 8.46 40.54
N LYS B 378 -55.14 8.07 39.80
CA LYS B 378 -54.91 7.53 38.48
C LYS B 378 -54.44 8.57 37.50
N GLU B 379 -54.89 9.81 37.63
CA GLU B 379 -54.45 10.81 36.68
C GLU B 379 -52.96 11.06 36.82
N SER B 380 -52.50 11.20 38.07
CA SER B 380 -51.10 11.48 38.33
C SER B 380 -50.23 10.32 37.94
N THR B 381 -50.65 9.11 38.29
CA THR B 381 -49.86 7.95 37.98
C THR B 381 -49.78 7.74 36.50
N GLN B 382 -50.88 7.88 35.76
CA GLN B 382 -50.81 7.62 34.35
C GLN B 382 -49.92 8.63 33.65
N LYS B 383 -49.95 9.90 34.06
CA LYS B 383 -49.09 10.84 33.38
C LYS B 383 -47.64 10.53 33.66
N ALA B 384 -47.31 10.19 34.90
CA ALA B 384 -45.95 9.87 35.22
C ALA B 384 -45.48 8.64 34.48
N PHE B 385 -46.38 7.67 34.36
CA PHE B 385 -46.11 6.41 33.70
C PHE B 385 -45.80 6.65 32.25
N ASP B 386 -46.62 7.46 31.58
CA ASP B 386 -46.41 7.72 30.17
C ASP B 386 -45.09 8.43 29.96
N GLY B 387 -44.74 9.32 30.88
CA GLY B 387 -43.49 10.05 30.84
C GLY B 387 -42.32 9.09 30.91
N ILE B 388 -42.33 8.19 31.88
CA ILE B 388 -41.25 7.23 32.03
C ILE B 388 -41.17 6.32 30.82
N THR B 389 -42.31 5.89 30.28
CA THR B 389 -42.29 5.05 29.10
C THR B 389 -41.64 5.77 27.93
N ASN B 390 -41.98 7.04 27.72
CA ASN B 390 -41.39 7.82 26.63
C ASN B 390 -39.91 8.03 26.84
N LYS B 391 -39.51 8.14 28.10
CA LYS B 391 -38.12 8.33 28.46
C LYS B 391 -37.28 7.13 28.12
N VAL B 392 -37.78 5.96 28.46
CA VAL B 392 -37.09 4.72 28.18
C VAL B 392 -37.00 4.53 26.68
N ASN B 393 -38.09 4.80 25.98
CA ASN B 393 -38.09 4.65 24.55
C ASN B 393 -37.17 5.66 23.88
N SER B 394 -37.01 6.86 24.42
CA SER B 394 -36.09 7.81 23.80
C SER B 394 -34.67 7.26 23.83
N VAL B 395 -34.29 6.70 24.97
CA VAL B 395 -32.95 6.15 25.14
C VAL B 395 -32.70 5.00 24.18
N ILE B 396 -33.68 4.12 24.01
CA ILE B 396 -33.53 2.94 23.16
C ILE B 396 -33.75 3.20 21.66
N GLU B 397 -34.84 3.88 21.31
CA GLU B 397 -35.23 4.12 19.93
C GLU B 397 -34.31 5.07 19.19
N LYS B 398 -33.59 5.94 19.88
CA LYS B 398 -32.69 6.83 19.18
C LYS B 398 -31.36 6.16 18.84
N MET B 399 -31.15 4.92 19.25
CA MET B 399 -29.89 4.27 18.94
C MET B 399 -29.97 3.68 17.53
N ASN B 400 -28.94 3.94 16.71
CA ASN B 400 -28.92 3.46 15.33
C ASN B 400 -28.33 2.06 15.12
N THR B 401 -29.18 1.10 14.76
CA THR B 401 -28.74 -0.27 14.54
C THR B 401 -28.68 -0.58 13.05
N GLN B 402 -27.51 -1.00 12.58
CA GLN B 402 -27.21 -1.30 11.19
C GLN B 402 -26.51 -2.63 11.07
N PHE B 403 -26.61 -3.27 9.91
CA PHE B 403 -25.83 -4.50 9.70
C PHE B 403 -24.37 -4.13 9.65
N GLU B 404 -23.55 -4.89 10.36
CA GLU B 404 -22.10 -4.67 10.34
C GLU B 404 -21.35 -6.00 10.45
N ALA B 405 -20.12 -6.05 9.92
CA ALA B 405 -19.29 -7.25 10.03
C ALA B 405 -18.11 -7.06 11.00
N VAL B 406 -17.70 -5.81 11.17
CA VAL B 406 -16.63 -5.35 12.06
C VAL B 406 -15.19 -5.78 11.71
N GLY B 407 -14.96 -7.09 11.65
CA GLY B 407 -13.61 -7.62 11.46
C GLY B 407 -12.95 -7.30 10.12
N LYS B 408 -11.63 -7.14 10.18
CA LYS B 408 -10.74 -6.85 9.06
C LYS B 408 -9.52 -7.72 9.13
N GLU B 409 -8.90 -7.98 8.00
CA GLU B 409 -7.65 -8.72 7.95
C GLU B 409 -6.55 -7.85 7.42
N PHE B 410 -5.36 -7.97 8.01
CA PHE B 410 -4.18 -7.21 7.57
C PHE B 410 -2.97 -8.10 7.45
N SER B 411 -2.05 -7.74 6.56
CA SER B 411 -0.82 -8.51 6.37
C SER B 411 0.19 -8.08 7.40
N ASN B 412 1.32 -8.74 7.46
CA ASN B 412 2.36 -8.40 8.42
C ASN B 412 3.15 -7.15 8.05
N LEU B 413 2.86 -6.60 6.88
CA LEU B 413 3.51 -5.38 6.42
C LEU B 413 2.55 -4.22 6.45
N GLU B 414 1.42 -4.41 7.12
CA GLU B 414 0.40 -3.40 7.27
C GLU B 414 0.11 -3.14 8.73
N ARG B 415 1.15 -3.11 9.57
CA ARG B 415 0.98 -2.94 10.98
C ARG B 415 0.43 -1.58 11.33
N ARG B 416 0.78 -0.54 10.56
CA ARG B 416 0.27 0.76 10.92
C ARG B 416 -1.20 0.88 10.56
N LEU B 417 -1.63 0.16 9.52
CA LEU B 417 -3.01 0.20 9.09
C LEU B 417 -3.86 -0.60 10.05
N GLU B 418 -3.34 -1.73 10.52
CA GLU B 418 -4.06 -2.52 11.50
C GLU B 418 -4.22 -1.72 12.77
N ASN B 419 -3.17 -0.99 13.16
CA ASN B 419 -3.23 -0.18 14.35
C ASN B 419 -4.20 0.98 14.18
N LEU B 420 -4.29 1.55 12.97
CA LEU B 420 -5.22 2.62 12.70
C LEU B 420 -6.64 2.10 12.85
N ASN B 421 -6.90 0.91 12.33
CA ASN B 421 -8.20 0.28 12.44
C ASN B 421 -8.56 0.01 13.88
N LYS B 422 -7.62 -0.54 14.64
CA LYS B 422 -7.86 -0.84 16.04
C LYS B 422 -8.16 0.42 16.80
N LYS B 423 -7.39 1.47 16.58
CA LYS B 423 -7.61 2.69 17.31
C LYS B 423 -8.95 3.30 16.99
N MET B 424 -9.35 3.28 15.74
CA MET B 424 -10.63 3.83 15.36
C MET B 424 -11.74 3.08 16.09
N GLU B 425 -11.67 1.74 16.12
CA GLU B 425 -12.68 0.94 16.80
C GLU B 425 -12.68 1.13 18.32
N ASP B 426 -11.49 1.25 18.94
CA ASP B 426 -11.41 1.44 20.37
C ASP B 426 -11.92 2.80 20.74
N GLY B 427 -11.65 3.78 19.89
CA GLY B 427 -12.08 5.13 20.10
C GLY B 427 -13.58 5.21 20.14
N PHE B 428 -14.26 4.58 19.18
CA PHE B 428 -15.71 4.64 19.20
C PHE B 428 -16.27 3.88 20.36
N LEU B 429 -15.62 2.80 20.76
CA LEU B 429 -16.10 2.05 21.90
C LEU B 429 -16.03 2.88 23.17
N ASP B 430 -14.93 3.62 23.39
CA ASP B 430 -14.86 4.46 24.58
C ASP B 430 -15.91 5.56 24.54
N VAL B 431 -16.20 6.10 23.37
CA VAL B 431 -17.21 7.13 23.27
C VAL B 431 -18.58 6.60 23.61
N TRP B 432 -18.94 5.44 23.06
CA TRP B 432 -20.25 4.91 23.33
C TRP B 432 -20.39 4.37 24.74
N THR B 433 -19.32 3.85 25.32
CA THR B 433 -19.41 3.37 26.68
C THR B 433 -19.59 4.53 27.62
N TYR B 434 -18.82 5.60 27.44
CA TYR B 434 -18.90 6.76 28.30
C TYR B 434 -20.29 7.37 28.20
N ASN B 435 -20.81 7.51 26.99
CA ASN B 435 -22.12 8.07 26.84
C ASN B 435 -23.17 7.19 27.47
N ALA B 436 -23.06 5.86 27.35
CA ALA B 436 -24.05 4.98 27.93
C ALA B 436 -24.05 5.11 29.45
N GLU B 437 -22.86 5.21 30.04
CA GLU B 437 -22.74 5.32 31.48
C GLU B 437 -23.32 6.61 32.01
N LEU B 438 -23.07 7.73 31.34
CA LEU B 438 -23.60 8.98 31.86
C LEU B 438 -25.03 9.16 31.50
N LEU B 439 -25.49 8.62 30.40
CA LEU B 439 -26.88 8.80 30.10
C LEU B 439 -27.67 8.05 31.14
N VAL B 440 -27.26 6.86 31.52
CA VAL B 440 -28.00 6.15 32.53
C VAL B 440 -27.96 6.87 33.86
N LEU B 441 -26.78 7.34 34.29
CA LEU B 441 -26.76 8.00 35.57
C LEU B 441 -27.53 9.31 35.59
N MET B 442 -27.46 10.10 34.52
CA MET B 442 -28.16 11.36 34.49
C MET B 442 -29.65 11.13 34.41
N GLU B 443 -30.08 10.12 33.67
CA GLU B 443 -31.49 9.87 33.56
C GLU B 443 -32.01 9.34 34.88
N ASN B 444 -31.25 8.52 35.61
CA ASN B 444 -31.74 8.01 36.87
C ASN B 444 -31.85 9.11 37.92
N GLU B 445 -30.95 10.08 37.88
CA GLU B 445 -31.05 11.18 38.82
C GLU B 445 -32.36 11.89 38.58
N ARG B 446 -32.67 12.15 37.31
CA ARG B 446 -33.90 12.83 36.98
C ARG B 446 -35.14 12.00 37.26
N THR B 447 -35.12 10.68 37.04
CA THR B 447 -36.29 9.85 37.31
C THR B 447 -36.66 9.94 38.76
N LEU B 448 -35.68 9.85 39.63
CA LEU B 448 -36.05 9.88 41.02
C LEU B 448 -36.52 11.28 41.44
N ASP B 449 -35.94 12.36 40.89
CA ASP B 449 -36.43 13.69 41.24
C ASP B 449 -37.84 13.90 40.72
N PHE B 450 -38.13 13.34 39.55
CA PHE B 450 -39.42 13.40 38.89
C PHE B 450 -40.48 12.81 39.77
N HIS B 451 -40.21 11.64 40.32
CA HIS B 451 -41.19 11.02 41.17
C HIS B 451 -41.41 11.81 42.46
N ASP B 452 -40.36 12.37 43.04
CA ASP B 452 -40.53 13.13 44.26
C ASP B 452 -41.35 14.38 43.99
N SER B 453 -41.12 14.99 42.84
CA SER B 453 -41.83 16.18 42.44
C SER B 453 -43.30 15.87 42.27
N ASN B 454 -43.62 14.74 41.63
CA ASN B 454 -45.00 14.39 41.40
C ASN B 454 -45.80 14.11 42.66
N VAL B 455 -45.19 13.50 43.67
CA VAL B 455 -45.98 13.28 44.88
C VAL B 455 -46.16 14.61 45.61
N LYS B 456 -45.15 15.48 45.59
CA LYS B 456 -45.30 16.80 46.20
C LYS B 456 -46.34 17.60 45.46
N ASN B 457 -46.42 17.46 44.13
CA ASN B 457 -47.41 18.20 43.38
C ASN B 457 -48.80 17.78 43.79
N LEU B 458 -49.05 16.50 44.12
CA LEU B 458 -50.38 16.16 44.61
C LEU B 458 -50.62 16.83 45.92
N TYR B 459 -49.62 16.86 46.77
CA TYR B 459 -49.80 17.46 48.07
C TYR B 459 -50.26 18.89 47.96
N ASP B 460 -49.65 19.68 47.08
CA ASP B 460 -50.08 21.07 46.93
C ASP B 460 -51.35 21.18 46.10
N LYS B 461 -51.57 20.31 45.12
CA LYS B 461 -52.79 20.38 44.34
C LYS B 461 -53.98 20.25 45.26
N VAL B 462 -53.86 19.33 46.21
CA VAL B 462 -54.89 19.09 47.19
C VAL B 462 -54.93 20.19 48.25
N ARG B 463 -53.78 20.60 48.78
CA ARG B 463 -53.77 21.66 49.78
C ARG B 463 -54.48 22.90 49.29
N MET B 464 -54.29 23.25 48.01
CA MET B 464 -54.87 24.44 47.43
C MET B 464 -56.36 24.36 47.16
N GLN B 465 -56.99 23.18 47.23
CA GLN B 465 -58.43 23.17 47.04
C GLN B 465 -59.07 23.09 48.43
N LEU B 466 -58.36 22.49 49.38
CA LEU B 466 -58.88 22.33 50.72
C LEU B 466 -58.77 23.64 51.49
N ARG B 467 -57.76 24.42 51.15
CA ARG B 467 -57.52 25.73 51.70
C ARG B 467 -57.60 25.77 53.22
N ASP B 468 -58.55 26.52 53.76
CA ASP B 468 -58.66 26.71 55.20
C ASP B 468 -59.59 25.74 55.90
N ASN B 469 -60.11 24.73 55.20
CA ASN B 469 -61.02 23.82 55.86
C ASN B 469 -60.32 22.62 56.48
N VAL B 470 -59.00 22.60 56.37
CA VAL B 470 -58.20 21.52 56.93
C VAL B 470 -56.99 21.99 57.71
N LYS B 471 -56.47 21.10 58.53
CA LYS B 471 -55.21 21.30 59.22
C LYS B 471 -54.12 20.59 58.48
N GLU B 472 -52.97 21.23 58.37
CA GLU B 472 -51.84 20.55 57.78
C GLU B 472 -51.22 19.82 58.97
N LEU B 473 -51.03 18.52 58.87
CA LEU B 473 -50.50 17.82 60.04
C LEU B 473 -48.99 17.73 60.09
N GLY B 474 -48.35 18.15 59.01
CA GLY B 474 -46.88 18.17 58.91
C GLY B 474 -46.24 16.84 58.49
N ASN B 475 -47.04 15.82 58.23
CA ASN B 475 -46.53 14.52 57.86
C ASN B 475 -47.08 14.05 56.53
N GLY B 476 -47.43 14.99 55.65
CA GLY B 476 -47.98 14.66 54.34
C GLY B 476 -49.49 14.32 54.30
N CYS B 477 -50.28 14.79 55.31
CA CYS B 477 -51.72 14.53 55.47
C CYS B 477 -52.46 15.79 55.89
N PHE B 478 -53.77 15.74 55.68
CA PHE B 478 -54.67 16.81 56.05
C PHE B 478 -55.80 16.30 56.95
N GLU B 479 -56.18 17.11 57.93
CA GLU B 479 -57.30 16.75 58.79
C GLU B 479 -58.44 17.73 58.63
N PHE B 480 -59.62 17.23 58.42
CA PHE B 480 -60.76 18.10 58.15
C PHE B 480 -61.41 18.62 59.40
N TYR B 481 -61.80 19.90 59.37
CA TYR B 481 -62.52 20.43 60.50
C TYR B 481 -63.97 20.00 60.42
N HIS B 482 -64.51 20.04 59.20
CA HIS B 482 -65.88 19.67 58.96
C HIS B 482 -65.89 18.18 58.71
N LYS B 483 -66.91 17.49 59.14
CA LYS B 483 -66.93 16.07 58.84
C LYS B 483 -66.91 15.86 57.31
N CYS B 484 -66.05 14.93 56.85
CA CYS B 484 -65.82 14.58 55.46
C CYS B 484 -65.94 13.06 55.31
N ASP B 485 -66.99 12.66 54.59
CA ASP B 485 -67.45 11.29 54.32
C ASP B 485 -66.90 10.75 53.00
N ASP B 486 -67.34 9.57 52.55
CA ASP B 486 -66.80 9.01 51.31
C ASP B 486 -67.12 9.83 50.07
N GLU B 487 -68.26 10.50 50.03
CA GLU B 487 -68.56 11.33 48.85
C GLU B 487 -67.60 12.55 48.77
N CYS B 488 -67.27 13.16 49.95
CA CYS B 488 -66.28 14.24 50.14
C CYS B 488 -64.91 13.70 49.73
N MET B 489 -64.57 12.53 50.29
CA MET B 489 -63.29 11.88 49.90
C MET B 489 -63.24 11.77 48.37
N ASN B 490 -64.31 11.29 47.73
CA ASN B 490 -64.18 11.12 46.27
C ASN B 490 -63.83 12.48 45.64
N SER B 491 -64.50 13.57 46.09
CA SER B 491 -64.35 14.92 45.55
C SER B 491 -62.92 15.47 45.74
N VAL B 492 -62.37 15.26 46.93
CA VAL B 492 -61.03 15.72 47.27
C VAL B 492 -59.98 15.00 46.44
N LYS B 493 -60.22 13.71 46.21
CA LYS B 493 -59.34 12.83 45.46
C LYS B 493 -59.38 13.11 43.96
N ASN B 494 -60.27 14.01 43.55
CA ASN B 494 -60.46 14.44 42.18
C ASN B 494 -60.31 15.96 42.26
N GLY B 495 -60.44 16.67 41.17
CA GLY B 495 -60.33 18.13 41.28
C GLY B 495 -61.68 18.77 41.50
N THR B 496 -62.50 18.25 42.41
CA THR B 496 -63.84 18.78 42.55
C THR B 496 -64.20 19.24 43.96
N TYR B 497 -63.26 19.41 44.89
CA TYR B 497 -63.70 19.77 46.22
C TYR B 497 -64.42 21.10 46.22
N ASP B 498 -65.57 21.12 46.86
CA ASP B 498 -66.36 22.31 46.98
C ASP B 498 -66.02 23.04 48.26
N TYR B 499 -65.18 24.06 48.16
CA TYR B 499 -64.75 24.78 49.34
C TYR B 499 -65.92 25.45 50.10
N PRO B 500 -66.81 26.24 49.45
CA PRO B 500 -67.93 26.96 50.07
C PRO B 500 -68.88 26.12 50.94
N LYS B 501 -69.03 24.84 50.64
CA LYS B 501 -69.93 24.01 51.46
C LYS B 501 -69.37 23.57 52.80
N TYR B 502 -68.10 23.79 53.07
CA TYR B 502 -67.52 23.32 54.33
C TYR B 502 -66.93 24.50 55.09
N GLU B 503 -66.86 24.39 56.41
CA GLU B 503 -66.31 25.46 57.23
C GLU B 503 -65.58 24.99 58.48
N GLU B 504 -64.70 25.85 58.98
CA GLU B 504 -64.01 25.59 60.25
C GLU B 504 -64.97 25.72 61.42
N GLU B 505 -64.86 24.79 62.36
CA GLU B 505 -65.70 24.76 63.58
C GLU B 505 -65.46 25.90 64.60
N SER B 506 -64.21 26.39 64.73
CA SER B 506 -63.79 27.45 65.67
C SER B 506 -62.78 28.37 64.97
N ASP C 16 -36.99 33.08 70.58
CA ASP C 16 -37.74 34.12 69.88
C ASP C 16 -37.74 33.89 68.36
N GLN C 17 -36.55 33.87 67.70
CA GLN C 17 -36.42 33.73 66.24
C GLN C 17 -35.39 32.71 65.78
N ILE C 18 -35.79 31.89 64.80
CA ILE C 18 -34.84 30.97 64.19
C ILE C 18 -34.90 31.21 62.68
N CYS C 19 -33.73 31.29 62.01
CA CYS C 19 -33.57 31.50 60.57
C CYS C 19 -32.89 30.33 59.91
N ILE C 20 -33.23 30.11 58.66
CA ILE C 20 -32.59 29.10 57.82
C ILE C 20 -31.88 29.80 56.70
N GLY C 21 -30.62 29.46 56.51
CA GLY C 21 -29.80 30.12 55.51
C GLY C 21 -28.65 29.27 55.07
N TYR C 22 -27.71 29.90 54.38
CA TYR C 22 -26.59 29.20 53.83
C TYR C 22 -25.32 30.03 53.78
N HIS C 23 -24.24 29.29 53.69
CA HIS C 23 -22.84 29.68 53.64
C HIS C 23 -22.44 30.61 52.52
N ALA C 24 -21.58 31.54 52.86
CA ALA C 24 -20.99 32.47 51.93
C ALA C 24 -19.59 32.71 52.40
N ASN C 25 -18.71 33.10 51.50
CA ASN C 25 -17.33 33.32 51.87
C ASN C 25 -16.75 34.42 50.96
N ASN C 26 -15.41 34.55 50.95
CA ASN C 26 -14.64 35.55 50.19
C ASN C 26 -14.07 34.98 48.86
N SER C 27 -14.53 33.78 48.39
CA SER C 27 -14.08 33.13 47.16
C SER C 27 -14.48 33.86 45.90
N THR C 28 -13.57 33.83 44.93
CA THR C 28 -13.75 34.42 43.62
C THR C 28 -13.70 33.36 42.53
N GLU C 29 -13.88 32.09 42.91
CA GLU C 29 -13.89 31.03 41.90
C GLU C 29 -15.09 31.23 41.03
N LYS C 30 -14.96 31.10 39.72
CA LYS C 30 -16.16 31.27 38.89
C LYS C 30 -16.40 30.10 37.98
N VAL C 31 -17.67 29.82 37.74
CA VAL C 31 -18.06 28.76 36.83
C VAL C 31 -19.06 29.23 35.82
N ASP C 32 -19.18 28.48 34.74
CA ASP C 32 -20.24 28.73 33.78
C ASP C 32 -21.27 27.64 33.90
N THR C 33 -22.50 27.94 33.52
CA THR C 33 -23.57 26.97 33.52
C THR C 33 -24.25 27.13 32.18
N ILE C 34 -25.23 26.31 31.89
CA ILE C 34 -25.90 26.49 30.62
C ILE C 34 -26.59 27.85 30.53
N LEU C 35 -27.27 28.24 31.59
CA LEU C 35 -28.04 29.49 31.65
C LEU C 35 -27.27 30.74 32.06
N GLU C 36 -26.21 30.58 32.84
CA GLU C 36 -25.45 31.70 33.39
C GLU C 36 -23.98 31.69 33.01
N ARG C 37 -23.34 32.85 33.08
CA ARG C 37 -21.90 32.92 32.82
C ARG C 37 -21.24 33.67 33.98
N ASN C 38 -19.99 33.29 34.33
CA ASN C 38 -19.15 33.91 35.37
C ASN C 38 -19.85 33.99 36.75
N VAL C 39 -20.41 32.84 37.22
CA VAL C 39 -21.10 32.72 38.49
C VAL C 39 -20.09 32.48 39.57
N THR C 40 -20.07 33.31 40.60
CA THR C 40 -19.09 33.12 41.64
C THR C 40 -19.60 32.04 42.57
N VAL C 41 -18.75 31.10 42.93
CA VAL C 41 -19.15 30.02 43.81
C VAL C 41 -18.25 29.93 45.03
N THR C 42 -18.74 29.31 46.09
CA THR C 42 -17.97 29.21 47.33
C THR C 42 -16.82 28.23 47.21
N HIS C 43 -17.01 27.20 46.39
CA HIS C 43 -16.03 26.15 46.16
C HIS C 43 -16.10 25.68 44.72
N ALA C 44 -14.97 25.31 44.13
CA ALA C 44 -14.96 24.78 42.78
C ALA C 44 -13.78 23.84 42.58
N LYS C 45 -13.88 22.95 41.59
CA LYS C 45 -12.80 22.06 41.25
C LYS C 45 -12.45 22.12 39.78
N ASP C 46 -11.18 22.36 39.50
CA ASP C 46 -10.67 22.42 38.14
C ASP C 46 -10.29 21.01 37.71
N ILE C 47 -10.93 20.50 36.66
CA ILE C 47 -10.70 19.13 36.24
C ILE C 47 -9.85 19.02 34.96
N LEU C 48 -9.26 20.15 34.54
CA LEU C 48 -8.40 20.18 33.37
C LEU C 48 -6.96 20.48 33.78
N GLU C 49 -6.03 19.59 33.43
CA GLU C 49 -4.63 19.81 33.74
C GLU C 49 -3.99 20.71 32.70
N LYS C 50 -3.34 21.76 33.17
CA LYS C 50 -2.78 22.76 32.30
C LYS C 50 -1.27 22.83 32.31
N THR C 51 -0.63 22.25 33.32
CA THR C 51 0.81 22.40 33.43
C THR C 51 1.58 21.12 33.23
N HIS C 52 2.86 21.29 33.05
CA HIS C 52 3.84 20.23 32.88
C HIS C 52 5.14 20.77 33.42
N ASN C 53 6.12 19.91 33.64
CA ASN C 53 7.37 20.43 34.21
C ASN C 53 8.44 20.93 33.25
N GLY C 54 8.20 20.95 31.94
CA GLY C 54 9.21 21.44 31.00
C GLY C 54 10.38 20.48 30.72
N LYS C 55 10.35 19.28 31.28
CA LYS C 55 11.45 18.34 31.15
C LYS C 55 11.12 17.03 30.48
N LEU C 56 12.11 16.43 29.87
CA LEU C 56 11.95 15.07 29.35
C LEU C 56 12.51 14.15 30.43
N CYS C 57 11.61 13.31 31.00
CA CYS C 57 11.82 12.44 32.16
C CYS C 57 11.92 10.97 31.78
N LYS C 58 12.43 10.19 32.72
CA LYS C 58 12.48 8.75 32.60
C LYS C 58 11.03 8.34 32.72
N LEU C 59 10.60 7.36 31.96
CA LEU C 59 9.20 6.95 32.04
C LEU C 59 9.14 5.66 32.79
N ASN C 60 8.41 5.68 33.91
CA ASN C 60 8.29 4.54 34.81
C ASN C 60 9.66 4.10 35.33
N GLY C 61 10.56 5.07 35.52
CA GLY C 61 11.90 4.83 36.04
C GLY C 61 12.95 4.44 35.00
N ILE C 62 12.55 4.25 33.75
CA ILE C 62 13.49 3.84 32.72
C ILE C 62 13.80 4.99 31.73
N PRO C 63 15.05 5.35 31.51
CA PRO C 63 15.44 6.42 30.60
C PRO C 63 15.00 6.13 29.18
N PRO C 64 14.81 7.13 28.35
CA PRO C 64 14.53 7.05 26.94
C PRO C 64 15.78 6.72 26.18
N LEU C 65 15.63 6.33 24.93
CA LEU C 65 16.76 6.20 24.05
C LEU C 65 16.96 7.52 23.39
N GLU C 66 18.05 8.18 23.71
CA GLU C 66 18.26 9.49 23.14
C GLU C 66 19.17 9.32 21.96
N LEU C 67 18.65 9.55 20.76
CA LEU C 67 19.42 9.33 19.56
C LEU C 67 20.28 10.52 19.21
N GLY C 68 20.05 11.63 19.89
CA GLY C 68 20.79 12.83 19.57
C GLY C 68 20.48 13.21 18.15
N ASP C 69 21.50 13.35 17.32
CA ASP C 69 21.31 13.75 15.94
C ASP C 69 21.08 12.60 14.93
N CYS C 70 21.00 11.33 15.40
CA CYS C 70 20.84 10.11 14.61
C CYS C 70 19.37 9.80 14.30
N SER C 71 19.18 9.18 13.16
CA SER C 71 17.88 8.67 12.77
C SER C 71 17.83 7.20 13.15
N ILE C 72 16.67 6.58 13.05
CA ILE C 72 16.56 5.16 13.32
C ILE C 72 17.40 4.37 12.32
N ALA C 73 17.34 4.73 11.04
CA ALA C 73 18.15 4.01 10.06
C ALA C 73 19.63 4.15 10.34
N GLY C 74 20.07 5.35 10.74
CA GLY C 74 21.48 5.57 11.01
C GLY C 74 21.92 4.69 12.16
N TRP C 75 21.09 4.61 13.17
CA TRP C 75 21.35 3.82 14.34
C TRP C 75 21.50 2.34 14.06
N LEU C 76 20.54 1.76 13.35
CA LEU C 76 20.54 0.34 13.07
C LEU C 76 21.58 -0.07 12.05
N LEU C 77 21.89 0.79 11.08
CA LEU C 77 22.89 0.44 10.10
C LEU C 77 24.28 0.65 10.65
N GLY C 78 24.45 1.57 11.59
CA GLY C 78 25.77 1.79 12.13
C GLY C 78 26.47 3.00 11.54
N ASN C 79 25.73 4.05 11.22
CA ASN C 79 26.35 5.27 10.73
C ASN C 79 27.53 5.57 11.64
N PRO C 80 28.76 5.80 11.14
CA PRO C 80 29.95 6.09 11.91
C PRO C 80 29.80 7.24 12.89
N GLU C 81 28.84 8.12 12.68
CA GLU C 81 28.65 9.24 13.60
C GLU C 81 27.71 8.92 14.81
N CYS C 82 27.19 7.67 14.87
CA CYS C 82 26.25 7.13 15.85
C CYS C 82 26.97 6.08 16.71
N ASP C 83 28.29 6.22 16.89
CA ASP C 83 29.05 5.23 17.65
C ASP C 83 28.59 5.08 19.09
N ARG C 84 28.05 6.14 19.64
CA ARG C 84 27.54 6.16 21.01
C ARG C 84 26.31 5.26 21.17
N LEU C 85 25.70 4.85 20.05
CA LEU C 85 24.53 4.01 20.03
C LEU C 85 24.83 2.55 19.66
N LEU C 86 26.11 2.17 19.59
CA LEU C 86 26.45 0.79 19.24
C LEU C 86 26.04 -0.21 20.31
N SER C 87 26.01 0.22 21.55
CA SER C 87 25.58 -0.62 22.66
C SER C 87 24.53 0.16 23.40
N VAL C 88 23.29 -0.32 23.33
CA VAL C 88 22.16 0.38 23.88
C VAL C 88 21.43 -0.36 25.00
N PRO C 89 21.24 0.25 26.18
CA PRO C 89 20.52 -0.25 27.32
C PRO C 89 19.04 -0.14 27.06
N GLU C 90 18.24 -0.81 27.87
CA GLU C 90 16.79 -0.75 27.76
C GLU C 90 16.27 0.65 27.84
N TRP C 91 15.32 0.97 26.95
CA TRP C 91 14.71 2.29 26.94
C TRP C 91 13.22 2.22 27.13
N SER C 92 12.67 3.31 27.68
CA SER C 92 11.24 3.47 27.90
C SER C 92 10.46 4.07 26.75
N TYR C 93 11.13 4.85 25.91
CA TYR C 93 10.60 5.54 24.72
C TYR C 93 11.79 5.96 23.90
N ILE C 94 11.56 6.34 22.65
CA ILE C 94 12.66 6.81 21.83
C ILE C 94 12.55 8.27 21.53
N MET C 95 13.62 9.01 21.76
CA MET C 95 13.68 10.42 21.45
C MET C 95 14.42 10.67 20.16
N GLU C 96 13.65 10.90 19.11
CA GLU C 96 14.25 11.10 17.81
C GLU C 96 14.10 12.59 17.53
N LYS C 97 15.14 13.21 17.03
CA LYS C 97 15.08 14.61 16.68
C LYS C 97 14.30 14.72 15.40
N GLU C 98 13.55 15.77 15.19
CA GLU C 98 12.89 15.92 13.91
C GLU C 98 13.97 16.33 12.92
N ASN C 99 13.95 15.76 11.73
CA ASN C 99 14.96 16.09 10.73
C ASN C 99 16.40 15.89 11.24
N PRO C 100 16.77 14.66 11.66
CA PRO C 100 18.06 14.28 12.19
C PRO C 100 19.08 14.33 11.08
N ARG C 101 20.35 14.50 11.45
CA ARG C 101 21.44 14.55 10.48
C ARG C 101 22.06 13.20 10.15
N ASP C 102 22.30 12.41 11.17
CA ASP C 102 23.07 11.19 11.02
C ASP C 102 22.19 10.01 10.62
N GLY C 103 21.81 10.04 9.36
CA GLY C 103 20.93 9.05 8.75
C GLY C 103 21.71 8.21 7.76
N LEU C 104 21.24 8.14 6.55
CA LEU C 104 21.96 7.33 5.60
C LEU C 104 23.08 8.18 5.00
N CYS C 105 24.33 8.03 5.56
CA CYS C 105 25.53 8.77 5.16
C CYS C 105 25.90 8.47 3.72
N TYR C 106 25.57 7.28 3.28
CA TYR C 106 25.76 6.94 1.91
C TYR C 106 24.34 7.14 1.43
N PRO C 107 24.07 7.98 0.43
CA PRO C 107 22.74 8.34 0.01
C PRO C 107 22.00 7.13 -0.42
N GLY C 108 20.71 7.11 -0.17
CA GLY C 108 19.95 5.96 -0.53
C GLY C 108 18.56 6.05 0.03
N SER C 109 17.96 4.90 0.22
CA SER C 109 16.60 4.79 0.70
C SER C 109 16.45 3.57 1.56
N PHE C 110 15.40 3.55 2.37
CA PHE C 110 15.15 2.42 3.22
C PHE C 110 13.69 2.03 3.00
N ASN C 111 13.46 0.81 2.57
CA ASN C 111 12.12 0.32 2.27
C ASN C 111 11.37 -0.03 3.52
N ASP C 112 10.06 0.24 3.52
CA ASP C 112 9.21 -0.07 4.66
C ASP C 112 9.80 0.51 5.93
N TYR C 113 10.28 1.73 5.83
CA TYR C 113 10.91 2.40 6.94
C TYR C 113 9.91 2.80 7.98
N GLU C 114 8.75 3.29 7.57
CA GLU C 114 7.74 3.70 8.52
C GLU C 114 7.22 2.49 9.29
N GLU C 115 7.12 1.34 8.60
CA GLU C 115 6.69 0.11 9.26
C GLU C 115 7.73 -0.32 10.26
N LEU C 116 9.02 -0.13 9.95
CA LEU C 116 10.06 -0.46 10.92
C LEU C 116 10.00 0.45 12.11
N LYS C 117 9.82 1.75 11.90
CA LYS C 117 9.75 2.65 13.03
C LYS C 117 8.58 2.28 13.92
N HIS C 118 7.47 1.87 13.31
CA HIS C 118 6.29 1.42 14.06
C HIS C 118 6.64 0.16 14.84
N LEU C 119 7.31 -0.80 14.20
CA LEU C 119 7.72 -2.03 14.86
C LEU C 119 8.54 -1.77 16.08
N LEU C 120 9.43 -0.80 16.01
CA LEU C 120 10.34 -0.47 17.10
C LEU C 120 9.67 0.20 18.27
N SER C 121 8.41 0.57 18.11
CA SER C 121 7.68 1.18 19.19
C SER C 121 7.47 0.13 20.27
N SER C 122 6.84 -0.99 19.94
CA SER C 122 6.63 -2.03 20.94
C SER C 122 7.82 -2.98 21.03
N VAL C 123 8.98 -2.43 21.36
CA VAL C 123 10.20 -3.22 21.47
C VAL C 123 10.98 -3.00 22.76
N LYS C 124 11.32 -1.76 23.07
CA LYS C 124 12.23 -1.47 24.18
C LYS C 124 13.55 -2.20 23.94
N HIS C 125 14.13 -2.87 24.89
CA HIS C 125 15.44 -3.46 24.60
C HIS C 125 15.49 -4.53 23.50
N PHE C 126 16.63 -4.55 22.80
CA PHE C 126 17.00 -5.60 21.84
C PHE C 126 18.48 -5.83 21.93
N GLU C 127 18.90 -7.03 21.59
CA GLU C 127 20.30 -7.44 21.62
C GLU C 127 20.93 -7.54 20.25
N LYS C 128 22.08 -6.91 20.07
CA LYS C 128 22.72 -7.04 18.78
C LYS C 128 23.52 -8.35 18.77
N VAL C 129 23.23 -9.21 17.79
CA VAL C 129 23.79 -10.54 17.65
C VAL C 129 24.58 -10.69 16.37
N LYS C 130 25.80 -11.19 16.45
CA LYS C 130 26.54 -11.37 15.21
C LYS C 130 26.01 -12.59 14.49
N ILE C 131 25.59 -12.43 13.24
CA ILE C 131 25.01 -13.54 12.48
C ILE C 131 25.93 -14.05 11.39
N LEU C 132 26.59 -13.14 10.69
CA LEU C 132 27.45 -13.44 9.55
C LEU C 132 28.77 -12.71 9.71
N PRO C 133 29.69 -13.20 10.55
CA PRO C 133 30.89 -12.52 10.93
C PRO C 133 31.64 -12.05 9.71
N LYS C 134 32.17 -10.86 9.76
CA LYS C 134 32.85 -10.28 8.62
C LYS C 134 33.95 -11.17 8.05
N ASP C 135 34.68 -11.87 8.90
CA ASP C 135 35.79 -12.67 8.43
C ASP C 135 35.40 -14.01 7.84
N ARG C 136 34.11 -14.27 7.69
CA ARG C 136 33.71 -15.51 7.05
C ARG C 136 33.78 -15.29 5.57
N TRP C 137 33.81 -14.02 5.15
CA TRP C 137 33.76 -13.72 3.74
C TRP C 137 35.12 -13.77 3.13
N THR C 138 35.64 -14.95 3.04
CA THR C 138 36.92 -15.13 2.43
C THR C 138 36.59 -15.12 0.97
N GLN C 139 37.58 -14.97 0.12
CA GLN C 139 37.40 -14.97 -1.32
C GLN C 139 36.61 -13.73 -1.80
N HIS C 140 36.43 -12.76 -0.92
CA HIS C 140 35.78 -11.46 -1.11
C HIS C 140 36.54 -10.37 -0.42
N THR C 141 36.34 -9.14 -0.84
CA THR C 141 36.91 -8.00 -0.15
C THR C 141 35.84 -7.43 0.77
N THR C 142 36.18 -7.28 2.04
CA THR C 142 35.28 -6.80 3.09
C THR C 142 35.65 -5.44 3.65
N THR C 143 36.57 -4.77 2.98
CA THR C 143 37.15 -3.51 3.41
C THR C 143 36.78 -2.32 2.56
N GLY C 144 35.68 -2.42 1.84
CA GLY C 144 35.27 -1.31 0.99
C GLY C 144 34.65 -0.22 1.84
N GLY C 145 34.34 0.91 1.22
CA GLY C 145 33.79 2.04 1.95
C GLY C 145 33.70 3.24 1.03
N SER C 146 33.34 4.37 1.59
CA SER C 146 33.16 5.59 0.84
C SER C 146 33.49 6.83 1.61
N ARG C 147 33.92 7.87 0.89
CA ARG C 147 34.24 9.13 1.52
C ARG C 147 32.99 9.74 2.16
N ALA C 148 31.82 9.35 1.66
CA ALA C 148 30.55 9.85 2.19
C ALA C 148 30.34 9.55 3.69
N CYS C 149 30.88 8.40 4.19
CA CYS C 149 30.75 7.91 5.55
C CYS C 149 32.13 7.98 6.22
N ALA C 150 33.02 8.82 5.70
CA ALA C 150 34.39 8.90 6.20
C ALA C 150 34.52 9.32 7.64
N VAL C 151 35.51 8.74 8.29
CA VAL C 151 35.84 9.02 9.66
C VAL C 151 37.26 9.55 9.70
N SER C 152 37.43 10.78 10.17
CA SER C 152 38.75 11.40 10.19
C SER C 152 39.39 11.37 8.80
N GLY C 153 38.60 11.73 7.78
CA GLY C 153 39.08 11.79 6.39
C GLY C 153 38.98 10.46 5.66
N ASN C 154 39.48 9.43 6.30
CA ASN C 154 39.52 8.08 5.76
C ASN C 154 38.13 7.52 5.42
N PRO C 155 37.89 7.00 4.20
CA PRO C 155 36.64 6.42 3.76
C PRO C 155 36.22 5.33 4.73
N SER C 156 34.94 5.21 4.96
CA SER C 156 34.44 4.20 5.88
C SER C 156 33.05 3.78 5.50
N PHE C 157 32.37 3.08 6.39
CA PHE C 157 31.06 2.58 6.03
C PHE C 157 30.19 2.33 7.25
N PHE C 158 28.97 1.90 7.02
CA PHE C 158 28.07 1.60 8.09
C PHE C 158 28.71 0.49 8.87
N ARG C 159 28.75 0.61 10.19
CA ARG C 159 29.45 -0.36 10.98
C ARG C 159 28.81 -1.71 11.17
N ASN C 160 27.51 -1.84 10.97
CA ASN C 160 26.91 -3.15 11.14
C ASN C 160 26.74 -3.85 9.80
N MET C 161 27.31 -3.27 8.73
CA MET C 161 27.13 -3.80 7.39
C MET C 161 28.46 -4.11 6.70
N VAL C 162 28.46 -5.09 5.82
CA VAL C 162 29.64 -5.44 5.06
C VAL C 162 29.44 -5.13 3.59
N TRP C 163 30.26 -4.25 3.05
CA TRP C 163 30.12 -3.95 1.64
C TRP C 163 31.00 -4.91 0.91
N LEU C 164 30.42 -5.91 0.27
CA LEU C 164 31.27 -6.88 -0.37
C LEU C 164 31.62 -6.36 -1.73
N THR C 165 32.90 -6.46 -2.07
CA THR C 165 33.42 -6.09 -3.37
C THR C 165 34.37 -7.17 -3.88
N LYS C 166 34.85 -6.92 -5.10
CA LYS C 166 35.72 -7.89 -5.81
C LYS C 166 37.04 -8.09 -5.09
N LYS C 167 37.57 -9.32 -5.14
CA LYS C 167 38.86 -9.67 -4.56
C LYS C 167 39.76 -10.09 -5.69
N GLY C 168 40.93 -9.49 -5.80
CA GLY C 168 41.72 -9.82 -6.97
C GLY C 168 40.86 -9.27 -8.09
N SER C 169 40.52 -10.09 -9.08
CA SER C 169 39.70 -9.66 -10.18
C SER C 169 38.36 -10.39 -10.20
N ASN C 170 38.07 -11.17 -9.13
CA ASN C 170 36.85 -11.97 -9.08
C ASN C 170 35.85 -11.69 -7.98
N TYR C 171 34.59 -11.96 -8.29
CA TYR C 171 33.51 -11.87 -7.32
C TYR C 171 32.71 -13.18 -7.35
N PRO C 172 33.08 -14.19 -6.54
CA PRO C 172 32.48 -15.51 -6.41
C PRO C 172 31.07 -15.31 -5.94
N VAL C 173 30.19 -16.26 -6.11
CA VAL C 173 28.87 -15.96 -5.63
C VAL C 173 28.98 -15.81 -4.13
N ALA C 174 28.42 -14.73 -3.62
CA ALA C 174 28.43 -14.43 -2.22
C ALA C 174 27.29 -15.14 -1.58
N LYS C 175 27.60 -16.10 -0.74
CA LYS C 175 26.56 -16.87 -0.10
C LYS C 175 26.74 -16.90 1.39
N GLY C 176 25.64 -17.08 2.08
CA GLY C 176 25.66 -17.33 3.51
C GLY C 176 24.27 -17.41 4.08
N SER C 177 24.15 -18.00 5.24
CA SER C 177 22.85 -18.10 5.89
C SER C 177 22.93 -18.10 7.39
N TYR C 178 21.79 -17.80 8.00
CA TYR C 178 21.67 -17.83 9.44
C TYR C 178 20.37 -18.47 9.94
N ASN C 179 20.51 -19.44 10.87
CA ASN C 179 19.44 -20.16 11.56
C ASN C 179 19.16 -19.44 12.89
N ASN C 180 17.91 -18.94 13.10
CA ASN C 180 17.61 -18.16 14.30
C ASN C 180 17.38 -19.04 15.51
N THR C 181 18.47 -19.23 16.22
CA THR C 181 18.52 -20.03 17.42
C THR C 181 18.79 -19.12 18.61
N SER C 182 18.61 -17.81 18.41
CA SER C 182 18.91 -16.77 19.40
C SER C 182 17.96 -16.71 20.60
N GLY C 183 16.81 -17.34 20.46
CA GLY C 183 15.77 -17.39 21.47
C GLY C 183 14.56 -16.49 21.22
N GLU C 184 14.67 -15.55 20.28
CA GLU C 184 13.56 -14.65 19.96
C GLU C 184 13.66 -14.13 18.52
N GLN C 185 12.54 -13.66 18.00
CA GLN C 185 12.42 -13.11 16.65
C GLN C 185 13.47 -12.03 16.42
N MET C 186 14.14 -12.13 15.26
CA MET C 186 15.23 -11.22 14.94
C MET C 186 15.05 -10.30 13.74
N LEU C 187 15.50 -9.06 13.88
CA LEU C 187 15.49 -8.09 12.81
C LEU C 187 16.75 -8.10 11.98
N ILE C 188 16.60 -8.34 10.69
CA ILE C 188 17.72 -8.42 9.78
C ILE C 188 17.58 -7.39 8.67
N ILE C 189 18.64 -6.63 8.47
CA ILE C 189 18.73 -5.57 7.47
C ILE C 189 19.78 -5.89 6.43
N TRP C 190 19.50 -5.63 5.17
CA TRP C 190 20.48 -5.85 4.09
C TRP C 190 20.24 -4.83 3.02
N GLY C 191 21.14 -4.70 2.06
CA GLY C 191 20.83 -3.77 0.99
C GLY C 191 21.49 -4.07 -0.34
N VAL C 192 21.17 -3.22 -1.32
CA VAL C 192 21.65 -3.31 -2.69
C VAL C 192 22.29 -2.01 -3.14
N HIS C 193 23.47 -2.12 -3.69
CA HIS C 193 24.15 -0.94 -4.22
C HIS C 193 23.73 -0.69 -5.67
N HIS C 194 23.44 0.57 -5.98
CA HIS C 194 23.04 1.03 -7.29
C HIS C 194 24.06 2.05 -7.84
N PRO C 195 25.00 1.64 -8.69
CA PRO C 195 26.09 2.42 -9.25
C PRO C 195 25.62 3.58 -10.11
N ASN C 196 26.47 4.60 -10.22
CA ASN C 196 26.18 5.74 -11.07
C ASN C 196 26.39 5.33 -12.54
N ASP C 197 27.35 4.46 -12.80
CA ASP C 197 27.57 3.99 -14.17
C ASP C 197 28.15 2.57 -14.26
N GLU C 198 28.31 2.07 -15.49
CA GLU C 198 28.84 0.74 -15.72
C GLU C 198 30.28 0.60 -15.28
N THR C 199 31.06 1.67 -15.40
CA THR C 199 32.45 1.61 -14.98
C THR C 199 32.50 1.31 -13.50
N GLU C 200 31.69 2.00 -12.69
CA GLU C 200 31.65 1.77 -11.26
C GLU C 200 31.25 0.33 -10.97
N GLN C 201 30.27 -0.20 -11.72
CA GLN C 201 29.83 -1.57 -11.52
C GLN C 201 30.95 -2.54 -11.75
N ARG C 202 31.72 -2.37 -12.83
CA ARG C 202 32.84 -3.25 -13.14
C ARG C 202 34.01 -3.09 -12.20
N THR C 203 34.23 -1.89 -11.70
CA THR C 203 35.31 -1.60 -10.78
C THR C 203 35.07 -2.25 -9.42
N LEU C 204 33.84 -2.19 -8.92
CA LEU C 204 33.53 -2.79 -7.64
C LEU C 204 33.22 -4.28 -7.73
N TYR C 205 32.58 -4.70 -8.81
CA TYR C 205 32.18 -6.08 -9.01
C TYR C 205 32.64 -6.46 -10.39
N GLN C 206 33.23 -7.60 -10.58
CA GLN C 206 33.61 -7.88 -11.96
C GLN C 206 32.38 -8.12 -12.83
N ASN C 207 31.39 -8.76 -12.23
CA ASN C 207 30.17 -9.19 -12.88
C ASN C 207 29.25 -8.00 -13.10
N VAL C 208 28.59 -7.94 -14.26
CA VAL C 208 27.65 -6.83 -14.50
C VAL C 208 26.17 -7.19 -14.40
N GLY C 209 25.74 -8.29 -15.00
CA GLY C 209 24.32 -8.66 -14.94
C GLY C 209 24.02 -9.37 -13.63
N THR C 210 24.19 -8.64 -12.53
CA THR C 210 24.09 -9.17 -11.19
C THR C 210 22.71 -9.17 -10.59
N TYR C 211 22.57 -9.92 -9.52
CA TYR C 211 21.36 -9.98 -8.72
C TYR C 211 21.70 -10.21 -7.26
N VAL C 212 20.75 -9.85 -6.41
CA VAL C 212 20.77 -10.12 -4.99
C VAL C 212 19.51 -10.87 -4.58
N SER C 213 19.65 -12.04 -4.00
CA SER C 213 18.52 -12.88 -3.62
C SER C 213 18.51 -13.20 -2.14
N VAL C 214 17.39 -12.88 -1.49
CA VAL C 214 17.24 -13.12 -0.07
C VAL C 214 15.95 -13.85 0.25
N GLY C 215 15.98 -14.83 1.14
CA GLY C 215 14.73 -15.47 1.51
C GLY C 215 14.72 -16.30 2.77
N THR C 216 13.51 -16.53 3.25
CA THR C 216 13.14 -17.26 4.49
C THR C 216 11.95 -18.15 4.17
N SER C 217 11.27 -18.66 5.20
CA SER C 217 10.09 -19.48 4.93
C SER C 217 8.93 -18.60 4.39
N THR C 218 9.00 -17.28 4.60
CA THR C 218 7.98 -16.35 4.14
C THR C 218 8.47 -15.28 3.15
N LEU C 219 9.77 -15.01 3.14
CA LEU C 219 10.37 -13.98 2.31
C LEU C 219 10.97 -14.55 1.05
N ASN C 220 10.62 -13.98 -0.09
CA ASN C 220 11.15 -14.41 -1.37
C ASN C 220 11.46 -13.20 -2.22
N LYS C 221 12.64 -12.62 -2.07
CA LYS C 221 12.91 -11.39 -2.78
C LYS C 221 14.16 -11.42 -3.63
N ARG C 222 14.02 -11.02 -4.90
CA ARG C 222 15.17 -10.96 -5.78
C ARG C 222 15.25 -9.59 -6.43
N SER C 223 16.35 -8.90 -6.22
CA SER C 223 16.55 -7.56 -6.75
C SER C 223 17.73 -7.51 -7.69
N THR C 224 17.71 -6.54 -8.58
CA THR C 224 18.86 -6.30 -9.45
C THR C 224 19.18 -4.84 -9.25
N PRO C 225 20.41 -4.40 -9.42
CA PRO C 225 20.81 -3.02 -9.35
C PRO C 225 20.34 -2.22 -10.54
N ASP C 226 20.06 -0.95 -10.32
CA ASP C 226 19.72 -0.02 -11.37
C ASP C 226 20.88 0.92 -11.62
N ILE C 227 21.57 0.74 -12.72
CA ILE C 227 22.70 1.59 -12.98
C ILE C 227 22.22 2.80 -13.74
N ALA C 228 22.44 3.98 -13.17
CA ALA C 228 21.96 5.20 -13.80
C ALA C 228 22.69 6.41 -13.29
N THR C 229 22.80 7.43 -14.12
CA THR C 229 23.36 8.68 -13.64
C THR C 229 22.32 9.35 -12.80
N ARG C 230 22.72 9.80 -11.62
CA ARG C 230 21.79 10.46 -10.73
C ARG C 230 22.41 11.75 -10.20
N PRO C 231 21.61 12.74 -9.74
CA PRO C 231 22.09 13.93 -9.08
C PRO C 231 22.89 13.49 -7.87
N LYS C 232 23.95 14.20 -7.55
CA LYS C 232 24.73 13.79 -6.41
C LYS C 232 24.14 14.19 -5.09
N VAL C 233 24.19 13.27 -4.14
CA VAL C 233 23.77 13.50 -2.77
C VAL C 233 24.95 13.11 -1.90
N ASN C 234 25.41 14.02 -1.05
CA ASN C 234 26.58 13.81 -0.21
C ASN C 234 27.79 13.46 -1.07
N GLY C 235 27.87 14.04 -2.26
CA GLY C 235 28.98 13.83 -3.18
C GLY C 235 28.86 12.60 -4.08
N GLN C 236 27.85 11.76 -3.89
CA GLN C 236 27.78 10.55 -4.72
C GLN C 236 26.57 10.48 -5.64
N GLY C 237 26.79 9.98 -6.85
CA GLY C 237 25.70 9.82 -7.83
C GLY C 237 25.07 8.43 -7.76
N GLY C 238 25.56 7.66 -6.83
CA GLY C 238 25.10 6.32 -6.59
C GLY C 238 24.08 6.32 -5.48
N ARG C 239 23.36 5.22 -5.32
CA ARG C 239 22.41 5.08 -4.24
C ARG C 239 22.51 3.72 -3.58
N MET C 240 22.23 3.64 -2.31
CA MET C 240 22.20 2.33 -1.66
C MET C 240 20.83 2.08 -1.02
N GLU C 241 20.18 1.00 -1.43
CA GLU C 241 18.84 0.66 -0.98
C GLU C 241 18.81 -0.38 0.10
N PHE C 242 18.17 -0.08 1.22
CA PHE C 242 18.10 -1.04 2.32
C PHE C 242 16.70 -1.56 2.52
N SER C 243 16.62 -2.79 3.00
CA SER C 243 15.36 -3.44 3.31
C SER C 243 15.53 -4.34 4.50
N TRP C 244 14.41 -4.78 5.07
CA TRP C 244 14.51 -5.60 6.25
C TRP C 244 13.42 -6.62 6.39
N THR C 245 13.70 -7.64 7.18
CA THR C 245 12.70 -8.61 7.53
C THR C 245 12.82 -9.00 8.98
N LEU C 246 11.86 -9.77 9.44
CA LEU C 246 11.92 -10.39 10.75
C LEU C 246 12.01 -11.86 10.53
N LEU C 247 13.03 -12.43 11.11
CA LEU C 247 13.25 -13.82 10.98
C LEU C 247 12.63 -14.49 12.19
N ASP C 248 11.65 -15.31 11.90
CA ASP C 248 10.90 -15.99 12.93
C ASP C 248 11.79 -16.95 13.62
N MET C 249 11.46 -17.24 14.85
CA MET C 249 12.29 -18.11 15.62
C MET C 249 12.33 -19.47 14.97
N TRP C 250 13.53 -20.05 14.94
CA TRP C 250 13.91 -21.32 14.36
C TRP C 250 13.86 -21.35 12.83
N ASP C 251 13.65 -20.21 12.17
CA ASP C 251 13.69 -20.22 10.71
C ASP C 251 15.10 -19.91 10.24
N THR C 252 15.33 -19.93 8.93
CA THR C 252 16.62 -19.65 8.34
C THR C 252 16.57 -18.63 7.23
N ILE C 253 17.49 -17.68 7.26
CA ILE C 253 17.55 -16.70 6.19
C ILE C 253 18.74 -16.99 5.32
N ASN C 254 18.51 -17.06 4.02
CA ASN C 254 19.58 -17.30 3.08
C ASN C 254 19.84 -16.06 2.26
N PHE C 255 21.12 -15.82 1.96
CA PHE C 255 21.53 -14.75 1.07
C PHE C 255 22.36 -15.33 -0.06
N GLU C 256 22.16 -14.80 -1.26
CA GLU C 256 22.96 -15.14 -2.42
C GLU C 256 23.14 -13.95 -3.35
N SER C 257 24.37 -13.70 -3.77
CA SER C 257 24.60 -12.59 -4.69
C SER C 257 25.75 -12.72 -5.66
N THR C 258 25.59 -12.12 -6.83
CA THR C 258 26.66 -12.06 -7.83
C THR C 258 27.24 -10.65 -7.91
N GLY C 259 26.81 -9.80 -7.00
CA GLY C 259 27.29 -8.45 -6.90
C GLY C 259 26.26 -7.56 -6.29
N ASN C 260 26.71 -6.39 -5.88
CA ASN C 260 25.91 -5.33 -5.31
C ASN C 260 25.26 -5.65 -3.97
N LEU C 261 25.77 -6.62 -3.24
CA LEU C 261 25.25 -6.96 -1.92
C LEU C 261 25.98 -6.31 -0.75
N ILE C 262 25.18 -5.65 0.07
CA ILE C 262 25.61 -5.08 1.31
C ILE C 262 25.02 -6.03 2.35
N ALA C 263 25.87 -6.82 2.98
CA ALA C 263 25.40 -7.89 3.83
C ALA C 263 25.35 -7.43 5.26
N PRO C 264 24.45 -7.93 6.10
CA PRO C 264 24.48 -7.64 7.49
C PRO C 264 25.59 -8.39 8.12
N GLU C 265 26.16 -7.84 9.17
CA GLU C 265 27.05 -8.63 9.99
C GLU C 265 26.27 -9.08 11.20
N TYR C 266 25.35 -8.22 11.64
CA TYR C 266 24.56 -8.40 12.85
C TYR C 266 23.07 -8.38 12.62
N GLY C 267 22.34 -9.05 13.48
CA GLY C 267 20.88 -8.95 13.49
C GLY C 267 20.48 -8.41 14.85
N PHE C 268 19.22 -8.09 15.04
CA PHE C 268 18.82 -7.57 16.35
C PHE C 268 17.72 -8.41 16.97
N LYS C 269 18.02 -9.04 18.08
CA LYS C 269 17.07 -9.92 18.73
C LYS C 269 16.15 -9.09 19.59
N ILE C 270 14.86 -9.22 19.43
CA ILE C 270 13.97 -8.42 20.27
C ILE C 270 14.05 -8.95 21.70
N SER C 271 14.27 -8.08 22.70
CA SER C 271 14.37 -8.62 24.06
C SER C 271 13.14 -8.39 24.93
N LYS C 272 12.49 -7.21 24.83
CA LYS C 272 11.38 -6.97 25.77
C LYS C 272 9.94 -6.91 25.24
N ARG C 273 9.70 -6.27 24.11
CA ARG C 273 8.35 -6.12 23.53
C ARG C 273 7.31 -5.42 24.40
N GLY C 274 7.70 -4.41 25.16
CA GLY C 274 6.72 -3.71 25.97
C GLY C 274 6.09 -2.55 25.21
N SER C 275 5.12 -1.87 25.83
CA SER C 275 4.48 -0.73 25.17
C SER C 275 5.34 0.51 25.29
N SER C 276 5.52 1.21 24.18
CA SER C 276 6.31 2.42 24.08
C SER C 276 5.90 3.24 22.86
N GLY C 277 6.80 4.10 22.39
CA GLY C 277 6.56 4.94 21.21
C GLY C 277 7.75 5.84 20.88
N ILE C 278 7.65 6.54 19.76
CA ILE C 278 8.73 7.44 19.33
C ILE C 278 8.23 8.87 19.41
N MET C 279 8.96 9.68 20.15
CA MET C 279 8.66 11.07 20.38
C MET C 279 9.56 11.96 19.55
N LYS C 280 9.00 13.02 18.98
CA LYS C 280 9.82 13.96 18.22
C LYS C 280 10.17 15.16 19.06
N THR C 281 11.44 15.28 19.37
CA THR C 281 11.88 16.36 20.22
C THR C 281 13.35 16.71 20.11
N GLU C 282 13.64 17.98 20.34
CA GLU C 282 15.01 18.49 20.30
C GLU C 282 15.65 18.57 21.67
N GLY C 283 14.96 18.09 22.68
CA GLY C 283 15.48 18.17 24.04
C GLY C 283 16.41 17.03 24.40
N THR C 284 16.74 16.96 25.68
CA THR C 284 17.64 15.97 26.24
C THR C 284 17.00 15.36 27.47
N LEU C 285 17.66 14.39 28.08
CA LEU C 285 17.14 13.81 29.31
C LEU C 285 17.57 14.64 30.51
N GLU C 286 16.58 15.04 31.34
CA GLU C 286 16.78 15.94 32.48
C GLU C 286 16.89 15.32 33.87
N ASN C 287 17.06 14.01 34.00
CA ASN C 287 17.18 13.37 35.33
C ASN C 287 16.00 13.61 36.30
N CYS C 288 14.79 13.23 35.86
CA CYS C 288 13.49 13.34 36.53
C CYS C 288 12.66 12.11 36.16
N GLU C 289 11.52 11.89 36.83
CA GLU C 289 10.68 10.72 36.53
C GLU C 289 9.21 11.06 36.33
N THR C 290 8.58 10.34 35.40
CA THR C 290 7.15 10.48 35.17
C THR C 290 6.40 9.19 34.90
N LYS C 291 5.09 9.36 34.74
CA LYS C 291 4.10 8.33 34.35
C LYS C 291 3.39 8.61 32.97
N CYS C 292 3.53 9.88 32.49
CA CYS C 292 2.96 10.50 31.31
C CYS C 292 3.94 11.57 30.81
N GLN C 293 4.35 11.48 29.54
CA GLN C 293 5.32 12.41 29.00
C GLN C 293 4.87 13.05 27.69
N THR C 294 4.87 14.38 27.61
CA THR C 294 4.50 15.03 26.36
C THR C 294 5.83 15.54 25.82
N PRO C 295 5.95 15.96 24.56
CA PRO C 295 7.12 16.56 23.99
C PRO C 295 7.55 17.86 24.67
N LEU C 296 6.63 18.48 25.42
CA LEU C 296 6.91 19.75 26.07
C LEU C 296 7.34 19.60 27.52
N GLY C 297 7.20 18.40 28.07
CA GLY C 297 7.45 18.20 29.48
C GLY C 297 6.56 17.11 30.07
N ALA C 298 6.86 16.67 31.28
CA ALA C 298 6.09 15.60 31.88
C ALA C 298 4.86 16.11 32.62
N ILE C 299 3.82 15.28 32.64
CA ILE C 299 2.58 15.60 33.35
C ILE C 299 2.34 14.71 34.57
N ASN C 300 2.17 15.34 35.74
CA ASN C 300 1.89 14.69 37.03
C ASN C 300 0.52 15.19 37.54
N THR C 301 -0.56 14.41 37.28
CA THR C 301 -1.93 14.82 37.59
C THR C 301 -2.88 13.65 37.75
N THR C 302 -3.97 13.90 38.44
CA THR C 302 -5.04 12.93 38.63
C THR C 302 -6.34 13.37 37.94
N LEU C 303 -6.28 14.47 37.19
CA LEU C 303 -7.48 15.00 36.58
C LEU C 303 -7.80 14.24 35.28
N PRO C 304 -9.08 14.13 34.88
CA PRO C 304 -9.55 13.45 33.67
C PRO C 304 -9.21 14.06 32.33
N PHE C 305 -8.91 15.37 32.28
CA PHE C 305 -8.59 16.00 31.02
C PHE C 305 -7.32 16.82 31.15
N HIS C 306 -6.64 17.07 30.04
CA HIS C 306 -5.49 17.98 30.03
C HIS C 306 -5.49 18.72 28.71
N ASN C 307 -4.81 19.84 28.65
CA ASN C 307 -4.67 20.56 27.39
C ASN C 307 -3.22 20.91 27.07
N VAL C 308 -2.27 20.02 27.41
CA VAL C 308 -0.87 20.35 27.19
C VAL C 308 -0.37 20.07 25.76
N HIS C 309 -0.57 18.85 25.26
CA HIS C 309 -0.12 18.53 23.91
C HIS C 309 -0.79 17.23 23.47
N PRO C 310 -1.31 17.10 22.24
CA PRO C 310 -1.92 15.88 21.79
C PRO C 310 -1.01 14.67 21.56
N LEU C 311 0.30 14.86 21.32
CA LEU C 311 1.13 13.70 21.03
C LEU C 311 1.82 13.20 22.25
N THR C 312 1.04 12.74 23.17
CA THR C 312 1.54 12.33 24.46
C THR C 312 1.71 10.81 24.61
N ILE C 313 2.85 10.36 25.16
CA ILE C 313 3.11 8.92 25.38
C ILE C 313 3.00 8.56 26.85
N GLY C 314 2.14 7.58 27.16
CA GLY C 314 1.96 7.17 28.55
C GLY C 314 0.51 6.93 28.90
N GLU C 315 0.23 6.81 30.19
CA GLU C 315 -1.16 6.60 30.66
C GLU C 315 -1.62 7.99 31.09
N CYS C 316 -2.34 8.68 30.17
CA CYS C 316 -2.61 10.12 30.25
C CYS C 316 -4.12 10.47 30.22
N PRO C 317 -4.51 11.68 30.71
CA PRO C 317 -5.84 12.24 30.68
C PRO C 317 -6.24 12.49 29.24
N LYS C 318 -7.52 12.68 28.96
CA LYS C 318 -7.88 12.95 27.57
C LYS C 318 -7.41 14.33 27.21
N TYR C 319 -6.92 14.49 26.00
CA TYR C 319 -6.54 15.80 25.53
C TYR C 319 -7.78 16.48 24.98
N VAL C 320 -8.01 17.71 25.40
CA VAL C 320 -9.12 18.50 24.90
C VAL C 320 -8.64 19.87 24.43
N LYS C 321 -9.45 20.51 23.62
CA LYS C 321 -9.16 21.83 23.11
C LYS C 321 -9.65 22.96 24.02
N SER C 322 -10.28 22.62 25.13
CA SER C 322 -10.82 23.59 26.06
C SER C 322 -9.71 24.27 26.83
N GLU C 323 -10.03 25.42 27.43
CA GLU C 323 -9.07 26.17 28.24
C GLU C 323 -9.28 25.94 29.71
N LYS C 324 -10.51 25.69 30.10
CA LYS C 324 -10.85 25.47 31.50
C LYS C 324 -12.04 24.57 31.57
N LEU C 325 -12.07 23.72 32.56
CA LEU C 325 -13.21 22.87 32.85
C LEU C 325 -13.40 22.91 34.34
N VAL C 326 -14.30 23.73 34.82
CA VAL C 326 -14.38 23.86 36.27
C VAL C 326 -15.77 23.51 36.75
N LEU C 327 -15.82 22.57 37.67
CA LEU C 327 -17.07 22.15 38.25
C LEU C 327 -17.34 22.93 39.51
N ALA C 328 -18.56 23.34 39.69
CA ALA C 328 -18.93 23.97 40.94
C ALA C 328 -19.06 22.86 41.90
N THR C 329 -18.68 23.05 43.14
CA THR C 329 -18.94 22.02 44.10
C THR C 329 -19.76 22.71 45.14
N GLY C 330 -19.53 24.02 45.20
CA GLY C 330 -20.13 24.86 46.22
C GLY C 330 -21.40 25.56 45.80
N LEU C 331 -21.74 26.55 46.59
CA LEU C 331 -22.97 27.30 46.49
C LEU C 331 -22.74 28.58 45.76
N ARG C 332 -23.77 29.25 45.28
CA ARG C 332 -23.43 30.53 44.67
C ARG C 332 -22.87 31.36 45.80
N ASN C 333 -21.76 32.00 45.57
CA ASN C 333 -21.19 32.76 46.63
C ASN C 333 -21.81 34.09 46.60
N VAL C 334 -22.80 34.27 47.44
CA VAL C 334 -23.48 35.53 47.46
C VAL C 334 -23.39 36.13 48.86
N PRO C 335 -22.25 36.72 49.25
CA PRO C 335 -22.01 37.38 50.52
C PRO C 335 -22.61 38.75 50.38
N ILE C 346 -29.71 37.57 60.80
CA ILE C 346 -31.03 38.14 61.15
C ILE C 346 -31.96 37.89 59.98
N ALA C 347 -31.40 37.61 58.81
CA ALA C 347 -32.21 37.32 57.60
C ALA C 347 -31.77 35.97 57.05
N GLY C 348 -32.69 35.17 56.57
CA GLY C 348 -32.46 33.82 56.08
C GLY C 348 -32.08 33.80 54.64
N PHE C 349 -32.24 32.68 53.97
CA PHE C 349 -31.73 32.46 52.60
C PHE C 349 -32.34 33.41 51.60
N ILE C 350 -33.49 33.99 51.82
CA ILE C 350 -34.08 34.80 50.72
C ILE C 350 -33.07 35.90 50.42
N GLU C 351 -32.28 36.35 51.40
CA GLU C 351 -31.28 37.42 51.17
C GLU C 351 -29.94 36.81 50.72
N GLY C 352 -29.57 35.65 51.24
CA GLY C 352 -28.29 34.96 50.92
C GLY C 352 -27.13 35.60 51.62
N GLY C 353 -26.03 34.92 52.01
CA GLY C 353 -24.88 35.59 52.59
C GLY C 353 -24.40 35.31 54.02
N TRP C 354 -24.67 34.14 54.60
CA TRP C 354 -24.23 33.97 55.97
C TRP C 354 -22.76 33.66 56.09
N GLN C 355 -21.94 34.69 56.01
CA GLN C 355 -20.48 34.54 56.08
C GLN C 355 -20.06 34.15 57.48
N GLY C 356 -20.93 34.39 58.45
CA GLY C 356 -20.67 34.06 59.84
C GLY C 356 -20.90 32.58 60.14
N MET C 357 -21.45 31.82 59.20
CA MET C 357 -21.68 30.41 59.44
C MET C 357 -20.63 29.62 58.71
N VAL C 358 -19.67 29.09 59.44
CA VAL C 358 -18.53 28.40 58.83
C VAL C 358 -18.44 26.93 59.23
N ASP C 359 -19.57 26.45 59.72
CA ASP C 359 -19.76 25.09 60.21
C ASP C 359 -20.19 24.08 59.12
N GLY C 360 -20.76 24.59 58.04
CA GLY C 360 -21.31 23.75 57.00
C GLY C 360 -21.94 24.61 55.93
N TRP C 361 -22.59 23.99 54.97
CA TRP C 361 -23.22 24.70 53.87
C TRP C 361 -24.58 25.25 54.19
N TYR C 362 -25.40 24.45 54.88
CA TYR C 362 -26.75 24.91 55.13
C TYR C 362 -26.89 24.92 56.62
N GLY C 363 -27.72 25.79 57.16
CA GLY C 363 -27.85 25.80 58.59
C GLY C 363 -28.82 26.79 59.16
N TYR C 364 -28.62 27.04 60.45
CA TYR C 364 -29.49 27.87 61.25
C TYR C 364 -28.79 29.03 61.92
N HIS C 365 -29.57 30.07 62.15
CA HIS C 365 -29.15 31.19 62.95
C HIS C 365 -30.23 31.45 63.95
N HIS C 366 -29.87 31.73 65.18
CA HIS C 366 -30.93 31.96 66.12
C HIS C 366 -30.66 33.08 67.07
N SER C 367 -31.74 33.57 67.63
CA SER C 367 -31.72 34.55 68.70
C SER C 367 -32.83 34.29 69.70
N ASN C 368 -32.45 34.18 70.98
CA ASN C 368 -33.40 33.95 72.05
C ASN C 368 -32.86 34.60 73.33
N ASP C 369 -33.55 34.40 74.46
CA ASP C 369 -33.18 35.04 75.72
C ASP C 369 -31.77 34.69 76.21
N GLN C 370 -31.28 33.53 75.81
CA GLN C 370 -29.99 33.03 76.26
C GLN C 370 -28.82 33.37 75.35
N GLY C 371 -29.07 34.02 74.21
CA GLY C 371 -27.97 34.31 73.29
C GLY C 371 -28.34 34.17 71.82
N SER C 372 -27.32 34.18 70.98
CA SER C 372 -27.51 34.11 69.54
C SER C 372 -26.30 33.49 68.87
N GLY C 373 -26.47 33.07 67.64
CA GLY C 373 -25.34 32.54 66.89
C GLY C 373 -25.73 31.65 65.72
N TYR C 374 -24.73 31.06 65.08
CA TYR C 374 -24.94 30.21 63.91
C TYR C 374 -24.54 28.78 64.20
N ALA C 375 -25.19 27.86 63.50
CA ALA C 375 -24.83 26.45 63.55
C ALA C 375 -25.21 25.78 62.25
N ALA C 376 -24.42 24.83 61.79
CA ALA C 376 -24.80 24.13 60.57
C ALA C 376 -25.80 23.05 60.83
N ASP C 377 -26.58 22.75 59.82
CA ASP C 377 -27.45 21.60 59.86
C ASP C 377 -26.59 20.49 59.31
N LYS C 378 -26.06 19.66 60.20
CA LYS C 378 -25.08 18.69 59.79
C LYS C 378 -25.68 17.59 58.95
N GLU C 379 -26.93 17.21 59.20
CA GLU C 379 -27.51 16.15 58.39
C GLU C 379 -27.64 16.59 56.95
N SER C 380 -28.17 17.80 56.75
CA SER C 380 -28.39 18.32 55.42
C SER C 380 -27.10 18.55 54.68
N THR C 381 -26.11 19.13 55.38
CA THR C 381 -24.85 19.41 54.75
C THR C 381 -24.14 18.13 54.39
N GLN C 382 -24.13 17.13 55.27
CA GLN C 382 -23.39 15.93 54.94
C GLN C 382 -24.02 15.22 53.76
N LYS C 383 -25.35 15.20 53.67
CA LYS C 383 -25.93 14.50 52.52
C LYS C 383 -25.59 15.23 51.24
N ALA C 384 -25.67 16.56 51.25
CA ALA C 384 -25.35 17.31 50.06
C ALA C 384 -23.91 17.13 49.68
N PHE C 385 -23.04 17.08 50.68
CA PHE C 385 -21.62 16.93 50.48
C PHE C 385 -21.32 15.61 49.83
N ASP C 386 -21.92 14.53 50.34
CA ASP C 386 -21.67 13.22 49.79
C ASP C 386 -22.14 13.16 48.36
N GLY C 387 -23.26 13.82 48.07
CA GLY C 387 -23.82 13.88 46.73
C GLY C 387 -22.83 14.54 45.79
N ILE C 388 -22.32 15.70 46.16
CA ILE C 388 -21.38 16.41 45.31
C ILE C 388 -20.10 15.60 45.14
N THR C 389 -19.63 14.94 46.19
CA THR C 389 -18.43 14.14 46.06
C THR C 389 -18.65 13.01 45.06
N ASN C 390 -19.80 12.33 45.12
CA ASN C 390 -20.10 11.25 44.19
C ASN C 390 -20.25 11.77 42.78
N LYS C 391 -20.73 12.99 42.64
CA LYS C 391 -20.92 13.62 41.35
C LYS C 391 -19.60 13.90 40.66
N VAL C 392 -18.66 14.43 41.43
CA VAL C 392 -17.35 14.74 40.91
C VAL C 392 -16.65 13.45 40.54
N ASN C 393 -16.76 12.44 41.39
CA ASN C 393 -16.14 11.17 41.10
C ASN C 393 -16.77 10.50 39.90
N SER C 394 -18.07 10.66 39.67
CA SER C 394 -18.66 10.04 38.48
C SER C 394 -18.02 10.61 37.22
N VAL C 395 -17.86 11.92 37.19
CA VAL C 395 -17.28 12.58 36.04
C VAL C 395 -15.85 12.13 35.78
N ILE C 396 -15.05 11.98 36.84
CA ILE C 396 -13.66 11.61 36.71
C ILE C 396 -13.41 10.10 36.57
N GLU C 397 -14.02 9.29 37.41
CA GLU C 397 -13.81 7.85 37.45
C GLU C 397 -14.37 7.11 36.25
N LYS C 398 -15.35 7.67 35.56
CA LYS C 398 -15.87 6.99 34.39
C LYS C 398 -15.00 7.22 33.15
N MET C 399 -13.97 8.05 33.25
CA MET C 399 -13.14 8.27 32.08
C MET C 399 -12.11 7.15 31.95
N ASN C 400 -11.99 6.59 30.75
CA ASN C 400 -11.06 5.47 30.52
C ASN C 400 -9.63 5.86 30.14
N THR C 401 -8.68 5.61 31.05
CA THR C 401 -7.28 5.95 30.81
C THR C 401 -6.49 4.68 30.48
N GLN C 402 -5.83 4.69 29.33
CA GLN C 402 -5.05 3.58 28.79
C GLN C 402 -3.70 4.06 28.32
N PHE C 403 -2.71 3.17 28.28
CA PHE C 403 -1.42 3.55 27.70
C PHE C 403 -1.62 3.77 26.22
N GLU C 404 -1.08 4.87 25.70
CA GLU C 404 -1.14 5.16 24.28
C GLU C 404 0.14 5.87 23.81
N ALA C 405 0.47 5.73 22.51
CA ALA C 405 1.64 6.41 21.94
C ALA C 405 1.24 7.54 20.99
N VAL C 406 0.04 7.42 20.42
CA VAL C 406 -0.59 8.37 19.50
C VAL C 406 0.07 8.56 18.12
N GLY C 407 1.33 8.95 18.10
CA GLY C 407 2.02 9.29 16.86
C GLY C 407 2.23 8.14 15.89
N LYS C 408 2.18 8.49 14.60
CA LYS C 408 2.36 7.61 13.45
C LYS C 408 3.28 8.27 12.44
N GLU C 409 3.94 7.46 11.64
CA GLU C 409 4.78 7.96 10.56
C GLU C 409 4.23 7.50 9.24
N PHE C 410 4.26 8.38 8.23
CA PHE C 410 3.80 8.06 6.89
C PHE C 410 4.79 8.53 5.85
N SER C 411 4.84 7.85 4.71
CA SER C 411 5.74 8.22 3.62
C SER C 411 5.07 9.29 2.79
N ASN C 412 5.78 9.86 1.83
CA ASN C 412 5.22 10.89 0.98
C ASN C 412 4.26 10.38 -0.06
N LEU C 413 4.10 9.06 -0.14
CA LEU C 413 3.19 8.44 -1.07
C LEU C 413 2.00 7.86 -0.34
N GLU C 414 1.85 8.25 0.91
CA GLU C 414 0.76 7.80 1.77
C GLU C 414 0.00 8.99 2.31
N ARG C 415 -0.22 10.01 1.49
CA ARG C 415 -0.88 11.22 1.93
C ARG C 415 -2.32 10.97 2.29
N ARG C 416 -3.00 10.03 1.62
CA ARG C 416 -4.39 9.84 1.96
C ARG C 416 -4.51 9.09 3.27
N LEU C 417 -3.52 8.26 3.59
CA LEU C 417 -3.54 7.48 4.81
C LEU C 417 -3.19 8.38 5.98
N GLU C 418 -2.25 9.30 5.78
CA GLU C 418 -1.91 10.25 6.81
C GLU C 418 -3.09 11.12 7.10
N ASN C 419 -3.82 11.53 6.06
CA ASN C 419 -4.99 12.36 6.23
C ASN C 419 -6.10 11.60 6.92
N LEU C 420 -6.23 10.29 6.65
CA LEU C 420 -7.23 9.47 7.30
C LEU C 420 -6.92 9.41 8.79
N ASN C 421 -5.66 9.22 9.14
CA ASN C 421 -5.22 9.18 10.52
C ASN C 421 -5.49 10.49 11.21
N LYS C 422 -5.15 11.60 10.56
CA LYS C 422 -5.37 12.90 11.15
C LYS C 422 -6.83 13.14 11.39
N LYS C 423 -7.67 12.81 10.42
CA LYS C 423 -9.08 13.05 10.58
C LYS C 423 -9.66 12.23 11.69
N MET C 424 -9.25 10.99 11.82
CA MET C 424 -9.76 10.14 12.86
C MET C 424 -9.41 10.75 14.22
N GLU C 425 -8.15 11.21 14.39
CA GLU C 425 -7.72 11.80 15.65
C GLU C 425 -8.42 13.14 15.94
N ASP C 426 -8.63 13.97 14.91
CA ASP C 426 -9.28 15.26 15.11
C ASP C 426 -10.74 15.04 15.45
N GLY C 427 -11.34 14.03 14.84
CA GLY C 427 -12.72 13.70 15.06
C GLY C 427 -12.94 13.32 16.50
N PHE C 428 -12.09 12.47 17.05
CA PHE C 428 -12.28 12.09 18.44
C PHE C 428 -12.01 13.24 19.36
N LEU C 429 -11.07 14.10 19.01
CA LEU C 429 -10.81 15.25 19.84
C LEU C 429 -12.01 16.18 19.90
N ASP C 430 -12.68 16.43 18.77
CA ASP C 430 -13.86 17.29 18.82
C ASP C 430 -14.97 16.65 19.63
N VAL C 431 -15.10 15.33 19.56
CA VAL C 431 -16.14 14.66 20.33
C VAL C 431 -15.87 14.78 21.81
N TRP C 432 -14.63 14.54 22.24
CA TRP C 432 -14.34 14.61 23.65
C TRP C 432 -14.33 16.02 24.18
N THR C 433 -13.94 16.99 23.37
CA THR C 433 -13.96 18.37 23.83
C THR C 433 -15.38 18.82 24.00
N TYR C 434 -16.26 18.53 23.04
CA TYR C 434 -17.64 18.94 23.10
C TYR C 434 -18.30 18.31 24.31
N ASN C 435 -18.06 17.02 24.53
CA ASN C 435 -18.66 16.37 25.66
C ASN C 435 -18.15 16.94 26.96
N ALA C 436 -16.85 17.26 27.06
CA ALA C 436 -16.32 17.82 28.28
C ALA C 436 -16.95 19.17 28.58
N GLU C 437 -17.14 19.98 27.55
CA GLU C 437 -17.72 21.30 27.73
C GLU C 437 -19.16 21.24 28.18
N LEU C 438 -19.96 20.35 27.59
CA LEU C 438 -21.34 20.31 28.01
C LEU C 438 -21.53 19.54 29.28
N LEU C 439 -20.68 18.59 29.57
CA LEU C 439 -20.88 17.89 30.81
C LEU C 439 -20.62 18.87 31.92
N VAL C 440 -19.58 19.69 31.81
CA VAL C 440 -19.33 20.64 32.87
C VAL C 440 -20.45 21.65 32.98
N LEU C 441 -20.93 22.20 31.87
CA LEU C 441 -21.98 23.19 32.01
C LEU C 441 -23.28 22.60 32.54
N MET C 442 -23.66 21.40 32.10
CA MET C 442 -24.89 20.80 32.55
C MET C 442 -24.79 20.40 34.01
N GLU C 443 -23.62 19.93 34.43
CA GLU C 443 -23.48 19.55 35.81
C GLU C 443 -23.48 20.77 36.69
N ASN C 444 -22.89 21.89 36.25
CA ASN C 444 -22.88 23.08 37.08
C ASN C 444 -24.27 23.67 37.22
N GLU C 445 -25.10 23.57 36.17
CA GLU C 445 -26.45 24.07 36.29
C GLU C 445 -27.15 23.30 37.38
N ARG C 446 -26.99 21.97 37.36
CA ARG C 446 -27.63 21.14 38.35
C ARG C 446 -27.06 21.33 39.75
N THR C 447 -25.74 21.54 39.91
CA THR C 447 -25.17 21.74 41.23
C THR C 447 -25.77 22.94 41.88
N LEU C 448 -25.90 24.02 41.15
CA LEU C 448 -26.43 25.19 41.79
C LEU C 448 -27.93 25.02 42.10
N ASP C 449 -28.70 24.33 41.24
CA ASP C 449 -30.11 24.13 41.56
C ASP C 449 -30.25 23.21 42.77
N PHE C 450 -29.36 22.25 42.88
CA PHE C 450 -29.32 21.28 43.97
C PHE C 450 -29.16 21.99 45.28
N HIS C 451 -28.22 22.92 45.35
CA HIS C 451 -28.01 23.64 46.58
C HIS C 451 -29.21 24.52 46.93
N ASP C 452 -29.84 25.16 45.94
CA ASP C 452 -30.99 26.00 46.24
C ASP C 452 -32.13 25.16 46.75
N SER C 453 -32.29 23.97 46.18
CA SER C 453 -33.33 23.06 46.58
C SER C 453 -33.11 22.61 48.01
N ASN C 454 -31.88 22.29 48.38
CA ASN C 454 -31.59 21.82 49.72
C ASN C 454 -31.84 22.85 50.80
N VAL C 455 -31.55 24.13 50.54
CA VAL C 455 -31.83 25.09 51.60
C VAL C 455 -33.34 25.32 51.70
N LYS C 456 -34.05 25.30 50.57
CA LYS C 456 -35.50 25.41 50.63
C LYS C 456 -36.10 24.20 51.33
N ASN C 457 -35.52 23.03 51.14
CA ASN C 457 -36.05 21.85 51.80
C ASN C 457 -35.93 21.99 53.30
N LEU C 458 -34.87 22.62 53.83
CA LEU C 458 -34.84 22.82 55.27
C LEU C 458 -35.93 23.77 55.67
N TYR C 459 -36.15 24.79 54.87
CA TYR C 459 -37.17 25.75 55.23
C TYR C 459 -38.52 25.09 55.41
N ASP C 460 -38.90 24.20 54.50
CA ASP C 460 -40.19 23.53 54.64
C ASP C 460 -40.13 22.40 55.66
N LYS C 461 -39.00 21.72 55.81
CA LYS C 461 -38.91 20.67 56.81
C LYS C 461 -39.20 21.24 58.18
N VAL C 462 -38.66 22.42 58.42
CA VAL C 462 -38.86 23.13 59.67
C VAL C 462 -40.26 23.75 59.74
N ARG C 463 -40.71 24.41 58.68
CA ARG C 463 -42.03 25.00 58.70
C ARG C 463 -43.10 23.99 59.07
N MET C 464 -42.97 22.76 58.55
CA MET C 464 -43.95 21.71 58.78
C MET C 464 -43.92 21.10 60.16
N GLN C 465 -42.90 21.36 60.99
CA GLN C 465 -42.95 20.82 62.34
C GLN C 465 -43.40 21.94 63.26
N LEU C 466 -43.10 23.19 62.89
CA LEU C 466 -43.45 24.34 63.70
C LEU C 466 -44.93 24.67 63.54
N ARG C 467 -45.46 24.38 62.36
CA ARG C 467 -46.85 24.54 62.03
C ARG C 467 -47.40 25.90 62.42
N ASP C 468 -48.38 25.92 63.32
CA ASP C 468 -49.05 27.14 63.70
C ASP C 468 -48.46 27.85 64.92
N ASN C 469 -47.34 27.38 65.43
CA ASN C 469 -46.78 28.03 66.61
C ASN C 469 -45.81 29.14 66.28
N VAL C 470 -45.63 29.39 64.98
CA VAL C 470 -44.74 30.44 64.52
C VAL C 470 -45.33 31.33 63.45
N LYS C 471 -44.73 32.50 63.27
CA LYS C 471 -45.04 33.38 62.18
C LYS C 471 -44.02 33.21 61.09
N GLU C 472 -44.48 33.20 59.86
CA GLU C 472 -43.54 33.18 58.76
C GLU C 472 -43.20 34.64 58.55
N LEU C 473 -41.93 35.00 58.56
CA LEU C 473 -41.62 36.43 58.43
C LEU C 473 -41.41 36.89 57.00
N GLY C 474 -41.38 35.94 56.08
CA GLY C 474 -41.24 36.22 54.64
C GLY C 474 -39.80 36.41 54.15
N ASN C 475 -38.83 36.27 55.05
CA ASN C 475 -37.43 36.47 54.70
C ASN C 475 -36.59 35.25 55.03
N GLY C 476 -37.21 34.06 55.01
CA GLY C 476 -36.51 32.81 55.32
C GLY C 476 -36.31 32.50 56.82
N CYS C 477 -37.17 33.07 57.71
CA CYS C 477 -37.11 32.93 59.17
C CYS C 477 -38.50 32.74 59.76
N PHE C 478 -38.50 32.22 60.99
CA PHE C 478 -39.71 32.00 61.75
C PHE C 478 -39.64 32.68 63.11
N GLU C 479 -40.76 33.24 63.56
CA GLU C 479 -40.82 33.84 64.88
C GLU C 479 -41.79 33.10 65.76
N PHE C 480 -41.35 32.75 66.95
CA PHE C 480 -42.18 31.94 67.83
C PHE C 480 -43.15 32.76 68.64
N TYR C 481 -44.37 32.24 68.78
CA TYR C 481 -45.32 32.93 69.63
C TYR C 481 -45.02 32.60 71.09
N HIS C 482 -44.69 31.35 71.33
CA HIS C 482 -44.39 30.88 72.66
C HIS C 482 -42.92 31.10 72.87
N LYS C 483 -42.50 31.44 74.07
CA LYS C 483 -41.07 31.59 74.26
C LYS C 483 -40.36 30.27 73.94
N CYS C 484 -39.25 30.35 73.19
CA CYS C 484 -38.43 29.24 72.72
C CYS C 484 -36.97 29.54 73.06
N ASP C 485 -36.45 28.74 73.99
CA ASP C 485 -35.11 28.79 74.61
C ASP C 485 -34.12 27.89 73.88
N ASP C 486 -32.89 27.72 74.42
CA ASP C 486 -31.89 26.89 73.73
C ASP C 486 -32.27 25.42 73.62
N GLU C 487 -33.00 24.88 74.60
CA GLU C 487 -33.40 23.48 74.49
C GLU C 487 -34.43 23.27 73.33
N CYS C 488 -35.37 24.26 73.17
CA CYS C 488 -36.35 24.35 72.08
C CYS C 488 -35.58 24.50 70.76
N MET C 489 -34.64 25.45 70.76
CA MET C 489 -33.79 25.63 69.56
C MET C 489 -33.16 24.29 69.19
N ASN C 490 -32.60 23.56 70.17
CA ASN C 490 -31.93 22.31 69.76
C ASN C 490 -32.96 21.40 69.06
N SER C 491 -34.19 21.32 69.60
CA SER C 491 -35.26 20.44 69.12
C SER C 491 -35.71 20.81 67.69
N VAL C 492 -35.86 22.11 67.45
CA VAL C 492 -36.28 22.64 66.16
C VAL C 492 -35.23 22.37 65.10
N LYS C 493 -33.97 22.50 65.49
CA LYS C 493 -32.82 22.31 64.63
C LYS C 493 -32.58 20.83 64.30
N ASN C 494 -33.35 19.95 64.92
CA ASN C 494 -33.32 18.52 64.73
C ASN C 494 -34.75 18.16 64.35
N GLY C 495 -35.06 16.92 64.11
CA GLY C 495 -36.45 16.59 63.79
C GLY C 495 -37.25 16.24 65.02
N THR C 496 -37.14 17.04 66.10
CA THR C 496 -37.81 16.65 67.32
C THR C 496 -38.75 17.70 67.89
N TYR C 497 -39.14 18.75 67.15
CA TYR C 497 -39.97 19.74 67.81
C TYR C 497 -41.29 19.15 68.26
N ASP C 498 -41.62 19.43 69.51
CA ASP C 498 -42.86 18.96 70.09
C ASP C 498 -43.94 20.00 69.91
N TYR C 499 -44.78 19.82 68.91
CA TYR C 499 -45.81 20.79 68.62
C TYR C 499 -46.80 20.98 69.80
N PRO C 500 -47.41 19.91 70.39
CA PRO C 500 -48.39 19.97 71.47
C PRO C 500 -47.99 20.77 72.71
N LYS C 501 -46.69 20.86 73.02
CA LYS C 501 -46.28 21.62 74.20
C LYS C 501 -46.27 23.13 74.03
N TYR C 502 -46.45 23.64 72.82
CA TYR C 502 -46.39 25.08 72.61
C TYR C 502 -47.70 25.58 72.01
N GLU C 503 -48.03 26.85 72.25
CA GLU C 503 -49.26 27.40 71.71
C GLU C 503 -49.18 28.88 71.36
N GLU C 504 -50.07 29.31 70.47
CA GLU C 504 -50.20 30.72 70.13
C GLU C 504 -50.81 31.51 71.28
N GLU C 505 -50.24 32.69 71.54
CA GLU C 505 -50.70 33.59 72.61
C GLU C 505 -52.10 34.24 72.41
N SER C 506 -52.49 34.54 71.14
CA SER C 506 -53.76 35.18 70.77
C SER C 506 -54.29 34.53 69.48
N GLN D 1 40.53 11.99 -22.37
CA GLN D 1 41.89 11.46 -22.42
C GLN D 1 41.98 9.97 -22.88
N VAL D 2 40.87 9.40 -23.42
CA VAL D 2 40.81 8.01 -23.92
C VAL D 2 41.67 7.83 -25.16
N GLN D 3 42.40 6.74 -25.19
CA GLN D 3 43.25 6.40 -26.30
C GLN D 3 42.56 5.32 -27.09
N LEU D 4 42.61 5.41 -28.40
CA LEU D 4 42.02 4.39 -29.23
C LEU D 4 43.10 3.78 -30.11
N GLN D 5 43.15 2.46 -30.21
CA GLN D 5 44.17 1.85 -31.08
C GLN D 5 43.68 0.70 -31.93
N GLU D 6 43.77 0.88 -33.24
CA GLU D 6 43.40 -0.12 -34.22
C GLU D 6 44.49 -1.16 -34.41
N SER D 7 44.09 -2.40 -34.64
CA SER D 7 45.00 -3.47 -34.96
C SER D 7 44.35 -4.54 -35.82
N GLY D 8 45.11 -5.08 -36.76
CA GLY D 8 44.58 -6.15 -37.58
C GLY D 8 45.50 -6.40 -38.76
N PRO D 9 45.18 -7.38 -39.62
CA PRO D 9 45.96 -7.75 -40.78
C PRO D 9 46.09 -6.57 -41.71
N GLY D 10 47.28 -6.38 -42.28
CA GLY D 10 47.50 -5.29 -43.23
C GLY D 10 47.24 -5.77 -44.65
N LEU D 11 46.86 -7.02 -44.75
CA LEU D 11 46.58 -7.67 -46.00
C LEU D 11 45.51 -8.73 -45.86
N VAL D 12 44.50 -8.60 -46.69
CA VAL D 12 43.41 -9.55 -46.77
C VAL D 12 43.28 -9.88 -48.25
N LYS D 13 42.95 -11.12 -48.57
CA LYS D 13 42.82 -11.41 -49.99
C LYS D 13 41.42 -11.17 -50.49
N THR D 14 41.33 -10.99 -51.79
CA THR D 14 40.07 -10.76 -52.45
C THR D 14 39.10 -11.89 -52.13
N SER D 15 37.89 -11.48 -51.78
CA SER D 15 36.71 -12.28 -51.41
C SER D 15 36.75 -12.87 -49.99
N GLU D 16 37.77 -12.58 -49.21
CA GLU D 16 37.87 -12.99 -47.83
C GLU D 16 37.18 -11.97 -46.92
N THR D 17 37.19 -12.24 -45.62
CA THR D 17 36.58 -11.30 -44.70
C THR D 17 37.69 -10.58 -43.96
N LEU D 18 37.60 -9.27 -43.93
CA LEU D 18 38.54 -8.45 -43.21
C LEU D 18 38.07 -8.24 -41.81
N SER D 19 38.93 -8.46 -40.83
CA SER D 19 38.55 -8.26 -39.45
C SER D 19 39.52 -7.40 -38.68
N LEU D 20 39.06 -6.22 -38.26
CA LEU D 20 39.88 -5.26 -37.52
C LEU D 20 39.35 -5.04 -36.12
N THR D 21 40.25 -4.86 -35.17
CA THR D 21 39.83 -4.64 -33.78
C THR D 21 40.44 -3.35 -33.21
N CYS D 22 39.62 -2.54 -32.50
CA CYS D 22 40.02 -1.30 -31.83
C CYS D 22 39.96 -1.46 -30.32
N ALA D 23 41.09 -1.23 -29.68
CA ALA D 23 41.14 -1.31 -28.24
C ALA D 23 40.90 0.06 -27.68
N VAL D 24 40.11 0.12 -26.62
CA VAL D 24 39.81 1.37 -25.99
C VAL D 24 40.44 1.40 -24.61
N SER D 25 41.21 2.42 -24.31
CA SER D 25 41.87 2.49 -23.02
C SER D 25 41.86 3.88 -22.46
N GLY D 26 41.61 4.01 -21.16
CA GLY D 26 41.54 5.35 -20.59
C GLY D 26 40.11 5.86 -20.59
N GLY D 27 39.18 4.95 -20.83
CA GLY D 27 37.76 5.24 -20.83
C GLY D 27 36.98 3.99 -21.18
N SER D 28 35.69 4.05 -20.96
CA SER D 28 34.80 2.95 -21.22
C SER D 28 34.34 2.91 -22.64
N ILE D 29 33.75 1.77 -23.02
CA ILE D 29 33.14 1.68 -24.32
C ILE D 29 31.62 1.81 -24.15
N SER D 30 31.17 1.63 -22.92
CA SER D 30 29.78 1.78 -22.56
C SER D 30 29.48 3.19 -22.12
N GLY D 31 28.40 3.74 -22.62
CA GLY D 31 27.98 5.07 -22.25
C GLY D 31 26.75 5.40 -23.02
N SER D 32 26.04 6.42 -22.57
CA SER D 32 24.80 6.81 -23.19
C SER D 32 24.91 8.04 -24.05
N ARG D 33 26.12 8.56 -24.21
CA ARG D 33 26.30 9.75 -25.01
C ARG D 33 27.10 9.47 -26.27
N TYR D 34 27.48 8.20 -26.48
CA TYR D 34 28.40 7.86 -27.55
C TYR D 34 28.03 6.66 -28.38
N TYR D 35 28.55 6.65 -29.59
CA TYR D 35 28.54 5.49 -30.47
C TYR D 35 29.99 5.22 -30.84
N TRP D 36 30.35 3.98 -31.12
CA TRP D 36 31.71 3.76 -31.62
C TRP D 36 31.68 3.64 -33.12
N ALA D 37 32.43 4.48 -33.78
CA ALA D 37 32.38 4.50 -35.23
C ALA D 37 33.59 3.94 -35.91
N TRP D 38 33.35 3.29 -37.04
CA TRP D 38 34.40 2.90 -37.95
C TRP D 38 34.29 3.78 -39.18
N ILE D 39 35.41 4.36 -39.57
CA ILE D 39 35.57 5.27 -40.69
C ILE D 39 36.78 4.86 -41.53
N ARG D 40 36.71 4.95 -42.85
CA ARG D 40 37.91 4.61 -43.62
C ARG D 40 38.28 5.66 -44.63
N GLN D 41 39.56 5.70 -44.96
CA GLN D 41 40.06 6.62 -45.96
C GLN D 41 40.91 5.93 -47.04
N PRO D 42 40.35 5.54 -48.18
CA PRO D 42 41.04 4.89 -49.27
C PRO D 42 42.13 5.86 -49.70
N PRO D 43 43.30 5.43 -50.16
CA PRO D 43 44.34 6.33 -50.59
C PRO D 43 43.81 7.26 -51.67
N GLY D 44 44.07 8.55 -51.53
CA GLY D 44 43.63 9.54 -52.52
C GLY D 44 42.18 9.99 -52.36
N LYS D 45 41.47 9.44 -51.38
CA LYS D 45 40.06 9.74 -51.16
C LYS D 45 39.81 10.44 -49.83
N GLY D 46 38.54 10.82 -49.62
CA GLY D 46 38.11 11.47 -48.39
C GLY D 46 37.68 10.44 -47.35
N LEU D 47 36.95 10.88 -46.35
CA LEU D 47 36.54 10.02 -45.24
C LEU D 47 35.16 9.41 -45.47
N GLU D 48 35.09 8.10 -45.43
CA GLU D 48 33.85 7.38 -45.59
C GLU D 48 33.43 6.70 -44.31
N TRP D 49 32.25 7.01 -43.82
CA TRP D 49 31.78 6.37 -42.61
C TRP D 49 31.34 4.95 -42.94
N ILE D 50 31.71 3.98 -42.11
CA ILE D 50 31.32 2.60 -42.34
C ILE D 50 30.13 2.23 -41.50
N GLY D 51 30.19 2.55 -40.23
CA GLY D 51 29.10 2.20 -39.36
C GLY D 51 29.39 2.41 -37.89
N ASN D 52 28.32 2.37 -37.10
CA ASN D 52 28.39 2.56 -35.67
C ASN D 52 27.95 1.39 -34.83
N LEU D 53 28.61 1.26 -33.70
CA LEU D 53 28.27 0.35 -32.64
C LEU D 53 27.43 1.10 -31.63
N TYR D 54 26.24 0.63 -31.41
CA TYR D 54 25.36 1.23 -30.45
C TYR D 54 25.25 0.21 -29.36
N TYR D 55 26.03 0.41 -28.33
CA TYR D 55 26.22 -0.57 -27.29
C TYR D 55 24.91 -1.02 -26.65
N SER D 56 24.02 -0.07 -26.37
CA SER D 56 22.75 -0.34 -25.70
C SER D 56 21.53 -0.37 -26.64
N GLY D 57 21.76 -0.33 -27.95
CA GLY D 57 20.67 -0.29 -28.92
C GLY D 57 20.93 -1.26 -30.06
N THR D 58 20.81 -0.78 -31.29
CA THR D 58 21.08 -1.61 -32.45
C THR D 58 22.15 -0.93 -33.25
N ASN D 59 22.90 -1.69 -34.02
CA ASN D 59 23.97 -1.09 -34.80
C ASN D 59 23.42 -0.57 -36.09
N PHE D 60 24.12 0.37 -36.67
CA PHE D 60 23.66 0.91 -37.94
C PHE D 60 24.84 1.16 -38.85
N TYR D 61 24.60 1.06 -40.14
CA TYR D 61 25.68 1.10 -41.10
C TYR D 61 25.43 1.98 -42.29
N ASN D 62 26.50 2.33 -42.98
CA ASN D 62 26.42 3.07 -44.22
C ASN D 62 25.57 2.22 -45.15
N PRO D 63 24.48 2.74 -45.73
CA PRO D 63 23.55 1.99 -46.55
C PRO D 63 24.18 1.37 -47.80
N SER D 64 25.31 1.88 -48.29
CA SER D 64 25.92 1.26 -49.46
C SER D 64 26.65 0.03 -48.98
N LEU D 65 27.53 0.27 -48.04
CA LEU D 65 28.31 -0.75 -47.39
C LEU D 65 27.54 -1.25 -46.20
N GLU D 66 26.36 -1.82 -46.44
CA GLU D 66 25.54 -2.30 -45.32
C GLU D 66 25.45 -3.81 -45.26
N GLY D 67 25.25 -4.44 -46.41
CA GLY D 67 25.02 -5.89 -46.42
C GLY D 67 26.27 -6.70 -46.20
N ARG D 68 27.40 -6.02 -46.21
CA ARG D 68 28.68 -6.65 -46.04
C ARG D 68 29.32 -6.31 -44.72
N VAL D 69 28.64 -5.56 -43.86
CA VAL D 69 29.33 -5.16 -42.63
C VAL D 69 28.67 -5.53 -41.33
N THR D 70 29.51 -6.02 -40.43
CA THR D 70 29.13 -6.33 -39.07
C THR D 70 30.04 -5.60 -38.10
N ILE D 71 29.45 -4.98 -37.10
CA ILE D 71 30.19 -4.32 -36.03
C ILE D 71 29.78 -4.95 -34.72
N SER D 72 30.75 -5.29 -33.89
CA SER D 72 30.45 -5.94 -32.63
C SER D 72 31.34 -5.45 -31.50
N VAL D 73 31.20 -6.09 -30.34
CA VAL D 73 31.91 -5.69 -29.13
C VAL D 73 32.36 -6.83 -28.22
N ASP D 74 33.52 -6.64 -27.58
CA ASP D 74 34.03 -7.57 -26.58
C ASP D 74 34.34 -6.81 -25.29
N THR D 75 33.46 -6.97 -24.33
CA THR D 75 33.49 -6.20 -23.10
C THR D 75 34.49 -6.72 -22.10
N SER D 76 35.04 -7.92 -22.32
CA SER D 76 36.02 -8.42 -21.37
C SER D 76 37.36 -7.80 -21.74
N LYS D 77 37.48 -7.46 -23.03
CA LYS D 77 38.69 -6.84 -23.55
C LYS D 77 38.59 -5.31 -23.69
N ASN D 78 37.37 -4.76 -23.63
CA ASN D 78 37.08 -3.34 -23.81
C ASN D 78 37.51 -2.95 -25.22
N GLN D 79 37.15 -3.82 -26.16
CA GLN D 79 37.43 -3.68 -27.57
C GLN D 79 36.15 -3.64 -28.39
N VAL D 80 36.24 -3.01 -29.55
CA VAL D 80 35.14 -3.01 -30.50
C VAL D 80 35.71 -3.54 -31.81
N SER D 81 34.88 -4.13 -32.67
CA SER D 81 35.45 -4.68 -33.90
C SER D 81 34.60 -4.61 -35.15
N LEU D 82 35.30 -4.56 -36.27
CA LEU D 82 34.72 -4.48 -37.61
C LEU D 82 35.00 -5.65 -38.53
N LYS D 83 33.96 -6.18 -39.14
CA LYS D 83 34.12 -7.22 -40.14
C LYS D 83 33.49 -6.85 -41.48
N LEU D 84 34.29 -6.90 -42.55
CA LEU D 84 33.78 -6.62 -43.90
C LEU D 84 33.91 -7.86 -44.75
N SER D 85 32.78 -8.38 -45.21
CA SER D 85 32.79 -9.61 -46.00
C SER D 85 33.06 -9.30 -47.45
N SER D 86 33.43 -10.33 -48.21
CA SER D 86 33.63 -10.22 -49.64
C SER D 86 34.49 -9.04 -50.03
N VAL D 87 35.64 -8.88 -49.40
CA VAL D 87 36.44 -7.69 -49.68
C VAL D 87 37.01 -7.66 -51.08
N THR D 88 37.04 -6.47 -51.64
CA THR D 88 37.58 -6.24 -52.98
C THR D 88 38.62 -5.15 -52.99
N ALA D 89 39.19 -4.88 -54.15
CA ALA D 89 40.26 -3.88 -54.25
C ALA D 89 39.84 -2.51 -53.75
N ALA D 90 38.56 -2.19 -53.93
CA ALA D 90 37.96 -0.92 -53.55
C ALA D 90 37.95 -0.72 -52.03
N ASP D 91 38.18 -1.78 -51.27
CA ASP D 91 38.16 -1.74 -49.83
C ASP D 91 39.55 -1.45 -49.25
N THR D 92 40.55 -1.19 -50.10
CA THR D 92 41.85 -0.81 -49.55
C THR D 92 41.68 0.55 -48.94
N ALA D 93 42.08 0.69 -47.68
CA ALA D 93 41.92 1.97 -46.99
C ALA D 93 42.61 2.02 -45.68
N VAL D 94 42.78 3.23 -45.16
CA VAL D 94 43.19 3.31 -43.77
C VAL D 94 41.93 3.25 -42.95
N TYR D 95 41.85 2.30 -42.04
CA TYR D 95 40.68 2.15 -41.22
C TYR D 95 40.91 2.76 -39.88
N PHE D 96 39.95 3.53 -39.41
CA PHE D 96 40.01 4.20 -38.13
C PHE D 96 38.80 3.86 -37.28
N CYS D 97 38.98 3.87 -35.96
CA CYS D 97 37.91 3.80 -34.97
C CYS D 97 37.82 5.19 -34.33
N ALA D 98 36.62 5.58 -33.91
CA ALA D 98 36.44 6.87 -33.28
C ALA D 98 35.29 6.91 -32.28
N ARG D 99 35.40 7.82 -31.32
CA ARG D 99 34.33 8.07 -30.36
C ARG D 99 33.46 9.15 -30.92
N HIS D 100 32.22 8.78 -31.22
CA HIS D 100 31.22 9.63 -31.86
C HIS D 100 30.24 10.09 -30.79
N VAL D 101 30.26 11.39 -30.52
CA VAL D 101 29.49 11.98 -29.47
C VAL D 101 28.21 12.52 -30.02
N TYR D 102 27.08 12.08 -29.45
CA TYR D 102 25.81 12.57 -29.94
C TYR D 102 25.08 13.32 -28.86
N TYR D 103 25.49 13.18 -27.62
CA TYR D 103 24.82 13.95 -26.59
C TYR D 103 25.92 14.65 -25.82
N SER D 104 25.75 15.93 -25.59
CA SER D 104 26.72 16.76 -24.91
C SER D 104 26.59 16.65 -23.42
N ASP D 105 27.49 17.29 -22.71
CA ASP D 105 27.47 17.32 -21.26
C ASP D 105 26.85 18.62 -20.73
N THR D 106 26.09 19.31 -21.61
CA THR D 106 25.42 20.56 -21.31
C THR D 106 23.92 20.42 -21.53
N ASN D 107 23.40 19.21 -21.39
CA ASN D 107 21.97 18.91 -21.57
C ASN D 107 21.39 19.22 -22.96
N SER D 108 22.11 18.87 -24.01
CA SER D 108 21.63 19.06 -25.37
C SER D 108 22.25 18.02 -26.29
N TYR D 109 21.70 17.89 -27.49
CA TYR D 109 22.26 16.97 -28.48
C TYR D 109 23.30 17.68 -29.31
N THR D 110 24.31 16.94 -29.68
CA THR D 110 25.45 17.37 -30.49
C THR D 110 25.78 16.33 -31.52
N TYR D 111 26.85 16.52 -32.28
CA TYR D 111 27.17 15.48 -33.24
C TYR D 111 28.59 15.59 -33.81
N PHE D 112 29.54 14.88 -33.21
CA PHE D 112 30.93 14.96 -33.69
C PHE D 112 31.79 13.75 -33.35
N PHE D 113 32.88 13.57 -34.10
CA PHE D 113 33.84 12.51 -33.80
C PHE D 113 34.98 13.17 -33.07
N ASP D 114 35.02 12.88 -31.76
CA ASP D 114 35.87 13.49 -30.76
C ASP D 114 37.23 12.85 -30.65
N TYR D 115 37.26 11.52 -30.61
CA TYR D 115 38.54 10.84 -30.48
C TYR D 115 38.72 9.92 -31.63
N TRP D 116 39.92 9.86 -32.13
CA TRP D 116 40.25 8.98 -33.23
C TRP D 116 41.48 8.16 -32.88
N GLY D 117 41.54 6.93 -33.36
CA GLY D 117 42.75 6.16 -33.20
C GLY D 117 43.65 6.62 -34.31
N GLN D 118 44.83 6.04 -34.50
CA GLN D 118 45.66 6.56 -35.59
C GLN D 118 45.41 5.88 -36.92
N GLY D 119 44.80 4.72 -36.87
CA GLY D 119 44.42 4.01 -38.08
C GLY D 119 45.36 2.91 -38.48
N THR D 120 44.79 1.93 -39.18
CA THR D 120 45.53 0.79 -39.68
C THR D 120 45.31 0.64 -41.16
N LEU D 121 46.38 0.50 -41.93
CA LEU D 121 46.23 0.40 -43.37
C LEU D 121 46.09 -1.01 -43.82
N VAL D 122 45.00 -1.25 -44.54
CA VAL D 122 44.69 -2.56 -45.04
C VAL D 122 44.65 -2.61 -46.55
N THR D 123 45.44 -3.51 -47.11
CA THR D 123 45.50 -3.74 -48.55
C THR D 123 44.66 -4.94 -48.93
N VAL D 124 43.89 -4.82 -49.99
CA VAL D 124 43.13 -5.97 -50.45
C VAL D 124 43.68 -6.37 -51.80
N SER D 125 44.08 -7.63 -51.94
CA SER D 125 44.68 -8.03 -53.22
C SER D 125 44.47 -9.51 -53.60
N SER D 126 44.78 -9.86 -54.88
CA SER D 126 44.71 -11.21 -55.47
C SER D 126 46.14 -11.75 -55.68
N GLN E 1 0.04 -13.64 -45.82
CA GLN E 1 0.68 -13.17 -47.06
C GLN E 1 2.23 -13.11 -47.00
N VAL E 2 2.85 -13.71 -45.94
CA VAL E 2 4.32 -13.77 -45.76
C VAL E 2 4.98 -14.63 -46.82
N GLN E 3 6.08 -14.12 -47.34
CA GLN E 3 6.86 -14.81 -48.33
C GLN E 3 8.07 -15.40 -47.65
N LEU E 4 8.43 -16.61 -48.02
CA LEU E 4 9.62 -17.22 -47.44
C LEU E 4 10.58 -17.55 -48.56
N GLN E 5 11.86 -17.22 -48.41
CA GLN E 5 12.81 -17.57 -49.47
C GLN E 5 14.14 -18.12 -48.99
N GLU E 6 14.42 -19.36 -49.39
CA GLU E 6 15.65 -20.04 -49.08
C GLU E 6 16.80 -19.61 -49.98
N SER E 7 18.00 -19.55 -49.43
CA SER E 7 19.19 -19.27 -50.20
C SER E 7 20.42 -19.90 -49.58
N GLY E 8 21.32 -20.40 -50.41
CA GLY E 8 22.55 -20.96 -49.90
C GLY E 8 23.26 -21.73 -50.99
N PRO E 9 24.44 -22.30 -50.71
CA PRO E 9 25.25 -23.05 -51.64
C PRO E 9 24.48 -24.22 -52.16
N GLY E 10 24.60 -24.49 -53.46
CA GLY E 10 23.92 -25.64 -54.07
C GLY E 10 24.83 -26.85 -54.05
N LEU E 11 26.01 -26.67 -53.47
CA LEU E 11 27.01 -27.69 -53.36
C LEU E 11 27.86 -27.52 -52.13
N VAL E 12 27.93 -28.57 -51.36
CA VAL E 12 28.74 -28.65 -50.17
C VAL E 12 29.54 -29.93 -50.31
N LYS E 13 30.78 -29.94 -49.84
CA LYS E 13 31.51 -31.17 -49.97
C LYS E 13 31.33 -32.07 -48.78
N THR E 14 31.61 -33.33 -49.00
CA THR E 14 31.49 -34.34 -47.97
C THR E 14 32.36 -33.95 -46.78
N SER E 15 31.74 -34.08 -45.60
CA SER E 15 32.26 -33.79 -44.26
C SER E 15 32.34 -32.30 -43.89
N GLU E 16 31.89 -31.41 -44.76
CA GLU E 16 31.83 -29.99 -44.47
C GLU E 16 30.50 -29.66 -43.80
N THR E 17 30.30 -28.39 -43.47
CA THR E 17 29.06 -27.98 -42.86
C THR E 17 28.24 -27.23 -43.89
N LEU E 18 26.98 -27.63 -44.02
CA LEU E 18 26.06 -26.98 -44.91
C LEU E 18 25.35 -25.88 -44.19
N SER E 19 25.30 -24.70 -44.77
CA SER E 19 24.61 -23.59 -44.14
C SER E 19 23.62 -22.90 -45.06
N LEU E 20 22.34 -23.00 -44.72
CA LEU E 20 21.27 -22.40 -45.52
C LEU E 20 20.54 -21.32 -44.75
N THR E 21 20.14 -20.27 -45.43
CA THR E 21 19.41 -19.18 -44.77
C THR E 21 18.07 -18.89 -45.45
N CYS E 22 16.99 -18.70 -44.65
CA CYS E 22 15.64 -18.36 -45.11
C CYS E 22 15.27 -16.94 -44.70
N ALA E 23 14.95 -16.13 -45.68
CA ALA E 23 14.54 -14.78 -45.41
C ALA E 23 13.05 -14.75 -45.29
N VAL E 24 12.56 -14.01 -44.31
CA VAL E 24 11.14 -13.89 -44.11
C VAL E 24 10.71 -12.47 -44.42
N SER E 25 9.71 -12.31 -45.27
CA SER E 25 9.28 -10.97 -45.64
C SER E 25 7.78 -10.89 -45.74
N GLY E 26 7.20 -9.80 -45.25
CA GLY E 26 5.74 -9.71 -45.28
C GLY E 26 5.14 -10.23 -44.00
N GLY E 27 5.99 -10.42 -43.00
CA GLY E 27 5.58 -10.88 -41.69
C GLY E 27 6.80 -11.02 -40.80
N SER E 28 6.55 -11.17 -39.51
CA SER E 28 7.60 -11.30 -38.53
C SER E 28 8.07 -12.70 -38.39
N ILE E 29 9.21 -12.86 -37.71
CA ILE E 29 9.68 -14.19 -37.37
C ILE E 29 9.36 -14.46 -35.91
N SER E 30 9.08 -13.40 -35.18
CA SER E 30 8.70 -13.47 -33.79
C SER E 30 7.19 -13.59 -33.65
N GLY E 31 6.75 -14.49 -32.81
CA GLY E 31 5.34 -14.65 -32.56
C GLY E 31 5.17 -15.80 -31.60
N SER E 32 4.00 -15.88 -31.00
CA SER E 32 3.74 -16.89 -30.00
C SER E 32 2.88 -18.03 -30.51
N ARG E 33 2.57 -18.01 -31.79
CA ARG E 33 1.73 -19.06 -32.34
C ARG E 33 2.50 -19.92 -33.33
N TYR E 34 3.79 -19.62 -33.53
CA TYR E 34 4.56 -20.27 -34.58
C TYR E 34 5.93 -20.75 -34.19
N TYR E 35 6.40 -21.73 -34.96
CA TYR E 35 7.77 -22.18 -34.94
C TYR E 35 8.28 -22.06 -36.37
N TRP E 36 9.57 -21.84 -36.56
CA TRP E 36 10.08 -21.87 -37.93
C TRP E 36 10.70 -23.21 -38.21
N ALA E 37 10.20 -23.89 -39.22
CA ALA E 37 10.67 -25.23 -39.49
C ALA E 37 11.53 -25.37 -40.70
N TRP E 38 12.50 -26.27 -40.60
CA TRP E 38 13.27 -26.70 -41.74
C TRP E 38 12.86 -28.13 -42.04
N ILE E 39 12.55 -28.37 -43.31
CA ILE E 39 12.09 -29.64 -43.87
C ILE E 39 12.87 -29.97 -45.13
N ARG E 40 13.23 -31.23 -45.36
CA ARG E 40 13.91 -31.52 -46.62
C ARG E 40 13.30 -32.67 -47.38
N GLN E 41 13.49 -32.66 -48.69
CA GLN E 41 13.02 -33.72 -49.55
C GLN E 41 14.10 -34.27 -50.48
N PRO E 42 14.81 -35.36 -50.11
CA PRO E 42 15.85 -35.97 -50.90
C PRO E 42 15.18 -36.38 -52.20
N PRO E 43 15.85 -36.36 -53.35
CA PRO E 43 15.25 -36.77 -54.61
C PRO E 43 14.70 -38.17 -54.49
N GLY E 44 13.47 -38.37 -54.92
CA GLY E 44 12.84 -39.69 -54.89
C GLY E 44 12.23 -40.06 -53.54
N LYS E 45 12.35 -39.18 -52.54
CA LYS E 45 11.86 -39.44 -51.20
C LYS E 45 10.73 -38.50 -50.79
N GLY E 46 10.20 -38.74 -49.58
CA GLY E 46 9.12 -37.93 -49.02
C GLY E 46 9.70 -36.79 -48.20
N LEU E 47 8.88 -36.20 -47.36
CA LEU E 47 9.27 -35.02 -46.58
C LEU E 47 9.79 -35.39 -45.21
N GLU E 48 11.00 -34.98 -44.90
CA GLU E 48 11.61 -35.23 -43.62
C GLU E 48 11.78 -33.96 -42.83
N TRP E 49 11.22 -33.91 -41.64
CA TRP E 49 11.37 -32.73 -40.82
C TRP E 49 12.77 -32.70 -40.23
N ILE E 50 13.42 -31.56 -40.24
CA ILE E 50 14.77 -31.43 -39.67
C ILE E 50 14.71 -30.87 -38.28
N GLY E 51 13.99 -29.79 -38.12
CA GLY E 51 13.92 -29.17 -36.82
C GLY E 51 13.25 -27.82 -36.82
N ASN E 52 12.93 -27.35 -35.62
CA ASN E 52 12.28 -26.08 -35.41
C ASN E 52 13.05 -25.07 -34.61
N LEU E 53 12.84 -23.82 -34.98
CA LEU E 53 13.30 -22.66 -34.26
C LEU E 53 12.19 -22.18 -33.37
N TYR E 54 12.45 -22.15 -32.09
CA TYR E 54 11.47 -21.68 -31.15
C TYR E 54 12.04 -20.41 -30.63
N TYR E 55 11.59 -19.31 -31.20
CA TYR E 55 12.17 -18.01 -30.98
C TYR E 55 12.25 -17.62 -29.51
N SER E 56 11.19 -17.90 -28.76
CA SER E 56 11.10 -17.54 -27.35
C SER E 56 11.32 -18.70 -26.38
N GLY E 57 11.76 -19.85 -26.88
CA GLY E 57 11.95 -21.03 -26.05
C GLY E 57 13.27 -21.71 -26.38
N THR E 58 13.22 -23.02 -26.61
CA THR E 58 14.41 -23.75 -26.98
C THR E 58 14.15 -24.42 -28.29
N ASN E 59 15.19 -24.70 -29.05
CA ASN E 59 14.99 -25.32 -30.34
C ASN E 59 14.89 -26.80 -30.19
N PHE E 60 14.27 -27.44 -31.14
CA PHE E 60 14.16 -28.88 -31.08
C PHE E 60 14.33 -29.48 -32.44
N TYR E 61 14.85 -30.71 -32.47
CA TYR E 61 15.24 -31.31 -33.72
C TYR E 61 14.79 -32.74 -33.89
N ASN E 62 14.79 -33.20 -35.12
CA ASN E 62 14.52 -34.58 -35.44
C ASN E 62 15.54 -35.40 -34.68
N PRO E 63 15.16 -36.37 -33.84
CA PRO E 63 16.05 -37.13 -33.01
C PRO E 63 17.11 -37.93 -33.77
N SER E 64 16.90 -38.23 -35.05
CA SER E 64 17.93 -38.96 -35.78
C SER E 64 18.99 -37.95 -36.16
N LEU E 65 18.53 -36.93 -36.85
CA LEU E 65 19.34 -35.83 -37.29
C LEU E 65 19.33 -34.78 -36.21
N GLU E 66 19.84 -35.13 -35.03
CA GLU E 66 19.84 -34.18 -33.91
C GLU E 66 21.22 -33.68 -33.56
N GLY E 67 22.18 -34.59 -33.51
CA GLY E 67 23.52 -34.22 -33.04
C GLY E 67 24.31 -33.44 -34.06
N ARG E 68 23.79 -33.37 -35.26
CA ARG E 68 24.44 -32.69 -36.34
C ARG E 68 23.73 -31.42 -36.74
N VAL E 69 22.67 -31.03 -36.03
CA VAL E 69 21.95 -29.85 -36.49
C VAL E 69 21.79 -28.71 -35.52
N THR E 70 22.02 -27.52 -36.04
CA THR E 70 21.81 -26.29 -35.33
C THR E 70 20.89 -25.37 -36.12
N ILE E 71 19.91 -24.82 -35.44
CA ILE E 71 19.00 -23.83 -36.04
C ILE E 71 19.12 -22.56 -35.25
N SER E 72 19.24 -21.44 -35.95
CA SER E 72 19.39 -20.17 -35.29
C SER E 72 18.62 -19.05 -35.97
N VAL E 73 18.82 -17.82 -35.49
CA VAL E 73 18.10 -16.65 -35.97
C VAL E 73 18.90 -15.35 -36.02
N ASP E 74 18.61 -14.52 -37.02
CA ASP E 74 19.19 -13.19 -37.14
C ASP E 74 18.06 -12.18 -37.29
N THR E 75 17.81 -11.47 -36.21
CA THR E 75 16.69 -10.57 -36.11
C THR E 75 16.91 -9.23 -36.77
N SER E 76 18.16 -8.92 -37.15
CA SER E 76 18.40 -7.64 -37.79
C SER E 76 18.07 -7.82 -39.26
N LYS E 77 18.19 -9.08 -39.71
CA LYS E 77 17.91 -9.43 -41.09
C LYS E 77 16.51 -10.05 -41.30
N ASN E 78 15.87 -10.49 -40.19
CA ASN E 78 14.56 -11.16 -40.20
C ASN E 78 14.72 -12.46 -40.99
N GLN E 79 15.82 -13.14 -40.70
CA GLN E 79 16.19 -14.42 -41.28
C GLN E 79 16.32 -15.51 -40.24
N VAL E 80 16.12 -16.74 -40.69
CA VAL E 80 16.35 -17.89 -39.83
C VAL E 80 17.35 -18.78 -40.57
N SER E 81 18.11 -19.61 -39.86
CA SER E 81 19.09 -20.42 -40.58
C SER E 81 19.37 -21.80 -40.04
N LEU E 82 19.77 -22.67 -40.96
CA LEU E 82 20.11 -24.06 -40.70
C LEU E 82 21.52 -24.47 -40.98
N LYS E 83 22.14 -25.14 -40.01
CA LYS E 83 23.46 -25.69 -40.22
C LYS E 83 23.52 -27.20 -39.95
N LEU E 84 23.99 -27.96 -40.94
CA LEU E 84 24.15 -29.41 -40.79
C LEU E 84 25.61 -29.78 -40.89
N SER E 85 26.15 -30.33 -39.81
CA SER E 85 27.56 -30.67 -39.78
C SER E 85 27.79 -32.03 -40.41
N SER E 86 29.05 -32.31 -40.75
CA SER E 86 29.46 -33.61 -41.27
C SER E 86 28.55 -34.10 -42.38
N VAL E 87 28.30 -33.27 -43.38
CA VAL E 87 27.36 -33.68 -44.41
C VAL E 87 27.85 -34.83 -45.27
N THR E 88 26.93 -35.70 -45.62
CA THR E 88 27.21 -36.85 -46.47
C THR E 88 26.29 -36.93 -47.66
N ALA E 89 26.48 -37.92 -48.51
CA ALA E 89 25.67 -38.04 -49.73
C ALA E 89 24.18 -38.12 -49.44
N ALA E 90 23.83 -38.72 -48.31
CA ALA E 90 22.47 -38.90 -47.86
C ALA E 90 21.75 -37.58 -47.56
N ASP E 91 22.52 -36.49 -47.43
CA ASP E 91 21.98 -35.19 -47.12
C ASP E 91 21.64 -34.39 -48.38
N THR E 92 21.78 -34.99 -49.57
CA THR E 92 21.36 -34.27 -50.76
C THR E 92 19.86 -34.16 -50.70
N ALA E 93 19.33 -32.96 -50.84
CA ALA E 93 17.90 -32.76 -50.75
C ALA E 93 17.46 -31.39 -51.15
N VAL E 94 16.17 -31.24 -51.40
CA VAL E 94 15.66 -29.89 -51.52
C VAL E 94 15.32 -29.45 -50.11
N TYR E 95 15.90 -28.35 -49.68
CA TYR E 95 15.65 -27.86 -48.35
C TYR E 95 14.64 -26.75 -48.40
N PHE E 96 13.68 -26.80 -47.50
CA PHE E 96 12.62 -25.82 -47.40
C PHE E 96 12.54 -25.25 -45.99
N CYS E 97 12.11 -23.99 -45.88
CA CYS E 97 11.74 -23.34 -44.63
C CYS E 97 10.20 -23.21 -44.64
N ALA E 98 9.60 -23.26 -43.46
CA ALA E 98 8.16 -23.12 -43.38
C ALA E 98 7.68 -22.52 -42.06
N ARG E 99 6.51 -21.89 -42.11
CA ARG E 99 5.86 -21.37 -40.92
C ARG E 99 4.95 -22.44 -40.39
N HIS E 100 5.29 -22.92 -39.19
CA HIS E 100 4.62 -24.02 -38.52
C HIS E 100 3.73 -23.44 -37.44
N VAL E 101 2.43 -23.58 -37.61
CA VAL E 101 1.45 -23.00 -36.75
C VAL E 101 1.02 -24.01 -35.72
N TYR E 102 1.13 -23.65 -34.45
CA TYR E 102 0.72 -24.57 -33.41
C TYR E 102 -0.42 -24.01 -32.61
N TYR E 103 -0.66 -22.71 -32.71
CA TYR E 103 -1.79 -22.18 -31.97
C TYR E 103 -2.61 -21.41 -32.99
N SER E 104 -3.91 -21.62 -32.99
CA SER E 104 -4.83 -21.00 -33.92
C SER E 104 -5.24 -19.64 -33.45
N ASP E 105 -5.99 -18.95 -34.29
CA ASP E 105 -6.52 -17.64 -33.96
C ASP E 105 -7.97 -17.72 -33.46
N THR E 106 -8.38 -18.93 -33.05
CA THR E 106 -9.72 -19.22 -32.55
C THR E 106 -9.65 -19.77 -31.13
N ASN E 107 -8.61 -19.40 -30.38
CA ASN E 107 -8.39 -19.85 -29.00
C ASN E 107 -8.27 -21.36 -28.80
N SER E 108 -7.52 -22.02 -29.66
CA SER E 108 -7.28 -23.45 -29.52
C SER E 108 -5.95 -23.82 -30.14
N TYR E 109 -5.46 -25.02 -29.85
CA TYR E 109 -4.22 -25.51 -30.43
C TYR E 109 -4.50 -26.21 -31.73
N THR E 110 -3.60 -26.05 -32.67
CA THR E 110 -3.62 -26.64 -34.00
C THR E 110 -2.26 -27.17 -34.37
N TYR E 111 -2.10 -27.66 -35.60
CA TYR E 111 -0.76 -28.14 -35.93
C TYR E 111 -0.54 -28.31 -37.43
N PHE E 112 0.00 -27.30 -38.10
CA PHE E 112 0.23 -27.41 -39.55
C PHE E 112 1.32 -26.50 -40.10
N PHE E 113 1.84 -26.85 -41.27
CA PHE E 113 2.82 -26.00 -41.95
C PHE E 113 2.06 -25.23 -43.00
N ASP E 114 1.88 -23.95 -42.71
CA ASP E 114 1.05 -22.98 -43.42
C ASP E 114 1.74 -22.34 -44.59
N TYR E 115 2.97 -21.89 -44.39
CA TYR E 115 3.69 -21.23 -45.47
C TYR E 115 4.95 -21.95 -45.73
N TRP E 116 5.29 -22.08 -46.99
CA TRP E 116 6.51 -22.73 -47.39
C TRP E 116 7.27 -21.84 -48.35
N GLY E 117 8.59 -21.90 -48.30
CA GLY E 117 9.37 -21.19 -49.30
C GLY E 117 9.40 -22.12 -50.49
N GLN E 118 10.11 -21.81 -51.57
CA GLN E 118 10.07 -22.76 -52.68
C GLN E 118 11.13 -23.82 -52.62
N GLY E 119 12.15 -23.59 -51.81
CA GLY E 119 13.19 -24.56 -51.59
C GLY E 119 14.45 -24.36 -52.38
N THR E 120 15.54 -24.84 -51.83
CA THR E 120 16.85 -24.76 -52.45
C THR E 120 17.47 -26.14 -52.53
N LEU E 121 17.95 -26.51 -53.71
CA LEU E 121 18.53 -27.84 -53.85
C LEU E 121 19.99 -27.86 -53.57
N VAL E 122 20.36 -28.73 -52.64
CA VAL E 122 21.73 -28.86 -52.23
C VAL E 122 22.27 -30.24 -52.50
N THR E 123 23.38 -30.29 -53.23
CA THR E 123 24.09 -31.51 -53.55
C THR E 123 25.27 -31.70 -52.62
N VAL E 124 25.45 -32.92 -52.13
CA VAL E 124 26.61 -33.18 -51.30
C VAL E 124 27.49 -34.14 -52.06
N SER E 125 28.76 -33.79 -52.25
CA SER E 125 29.62 -34.69 -53.04
C SER E 125 31.12 -34.64 -52.65
N SER E 126 31.90 -35.61 -53.18
CA SER E 126 33.36 -35.76 -53.01
C SER E 126 34.07 -35.43 -54.33
N ALA F 1 26.41 12.81 -49.69
CA ALA F 1 27.68 13.41 -49.33
C ALA F 1 27.56 14.92 -49.51
N LEU F 2 28.50 15.67 -48.89
CA LEU F 2 28.54 17.16 -48.93
C LEU F 2 29.60 17.60 -49.95
N THR F 3 29.39 18.75 -50.58
CA THR F 3 30.34 19.24 -51.58
C THR F 3 31.32 20.26 -51.06
N GLN F 4 32.60 20.01 -51.29
CA GLN F 4 33.65 20.91 -50.86
C GLN F 4 34.51 21.26 -52.07
N PRO F 5 35.19 22.41 -52.11
CA PRO F 5 36.15 22.75 -53.14
C PRO F 5 37.21 21.68 -53.12
N ALA F 6 37.68 21.24 -54.27
CA ALA F 6 38.73 20.22 -54.22
C ALA F 6 40.01 20.75 -53.58
N SER F 7 40.29 22.02 -53.84
CA SER F 7 41.51 22.64 -53.36
C SER F 7 41.36 24.14 -53.23
N VAL F 8 41.98 24.69 -52.20
CA VAL F 8 42.04 26.14 -52.01
C VAL F 8 43.48 26.50 -51.70
N SER F 9 43.84 27.76 -51.87
CA SER F 9 45.18 28.15 -51.52
C SER F 9 45.29 29.61 -51.14
N GLY F 10 46.37 29.95 -50.47
CA GLY F 10 46.63 31.34 -50.12
C GLY F 10 48.01 31.50 -49.52
N SER F 11 48.40 32.76 -49.28
CA SER F 11 49.71 33.08 -48.75
C SER F 11 49.69 33.05 -47.23
N PRO F 12 50.83 32.83 -46.57
CA PRO F 12 50.95 32.92 -45.15
C PRO F 12 50.51 34.30 -44.71
N GLY F 13 49.76 34.33 -43.64
CA GLY F 13 49.24 35.53 -43.03
C GLY F 13 47.85 35.92 -43.53
N GLN F 14 47.38 35.30 -44.61
CA GLN F 14 46.06 35.65 -45.15
C GLN F 14 44.95 34.82 -44.54
N SER F 15 43.73 35.34 -44.60
CA SER F 15 42.58 34.56 -44.17
C SER F 15 42.03 33.81 -45.35
N ILE F 16 41.78 32.52 -45.17
CA ILE F 16 41.23 31.72 -46.25
C ILE F 16 39.96 30.99 -45.84
N THR F 17 39.01 30.87 -46.77
CA THR F 17 37.77 30.19 -46.45
C THR F 17 37.50 28.94 -47.28
N ILE F 18 37.15 27.87 -46.58
CA ILE F 18 36.78 26.60 -47.18
C ILE F 18 35.29 26.37 -47.00
N SER F 19 34.56 26.32 -48.10
CA SER F 19 33.11 26.12 -47.99
C SER F 19 32.75 24.64 -48.05
N CYS F 20 31.52 24.31 -47.65
CA CYS F 20 30.88 22.99 -47.69
C CYS F 20 29.39 23.16 -47.97
N THR F 21 28.92 22.65 -49.10
CA THR F 21 27.52 22.86 -49.45
C THR F 21 26.74 21.57 -49.42
N GLY F 22 25.58 21.62 -48.76
CA GLY F 22 24.69 20.44 -48.68
C GLY F 22 23.26 20.80 -49.06
N THR F 23 22.31 20.03 -48.55
CA THR F 23 20.87 20.31 -48.82
C THR F 23 20.19 20.78 -47.54
N SER F 24 18.87 20.90 -47.56
CA SER F 24 18.14 21.24 -46.31
C SER F 24 18.23 20.03 -45.37
N SER F 25 18.57 18.86 -45.93
CA SER F 25 18.42 17.60 -45.17
C SER F 25 19.57 17.47 -44.15
N ASP F 26 20.78 17.86 -44.57
CA ASP F 26 21.96 17.76 -43.68
C ASP F 26 22.24 19.12 -43.02
N ILE F 27 22.73 20.09 -43.81
CA ILE F 27 23.40 21.32 -43.27
C ILE F 27 22.31 22.27 -42.77
N GLY F 28 21.38 22.61 -43.66
CA GLY F 28 20.27 23.51 -43.41
C GLY F 28 19.39 23.18 -42.26
N GLY F 29 19.06 21.96 -42.03
CA GLY F 29 18.24 21.48 -40.95
C GLY F 29 18.81 21.58 -39.63
N TYR F 30 20.05 21.40 -39.43
CA TYR F 30 20.66 21.25 -38.13
C TYR F 30 21.84 22.12 -37.97
N ASN F 31 22.20 22.43 -36.81
CA ASN F 31 23.37 23.17 -36.44
C ASN F 31 24.37 22.21 -35.85
N TYR F 32 24.68 21.20 -36.60
CA TYR F 32 25.59 20.16 -36.17
C TYR F 32 26.76 19.99 -37.08
N VAL F 33 27.19 21.07 -37.70
CA VAL F 33 28.30 20.97 -38.62
C VAL F 33 29.63 20.97 -37.88
N SER F 34 30.48 20.02 -38.22
CA SER F 34 31.79 19.93 -37.63
C SER F 34 32.84 19.88 -38.70
N TRP F 35 34.04 20.28 -38.34
CA TRP F 35 35.17 20.26 -39.26
C TRP F 35 36.36 19.57 -38.67
N TYR F 36 37.10 18.89 -39.54
CA TYR F 36 38.31 18.18 -39.20
C TYR F 36 39.51 18.62 -40.00
N GLN F 37 40.66 18.59 -39.34
CA GLN F 37 41.95 18.87 -39.97
C GLN F 37 42.71 17.59 -40.10
N ASN F 38 43.16 17.24 -41.29
CA ASN F 38 43.87 15.99 -41.43
C ASN F 38 45.22 16.10 -42.11
N HIS F 39 46.29 15.99 -41.33
CA HIS F 39 47.62 16.04 -41.88
C HIS F 39 47.93 14.63 -42.36
N PRO F 40 48.69 14.44 -43.43
CA PRO F 40 49.08 13.13 -43.90
C PRO F 40 49.79 12.37 -42.82
N GLY F 41 49.45 11.10 -42.68
CA GLY F 41 50.07 10.24 -41.70
C GLY F 41 49.40 10.25 -40.33
N LYS F 42 48.43 11.12 -40.12
CA LYS F 42 47.76 11.22 -38.83
C LYS F 42 46.25 11.06 -38.93
N ALA F 43 45.62 10.65 -37.84
CA ALA F 43 44.15 10.61 -37.83
C ALA F 43 43.62 12.03 -37.81
N PRO F 44 42.43 12.30 -38.34
CA PRO F 44 41.78 13.59 -38.31
C PRO F 44 41.61 14.17 -36.93
N LYS F 45 41.84 15.46 -36.82
CA LYS F 45 41.70 16.23 -35.60
C LYS F 45 40.41 17.03 -35.62
N LEU F 46 39.62 16.96 -34.57
CA LEU F 46 38.44 17.80 -34.56
C LEU F 46 38.85 19.22 -34.29
N ILE F 47 38.43 20.14 -35.14
CA ILE F 47 38.75 21.54 -34.95
C ILE F 47 37.51 22.35 -34.60
N ILE F 48 36.39 22.05 -35.26
CA ILE F 48 35.14 22.76 -35.04
C ILE F 48 33.97 21.82 -34.87
N TYR F 49 33.05 22.16 -33.98
CA TYR F 49 31.84 21.37 -33.80
C TYR F 49 30.65 22.30 -33.54
N ASP F 50 29.44 21.81 -33.76
CA ASP F 50 28.26 22.65 -33.55
C ASP F 50 28.37 23.98 -34.28
N VAL F 51 28.82 23.91 -35.54
CA VAL F 51 28.98 24.98 -36.50
C VAL F 51 30.12 25.94 -36.22
N SER F 52 30.12 26.56 -35.05
CA SER F 52 31.13 27.55 -34.71
C SER F 52 32.03 27.32 -33.48
N HIS F 53 31.85 26.22 -32.73
CA HIS F 53 32.61 26.02 -31.49
C HIS F 53 33.92 25.31 -31.68
N ARG F 54 34.89 25.59 -30.81
CA ARG F 54 36.16 24.88 -30.88
C ARG F 54 36.36 24.01 -29.64
N PRO F 55 36.99 22.82 -29.78
CA PRO F 55 37.45 21.98 -28.69
C PRO F 55 38.56 22.68 -27.96
N SER F 56 38.74 22.38 -26.69
CA SER F 56 39.85 22.97 -25.99
C SER F 56 41.14 22.52 -26.66
N GLY F 57 42.10 23.42 -26.77
CA GLY F 57 43.38 23.09 -27.39
C GLY F 57 43.45 23.49 -28.86
N VAL F 58 42.32 23.86 -29.44
CA VAL F 58 42.28 24.27 -30.83
C VAL F 58 42.48 25.76 -30.95
N SER F 59 43.36 26.14 -31.85
CA SER F 59 43.71 27.52 -32.09
C SER F 59 42.54 28.39 -32.45
N ASN F 60 42.57 29.61 -31.96
CA ASN F 60 41.51 30.58 -32.14
C ASN F 60 41.54 31.23 -33.49
N ARG F 61 42.45 30.77 -34.33
CA ARG F 61 42.50 31.23 -35.70
C ARG F 61 41.43 30.50 -36.49
N PHE F 62 40.88 29.42 -35.91
CA PHE F 62 39.85 28.64 -36.58
C PHE F 62 38.47 29.08 -36.09
N SER F 63 37.57 29.27 -37.02
CA SER F 63 36.21 29.64 -36.70
C SER F 63 35.29 29.17 -37.80
N GLY F 64 34.00 29.32 -37.60
CA GLY F 64 33.10 28.90 -38.65
C GLY F 64 31.69 29.40 -38.42
N SER F 65 30.90 29.24 -39.48
CA SER F 65 29.52 29.69 -39.54
C SER F 65 28.77 28.98 -40.63
N LYS F 66 27.46 29.22 -40.71
CA LYS F 66 26.66 28.67 -41.79
C LYS F 66 25.58 29.65 -42.22
N SER F 67 25.16 29.54 -43.47
CA SER F 67 24.06 30.30 -44.03
C SER F 67 23.31 29.45 -45.02
N GLY F 68 22.01 29.26 -44.81
CA GLY F 68 21.26 28.42 -45.72
C GLY F 68 21.81 27.00 -45.65
N ASN F 69 22.18 26.45 -46.80
CA ASN F 69 22.70 25.10 -46.90
C ASN F 69 24.22 25.10 -47.01
N THR F 70 24.85 26.24 -46.77
CA THR F 70 26.30 26.33 -46.89
C THR F 70 27.00 26.56 -45.56
N ALA F 71 27.97 25.72 -45.29
CA ALA F 71 28.79 25.83 -44.10
C ALA F 71 30.14 26.40 -44.49
N SER F 72 30.78 27.08 -43.57
CA SER F 72 32.07 27.67 -43.87
C SER F 72 33.11 27.61 -42.76
N LEU F 73 34.29 27.14 -43.15
CA LEU F 73 35.48 27.06 -42.30
C LEU F 73 36.42 28.22 -42.60
N SER F 74 36.69 29.01 -41.58
CA SER F 74 37.54 30.17 -41.76
C SER F 74 38.84 30.04 -40.99
N ILE F 75 39.95 30.16 -41.70
CA ILE F 75 41.27 30.05 -41.09
C ILE F 75 42.03 31.37 -41.23
N SER F 76 42.17 32.14 -40.14
CA SER F 76 42.84 33.43 -40.24
C SER F 76 44.31 33.23 -40.01
N GLY F 77 45.16 34.19 -40.42
CA GLY F 77 46.55 34.08 -40.05
C GLY F 77 47.16 32.81 -40.60
N LEU F 78 46.83 32.44 -41.85
CA LEU F 78 47.27 31.17 -42.38
C LEU F 78 48.77 30.90 -42.19
N GLN F 79 49.06 29.74 -41.64
CA GLN F 79 50.42 29.28 -41.35
C GLN F 79 50.85 28.16 -42.26
N ALA F 80 52.15 27.94 -42.40
CA ALA F 80 52.64 26.81 -43.19
C ALA F 80 52.15 25.49 -42.61
N GLU F 81 52.02 25.46 -41.31
CA GLU F 81 51.57 24.30 -40.55
C GLU F 81 50.12 23.92 -40.80
N ASP F 82 49.36 24.80 -41.45
CA ASP F 82 47.96 24.54 -41.71
C ASP F 82 47.77 23.76 -43.00
N GLU F 83 48.83 23.45 -43.74
CA GLU F 83 48.59 22.66 -44.93
C GLU F 83 48.03 21.33 -44.45
N ALA F 84 46.85 20.99 -44.93
CA ALA F 84 46.15 19.78 -44.50
C ALA F 84 44.92 19.56 -45.34
N ASP F 85 44.36 18.38 -45.30
CA ASP F 85 43.05 18.22 -45.90
C ASP F 85 42.03 18.63 -44.87
N TYR F 86 40.96 19.29 -45.28
CA TYR F 86 39.93 19.64 -44.33
C TYR F 86 38.63 18.99 -44.74
N TYR F 87 37.91 18.52 -43.75
CA TYR F 87 36.64 17.86 -44.02
C TYR F 87 35.52 18.45 -43.23
N CYS F 88 34.32 18.49 -43.84
CA CYS F 88 33.08 18.87 -43.18
C CYS F 88 32.30 17.60 -42.89
N CYS F 89 31.55 17.65 -41.81
CA CYS F 89 30.65 16.58 -41.47
C CYS F 89 29.42 17.15 -40.83
N SER F 90 28.27 16.59 -41.13
CA SER F 90 27.05 17.10 -40.52
C SER F 90 26.06 15.99 -40.24
N PHE F 91 25.01 16.34 -39.52
CA PHE F 91 23.98 15.37 -39.23
C PHE F 91 23.00 15.42 -40.37
N THR F 92 21.98 14.58 -40.37
CA THR F 92 21.03 14.61 -41.45
C THR F 92 19.70 13.95 -41.09
N ASP F 93 18.66 14.24 -41.88
CA ASP F 93 17.33 13.65 -41.65
C ASP F 93 17.38 12.14 -41.49
N ASN F 94 18.23 11.48 -42.25
CA ASN F 94 18.46 10.06 -42.13
C ASN F 94 19.49 9.99 -41.02
N ASN F 95 19.16 9.46 -39.86
CA ASN F 95 20.04 9.60 -38.70
C ASN F 95 21.35 8.77 -38.72
N ILE F 96 22.26 9.19 -39.61
CA ILE F 96 23.61 8.69 -39.90
C ILE F 96 24.46 9.95 -40.16
N PRO F 97 25.77 9.96 -40.01
CA PRO F 97 26.62 11.09 -40.34
C PRO F 97 26.80 11.25 -41.83
N ALA F 98 27.06 12.48 -42.26
CA ALA F 98 27.42 12.72 -43.66
C ALA F 98 28.73 13.46 -43.73
N PHE F 99 29.65 12.99 -44.58
CA PHE F 99 30.94 13.65 -44.78
C PHE F 99 31.05 14.29 -46.14
N GLY F 100 31.81 15.35 -46.22
CA GLY F 100 32.06 15.95 -47.50
C GLY F 100 33.23 15.31 -48.22
N GLY F 101 33.41 15.70 -49.48
CA GLY F 101 34.51 15.20 -50.30
C GLY F 101 35.93 15.49 -49.79
N GLY F 102 36.10 16.63 -49.14
CA GLY F 102 37.39 17.05 -48.61
C GLY F 102 38.04 18.12 -49.47
N THR F 103 38.69 19.08 -48.81
CA THR F 103 39.39 20.19 -49.48
C THR F 103 40.84 20.17 -49.15
N LYS F 104 41.71 20.25 -50.14
CA LYS F 104 43.12 20.32 -49.79
C LYS F 104 43.54 21.78 -49.66
N LEU F 105 44.10 22.16 -48.53
CA LEU F 105 44.56 23.51 -48.31
C LEU F 105 46.04 23.63 -48.48
N THR F 106 46.44 24.44 -49.47
CA THR F 106 47.84 24.66 -49.79
C THR F 106 48.28 26.06 -49.35
N VAL F 107 49.36 26.10 -48.61
CA VAL F 107 49.87 27.36 -48.12
C VAL F 107 51.11 27.71 -48.95
N LEU F 108 51.09 28.91 -49.58
CA LEU F 108 52.09 29.41 -50.54
C LEU F 108 53.15 30.31 -49.85
N ALA G 1 7.25 -42.58 -38.28
CA ALA G 1 6.67 -42.10 -39.53
C ALA G 1 5.31 -42.76 -39.71
N LEU G 2 4.48 -42.18 -40.61
CA LEU G 2 3.11 -42.65 -40.91
C LEU G 2 3.13 -43.45 -42.23
N THR G 3 2.25 -44.43 -42.36
CA THR G 3 2.23 -45.26 -43.56
C THR G 3 1.18 -44.83 -44.57
N GLN G 4 1.61 -44.64 -45.81
CA GLN G 4 0.72 -44.24 -46.88
C GLN G 4 0.88 -45.23 -48.02
N PRO G 5 -0.13 -45.45 -48.89
CA PRO G 5 -0.01 -46.25 -50.09
C PRO G 5 1.08 -45.63 -50.92
N ALA G 6 1.93 -46.42 -51.55
CA ALA G 6 2.96 -45.80 -52.37
C ALA G 6 2.36 -45.05 -53.55
N SER G 7 1.29 -45.59 -54.10
CA SER G 7 0.65 -45.03 -55.28
C SER G 7 -0.81 -45.41 -55.36
N VAL G 8 -1.62 -44.47 -55.82
CA VAL G 8 -3.03 -44.72 -56.09
C VAL G 8 -3.35 -44.18 -57.47
N SER G 9 -4.43 -44.63 -58.07
CA SER G 9 -4.80 -44.07 -59.35
C SER G 9 -6.28 -44.14 -59.62
N GLY G 10 -6.72 -43.35 -60.58
CA GLY G 10 -8.12 -43.39 -60.99
C GLY G 10 -8.36 -42.54 -62.22
N SER G 11 -9.57 -42.60 -62.75
CA SER G 11 -9.93 -41.87 -63.95
C SER G 11 -10.43 -40.48 -63.60
N PRO G 12 -10.33 -39.51 -64.51
CA PRO G 12 -10.90 -38.21 -64.34
C PRO G 12 -12.37 -38.33 -64.06
N GLY G 13 -12.83 -37.56 -63.11
CA GLY G 13 -14.21 -37.51 -62.68
C GLY G 13 -14.54 -38.45 -61.53
N GLN G 14 -13.63 -39.37 -61.20
CA GLN G 14 -13.89 -40.31 -60.11
C GLN G 14 -13.43 -39.79 -58.77
N SER G 15 -14.00 -40.32 -57.69
CA SER G 15 -13.52 -39.99 -56.36
C SER G 15 -12.47 -40.99 -55.96
N ILE G 16 -11.35 -40.49 -55.46
CA ILE G 16 -10.28 -41.37 -55.02
C ILE G 16 -9.86 -41.10 -53.59
N THR G 17 -9.51 -42.16 -52.86
CA THR G 17 -9.10 -41.98 -51.47
C THR G 17 -7.67 -42.42 -51.19
N ILE G 18 -6.93 -41.55 -50.51
CA ILE G 18 -5.57 -41.80 -50.07
C ILE G 18 -5.56 -41.96 -48.56
N SER G 19 -5.20 -43.14 -48.08
CA SER G 19 -5.19 -43.35 -46.65
C SER G 19 -3.81 -43.06 -46.05
N CYS G 20 -3.75 -42.90 -44.72
CA CYS G 20 -2.56 -42.70 -43.88
C CYS G 20 -2.77 -43.40 -42.55
N THR G 21 -1.95 -44.39 -42.26
CA THR G 21 -2.15 -45.14 -41.02
C THR G 21 -1.02 -44.92 -40.04
N GLY G 22 -1.40 -44.64 -38.79
CA GLY G 22 -0.40 -44.43 -37.72
C GLY G 22 -0.74 -45.26 -36.49
N THR G 23 -0.27 -44.80 -35.32
CA THR G 23 -0.57 -45.52 -34.05
C THR G 23 -1.51 -44.67 -33.20
N SER G 24 -1.73 -45.06 -31.95
CA SER G 24 -2.55 -44.20 -31.06
C SER G 24 -1.72 -42.96 -30.72
N SER G 25 -0.41 -43.01 -30.97
CA SER G 25 0.50 -41.96 -30.45
C SER G 25 0.38 -40.72 -31.31
N ASP G 26 0.27 -40.89 -32.63
CA ASP G 26 0.17 -39.74 -33.56
C ASP G 26 -1.30 -39.49 -33.91
N ILE G 27 -1.89 -40.37 -34.72
CA ILE G 27 -3.16 -40.09 -35.45
C ILE G 27 -4.34 -40.20 -34.48
N GLY G 28 -4.43 -41.36 -33.83
CA GLY G 28 -5.47 -41.69 -32.86
C GLY G 28 -5.63 -40.77 -31.71
N GLY G 29 -4.58 -40.28 -31.13
CA GLY G 29 -4.59 -39.35 -30.03
C GLY G 29 -5.07 -38.02 -30.31
N TYR G 30 -4.86 -37.46 -31.44
CA TYR G 30 -5.09 -36.08 -31.71
C TYR G 30 -5.87 -35.88 -32.96
N ASN G 31 -6.50 -34.82 -33.11
CA ASN G 31 -7.22 -34.40 -34.28
C ASN G 31 -6.44 -33.31 -34.95
N TYR G 32 -5.21 -33.60 -35.24
CA TYR G 32 -4.29 -32.66 -35.84
C TYR G 32 -3.73 -33.14 -37.13
N VAL G 33 -4.49 -33.92 -37.87
CA VAL G 33 -3.98 -34.45 -39.11
C VAL G 33 -4.10 -33.43 -40.24
N SER G 34 -3.03 -33.23 -40.97
CA SER G 34 -3.01 -32.31 -42.07
C SER G 34 -2.52 -33.02 -43.31
N TRP G 35 -2.90 -32.49 -44.46
CA TRP G 35 -2.46 -33.03 -45.73
C TRP G 35 -1.91 -31.97 -46.63
N TYR G 36 -0.92 -32.37 -47.41
CA TYR G 36 -0.26 -31.52 -48.38
C TYR G 36 -0.29 -32.08 -49.78
N GLN G 37 -0.39 -31.18 -50.75
CA GLN G 37 -0.31 -31.50 -52.16
C GLN G 37 1.00 -31.01 -52.71
N ASN G 38 1.78 -31.89 -53.33
CA ASN G 38 3.06 -31.46 -53.83
C ASN G 38 3.30 -31.76 -55.30
N HIS G 39 3.25 -30.73 -56.14
CA HIS G 39 3.51 -30.90 -57.54
C HIS G 39 5.01 -30.83 -57.71
N PRO G 40 5.63 -31.56 -58.64
CA PRO G 40 7.04 -31.50 -58.89
C PRO G 40 7.45 -30.08 -59.21
N GLY G 41 8.57 -29.65 -58.63
CA GLY G 41 9.10 -28.33 -58.87
C GLY G 41 8.56 -27.25 -57.93
N LYS G 42 7.58 -27.58 -57.10
CA LYS G 42 6.99 -26.59 -56.20
C LYS G 42 7.05 -27.03 -54.75
N ALA G 43 7.00 -26.08 -53.83
CA ALA G 43 6.90 -26.44 -52.41
C ALA G 43 5.51 -26.99 -52.14
N PRO G 44 5.34 -27.86 -51.15
CA PRO G 44 4.05 -28.41 -50.75
C PRO G 44 3.03 -27.35 -50.38
N LYS G 45 1.80 -27.60 -50.81
CA LYS G 45 0.67 -26.75 -50.53
C LYS G 45 -0.20 -27.34 -49.44
N LEU G 46 -0.57 -26.57 -48.44
CA LEU G 46 -1.46 -27.13 -47.44
C LEU G 46 -2.84 -27.20 -48.02
N ILE G 47 -3.45 -28.37 -47.95
CA ILE G 47 -4.80 -28.55 -48.46
C ILE G 47 -5.79 -28.80 -47.34
N ILE G 48 -5.39 -29.60 -46.36
CA ILE G 48 -6.24 -29.94 -45.23
C ILE G 48 -5.53 -29.79 -43.91
N TYR G 49 -6.23 -29.33 -42.88
CA TYR G 49 -5.66 -29.24 -41.55
C TYR G 49 -6.74 -29.59 -40.52
N ASP G 50 -6.31 -29.96 -39.31
CA ASP G 50 -7.27 -30.32 -38.27
C ASP G 50 -8.26 -31.37 -38.75
N VAL G 51 -7.72 -32.39 -39.45
CA VAL G 51 -8.39 -33.56 -39.99
C VAL G 51 -9.28 -33.30 -41.20
N SER G 52 -10.26 -32.42 -41.06
CA SER G 52 -11.21 -32.15 -42.12
C SER G 52 -11.32 -30.72 -42.67
N HIS G 53 -10.57 -29.74 -42.16
CA HIS G 53 -10.73 -28.35 -42.58
C HIS G 53 -9.87 -27.96 -43.77
N ARG G 54 -10.35 -27.00 -44.56
CA ARG G 54 -9.55 -26.51 -45.67
C ARG G 54 -9.13 -25.06 -45.45
N PRO G 55 -7.92 -24.65 -45.88
CA PRO G 55 -7.46 -23.29 -45.94
C PRO G 55 -8.25 -22.54 -46.98
N SER G 56 -8.38 -21.24 -46.82
CA SER G 56 -9.07 -20.49 -47.84
C SER G 56 -8.31 -20.63 -49.14
N GLY G 57 -9.03 -20.77 -50.25
CA GLY G 57 -8.40 -20.89 -51.56
C GLY G 57 -8.26 -22.35 -52.01
N VAL G 58 -8.51 -23.28 -51.10
CA VAL G 58 -8.43 -24.69 -51.44
C VAL G 58 -9.77 -25.21 -51.91
N SER G 59 -9.74 -25.91 -53.03
CA SER G 59 -10.92 -26.47 -53.65
C SER G 59 -11.71 -27.36 -52.74
N ASN G 60 -13.03 -27.28 -52.89
CA ASN G 60 -13.97 -28.02 -52.07
C ASN G 60 -14.12 -29.46 -52.49
N ARG G 61 -13.32 -29.85 -53.48
CA ARG G 61 -13.28 -31.23 -53.90
C ARG G 61 -12.42 -32.01 -52.91
N PHE G 62 -11.66 -31.29 -52.07
CA PHE G 62 -10.80 -31.93 -51.09
C PHE G 62 -11.50 -31.96 -49.74
N SER G 63 -11.45 -33.11 -49.10
CA SER G 63 -12.03 -33.28 -47.79
C SER G 63 -11.30 -34.39 -47.06
N GLY G 64 -11.62 -34.59 -45.80
CA GLY G 64 -10.96 -35.66 -45.09
C GLY G 64 -11.62 -35.96 -43.77
N SER G 65 -11.20 -37.09 -43.21
CA SER G 65 -11.73 -37.64 -41.98
C SER G 65 -10.75 -38.62 -41.36
N LYS G 66 -11.07 -39.11 -40.17
CA LYS G 66 -10.26 -40.13 -39.54
C LYS G 66 -11.13 -41.11 -38.76
N SER G 67 -10.64 -42.33 -38.61
CA SER G 67 -11.27 -43.36 -37.80
C SER G 67 -10.20 -44.21 -37.14
N GLY G 68 -10.22 -44.29 -35.82
CA GLY G 68 -9.19 -45.06 -35.15
C GLY G 68 -7.84 -44.42 -35.42
N ASN G 69 -6.89 -45.20 -35.93
CA ASN G 69 -5.54 -44.74 -36.22
C ASN G 69 -5.37 -44.45 -37.70
N THR G 70 -6.47 -44.42 -38.46
CA THR G 70 -6.37 -44.18 -39.89
C THR G 70 -6.98 -42.86 -40.32
N ALA G 71 -6.20 -42.09 -41.05
CA ALA G 71 -6.62 -40.82 -41.60
C ALA G 71 -6.90 -41.01 -43.07
N SER G 72 -7.80 -40.21 -43.61
CA SER G 72 -8.13 -40.33 -45.01
C SER G 72 -8.35 -39.02 -45.76
N LEU G 73 -7.67 -38.92 -46.91
CA LEU G 73 -7.78 -37.82 -47.86
C LEU G 73 -8.67 -38.20 -49.02
N SER G 74 -9.74 -37.45 -49.19
CA SER G 74 -10.69 -37.74 -50.25
C SER G 74 -10.71 -36.65 -51.31
N ILE G 75 -10.48 -37.06 -52.56
CA ILE G 75 -10.47 -36.12 -53.67
C ILE G 75 -11.59 -36.46 -54.66
N SER G 76 -12.65 -35.66 -54.68
CA SER G 76 -13.77 -35.97 -55.58
C SER G 76 -13.53 -35.31 -56.91
N GLY G 77 -14.21 -35.76 -57.97
CA GLY G 77 -14.10 -35.03 -59.21
C GLY G 77 -12.68 -35.00 -59.70
N LEU G 78 -11.94 -36.10 -59.59
CA LEU G 78 -10.53 -36.09 -59.91
C LEU G 78 -10.21 -35.45 -61.26
N GLN G 79 -9.27 -34.50 -61.21
CA GLN G 79 -8.82 -33.75 -62.39
C GLN G 79 -7.42 -34.13 -62.80
N ALA G 80 -7.06 -33.85 -64.05
CA ALA G 80 -5.68 -34.10 -64.50
C ALA G 80 -4.69 -33.30 -63.68
N GLU G 81 -5.11 -32.13 -63.26
CA GLU G 81 -4.33 -31.19 -62.47
C GLU G 81 -4.02 -31.68 -61.07
N ASP G 82 -4.68 -32.75 -60.62
CA ASP G 82 -4.49 -33.27 -59.29
C ASP G 82 -3.33 -34.26 -59.25
N GLU G 83 -2.70 -34.57 -60.38
CA GLU G 83 -1.57 -35.47 -60.27
C GLU G 83 -0.54 -34.78 -59.39
N ALA G 84 -0.18 -35.41 -58.31
CA ALA G 84 0.75 -34.83 -57.34
C ALA G 84 1.13 -35.86 -56.30
N ASP G 85 2.17 -35.60 -55.54
CA ASP G 85 2.41 -36.45 -54.39
C ASP G 85 1.57 -35.89 -53.26
N TYR G 86 1.00 -36.75 -52.43
CA TYR G 86 0.27 -36.25 -51.29
C TYR G 86 0.89 -36.76 -50.03
N TYR G 87 0.93 -35.89 -49.03
CA TYR G 87 1.52 -36.28 -47.76
C TYR G 87 0.60 -36.02 -46.61
N CYS G 88 0.66 -36.90 -45.60
CA CYS G 88 -0.03 -36.74 -44.33
C CYS G 88 0.99 -36.29 -43.30
N CYS G 89 0.51 -35.51 -42.36
CA CYS G 89 1.31 -35.09 -41.24
C CYS G 89 0.45 -35.01 -40.01
N SER G 90 0.96 -35.41 -38.88
CA SER G 90 0.18 -35.32 -37.66
C SER G 90 1.03 -34.99 -36.46
N PHE G 91 0.37 -34.71 -35.34
CA PHE G 91 1.09 -34.41 -34.12
C PHE G 91 1.34 -35.72 -33.44
N THR G 92 2.03 -35.73 -32.32
CA THR G 92 2.28 -36.98 -31.64
C THR G 92 2.65 -36.80 -30.17
N ASP G 93 2.56 -37.87 -29.39
CA ASP G 93 2.90 -37.83 -27.97
C ASP G 93 4.27 -37.20 -27.72
N ASN G 94 5.23 -37.48 -28.59
CA ASN G 94 6.54 -36.87 -28.54
C ASN G 94 6.32 -35.57 -29.27
N ASN G 95 6.39 -34.43 -28.62
CA ASN G 95 5.95 -33.18 -29.25
C ASN G 95 6.85 -32.60 -30.36
N ILE G 96 6.84 -33.31 -31.51
CA ILE G 96 7.53 -33.08 -32.77
C ILE G 96 6.52 -33.48 -33.86
N PRO G 97 6.58 -33.00 -35.10
CA PRO G 97 5.70 -33.43 -36.17
C PRO G 97 6.08 -34.79 -36.70
N ALA G 98 5.10 -35.50 -37.25
CA ALA G 98 5.37 -36.76 -37.94
C ALA G 98 4.83 -36.71 -39.34
N PHE G 99 5.64 -37.11 -40.32
CA PHE G 99 5.20 -37.16 -41.72
C PHE G 99 5.08 -38.57 -42.23
N GLY G 100 4.18 -38.78 -43.16
CA GLY G 100 4.08 -40.07 -43.78
C GLY G 100 5.03 -40.22 -44.95
N GLY G 101 5.10 -41.44 -45.46
CA GLY G 101 5.95 -41.77 -46.61
C GLY G 101 5.64 -41.02 -47.91
N GLY G 102 4.37 -40.73 -48.13
CA GLY G 102 3.91 -40.03 -49.33
C GLY G 102 3.26 -40.98 -50.32
N THR G 103 2.19 -40.50 -50.97
CA THR G 103 1.45 -41.27 -51.97
C THR G 103 1.48 -40.58 -53.30
N LYS G 104 1.83 -41.29 -54.36
CA LYS G 104 1.77 -40.63 -55.65
C LYS G 104 0.39 -40.85 -56.28
N LEU G 105 -0.29 -39.78 -56.64
CA LEU G 105 -1.60 -39.87 -57.27
C LEU G 105 -1.52 -39.69 -58.75
N THR G 106 -1.90 -40.74 -59.48
CA THR G 106 -1.88 -40.75 -60.93
C THR G 106 -3.28 -40.64 -61.50
N VAL G 107 -3.48 -39.69 -62.39
CA VAL G 107 -4.78 -39.50 -62.99
C VAL G 107 -4.71 -40.05 -64.42
N LEU G 108 -5.62 -40.99 -64.74
CA LEU G 108 -5.68 -41.77 -66.00
C LEU G 108 -6.65 -41.14 -67.03
N GLN H 1 28.31 -37.78 -7.56
CA GLN H 1 28.34 -38.90 -8.52
C GLN H 1 28.40 -38.45 -10.02
N VAL H 2 28.67 -37.14 -10.28
CA VAL H 2 28.79 -36.57 -11.64
C VAL H 2 30.01 -37.11 -12.36
N GLN H 3 29.82 -37.46 -13.62
CA GLN H 3 30.87 -37.96 -14.46
C GLN H 3 31.29 -36.83 -15.38
N LEU H 4 32.58 -36.70 -15.60
CA LEU H 4 33.07 -35.68 -16.51
C LEU H 4 33.85 -36.36 -17.62
N GLN H 5 33.61 -35.98 -18.88
CA GLN H 5 34.38 -36.60 -19.95
C GLN H 5 34.85 -35.65 -21.04
N GLU H 6 36.17 -35.57 -21.18
CA GLU H 6 36.82 -34.75 -22.18
C GLU H 6 36.82 -35.41 -23.55
N SER H 7 36.69 -34.62 -24.59
CA SER H 7 36.80 -35.09 -25.96
C SER H 7 37.30 -34.01 -26.89
N GLY H 8 38.13 -34.39 -27.85
CA GLY H 8 38.59 -33.42 -28.84
C GLY H 8 39.74 -34.00 -29.62
N PRO H 9 40.29 -33.28 -30.60
CA PRO H 9 41.37 -33.68 -31.45
C PRO H 9 42.59 -34.01 -30.61
N GLY H 10 43.29 -35.08 -30.97
CA GLY H 10 44.50 -35.46 -30.25
C GLY H 10 45.72 -34.83 -30.90
N LEU H 11 45.46 -34.07 -31.94
CA LEU H 11 46.47 -33.39 -32.71
C LEU H 11 45.96 -32.09 -33.29
N VAL H 12 46.70 -31.04 -33.01
CA VAL H 12 46.44 -29.71 -33.52
C VAL H 12 47.76 -29.23 -34.10
N LYS H 13 47.72 -28.49 -35.19
CA LYS H 13 48.99 -28.05 -35.72
C LYS H 13 49.41 -26.72 -35.13
N THR H 14 50.70 -26.46 -35.22
CA THR H 14 51.28 -25.24 -34.72
C THR H 14 50.58 -24.05 -35.37
N SER H 15 50.25 -23.09 -34.50
CA SER H 15 49.57 -21.82 -34.75
C SER H 15 48.06 -21.91 -35.01
N GLU H 16 47.48 -23.09 -34.91
CA GLU H 16 46.05 -23.28 -35.03
C GLU H 16 45.39 -23.11 -33.67
N THR H 17 44.07 -23.26 -33.63
CA THR H 17 43.37 -23.15 -32.37
C THR H 17 42.94 -24.52 -31.93
N LEU H 18 43.24 -24.84 -30.69
CA LEU H 18 42.85 -26.11 -30.10
C LEU H 18 41.51 -25.96 -29.45
N SER H 19 40.60 -26.88 -29.73
CA SER H 19 39.29 -26.81 -29.12
C SER H 19 38.85 -28.12 -28.50
N LEU H 20 38.72 -28.12 -27.17
CA LEU H 20 38.33 -29.31 -26.41
C LEU H 20 37.00 -29.11 -25.73
N THR H 21 36.21 -30.18 -25.66
CA THR H 21 34.90 -30.09 -25.01
C THR H 21 34.73 -31.16 -23.92
N CYS H 22 34.19 -30.76 -22.75
CA CYS H 22 33.90 -31.63 -21.60
C CYS H 22 32.40 -31.78 -21.41
N ALA H 23 31.94 -33.02 -21.44
CA ALA H 23 30.55 -33.29 -21.22
C ALA H 23 30.34 -33.58 -19.77
N VAL H 24 29.27 -33.03 -19.22
CA VAL H 24 28.97 -33.25 -17.83
C VAL H 24 27.70 -34.08 -17.72
N SER H 25 27.75 -35.17 -16.98
CA SER H 25 26.59 -36.03 -16.87
C SER H 25 26.40 -36.54 -15.46
N GLY H 26 25.17 -36.57 -14.98
CA GLY H 26 24.95 -37.01 -13.61
C GLY H 26 24.96 -35.83 -12.66
N GLY H 27 24.87 -34.64 -13.23
CA GLY H 27 24.83 -33.40 -12.48
C GLY H 27 24.76 -32.23 -13.43
N SER H 28 24.45 -31.07 -12.89
CA SER H 28 24.33 -29.86 -13.66
C SER H 28 25.65 -29.17 -13.85
N ILE H 29 25.66 -28.22 -14.77
CA ILE H 29 26.83 -27.37 -14.92
C ILE H 29 26.56 -26.04 -14.25
N SER H 30 25.29 -25.76 -14.00
CA SER H 30 24.86 -24.57 -13.32
C SER H 30 24.78 -24.79 -11.83
N GLY H 31 25.30 -23.86 -11.07
CA GLY H 31 25.25 -23.95 -9.63
C GLY H 31 25.97 -22.76 -9.07
N SER H 32 25.73 -22.49 -7.80
CA SER H 32 26.32 -21.33 -7.16
C SER H 32 27.48 -21.67 -6.25
N ARG H 33 27.87 -22.93 -6.23
CA ARG H 33 28.97 -23.33 -5.36
C ARG H 33 30.18 -23.78 -6.16
N TYR H 34 30.08 -23.71 -7.50
CA TYR H 34 31.11 -24.29 -8.36
C TYR H 34 31.56 -23.43 -9.51
N TYR H 35 32.78 -23.71 -9.95
CA TYR H 35 33.31 -23.18 -11.20
C TYR H 35 33.73 -24.41 -12.02
N TRP H 36 33.71 -24.30 -13.34
CA TRP H 36 34.26 -25.43 -14.11
C TRP H 36 35.67 -25.11 -14.53
N ALA H 37 36.59 -25.95 -14.16
CA ALA H 37 37.98 -25.67 -14.43
C ALA H 37 38.60 -26.51 -15.51
N TRP H 38 39.50 -25.89 -16.25
CA TRP H 38 40.36 -26.61 -17.17
C TRP H 38 41.76 -26.56 -16.59
N ILE H 39 42.39 -27.72 -16.53
CA ILE H 39 43.73 -27.96 -15.98
C ILE H 39 44.53 -28.82 -16.95
N ARG H 40 45.82 -28.56 -17.13
CA ARG H 40 46.58 -29.43 -18.01
C ARG H 40 47.86 -29.94 -17.39
N GLN H 41 48.30 -31.10 -17.86
CA GLN H 41 49.55 -31.67 -17.40
C GLN H 41 50.48 -32.07 -18.55
N PRO H 42 51.43 -31.22 -18.97
CA PRO H 42 52.37 -31.49 -20.03
C PRO H 42 53.14 -32.73 -19.61
N PRO H 43 53.57 -33.62 -20.50
CA PRO H 43 54.31 -34.80 -20.12
C PRO H 43 55.54 -34.40 -19.33
N GLY H 44 55.77 -35.06 -18.20
CA GLY H 44 56.93 -34.79 -17.36
C GLY H 44 56.77 -33.59 -16.42
N LYS H 45 55.62 -32.92 -16.47
CA LYS H 45 55.36 -31.73 -15.67
C LYS H 45 54.24 -31.94 -14.65
N GLY H 46 54.02 -30.90 -13.83
CA GLY H 46 52.97 -30.91 -12.83
C GLY H 46 51.67 -30.37 -13.39
N LEU H 47 50.75 -29.99 -12.53
CA LEU H 47 49.42 -29.53 -12.94
C LEU H 47 49.35 -28.03 -13.08
N GLU H 48 48.97 -27.56 -14.25
CA GLU H 48 48.83 -26.15 -14.52
C GLU H 48 47.39 -25.76 -14.73
N TRP H 49 46.89 -24.84 -13.94
CA TRP H 49 45.52 -24.41 -14.11
C TRP H 49 45.41 -23.51 -15.33
N ILE H 50 44.40 -23.70 -16.17
CA ILE H 50 44.22 -22.88 -17.35
C ILE H 50 43.22 -21.78 -17.10
N GLY H 51 42.09 -22.16 -16.55
CA GLY H 51 41.06 -21.18 -16.32
C GLY H 51 39.74 -21.76 -15.90
N ASN H 52 38.86 -20.89 -15.41
CA ASN H 52 37.54 -21.26 -14.96
C ASN H 52 36.39 -20.63 -15.69
N LEU H 53 35.33 -21.41 -15.79
CA LEU H 53 34.04 -20.99 -16.28
C LEU H 53 33.19 -20.61 -15.10
N TYR H 54 32.75 -19.38 -15.08
CA TYR H 54 31.90 -18.91 -14.02
C TYR H 54 30.58 -18.68 -14.68
N TYR H 55 29.71 -19.65 -14.54
CA TYR H 55 28.47 -19.70 -15.28
C TYR H 55 27.62 -18.44 -15.12
N SER H 56 27.52 -17.96 -13.89
CA SER H 56 26.70 -16.80 -13.55
C SER H 56 27.48 -15.49 -13.36
N GLY H 57 28.77 -15.49 -13.68
CA GLY H 57 29.61 -14.31 -13.49
C GLY H 57 30.47 -14.07 -14.71
N THR H 58 31.77 -13.89 -14.50
CA THR H 58 32.69 -13.69 -15.60
C THR H 58 33.74 -14.76 -15.51
N ASN H 59 34.35 -15.10 -16.63
CA ASN H 59 35.35 -16.15 -16.61
C ASN H 59 36.68 -15.58 -16.22
N PHE H 60 37.54 -16.41 -15.73
CA PHE H 60 38.86 -15.94 -15.35
C PHE H 60 39.90 -16.96 -15.72
N TYR H 61 41.10 -16.48 -16.00
CA TYR H 61 42.13 -17.35 -16.54
C TYR H 61 43.49 -17.17 -15.91
N ASN H 62 44.34 -18.17 -16.09
CA ASN H 62 45.71 -18.10 -15.66
C ASN H 62 46.31 -16.90 -16.34
N PRO H 63 46.90 -15.93 -15.62
CA PRO H 63 47.41 -14.70 -16.18
C PRO H 63 48.52 -14.87 -17.23
N SER H 64 49.22 -16.01 -17.25
CA SER H 64 50.24 -16.18 -18.27
C SER H 64 49.52 -16.57 -19.55
N LEU H 65 48.75 -17.63 -19.43
CA LEU H 65 47.95 -18.16 -20.48
C LEU H 65 46.59 -17.49 -20.42
N GLU H 66 46.57 -16.18 -20.59
CA GLU H 66 45.30 -15.44 -20.52
C GLU H 66 44.84 -14.92 -21.85
N GLY H 67 45.76 -14.34 -22.62
CA GLY H 67 45.38 -13.67 -23.86
C GLY H 67 45.07 -14.64 -24.97
N ARG H 68 45.36 -15.90 -24.74
CA ARG H 68 45.14 -16.93 -25.72
C ARG H 68 44.02 -17.87 -25.34
N VAL H 69 43.32 -17.62 -24.24
CA VAL H 69 42.32 -18.59 -23.84
C VAL H 69 40.91 -18.08 -23.68
N THR H 70 39.99 -18.86 -24.22
CA THR H 70 38.57 -18.65 -24.07
C THR H 70 37.90 -19.89 -23.52
N ILE H 71 37.06 -19.70 -22.52
CA ILE H 71 36.27 -20.77 -21.94
C ILE H 71 34.80 -20.42 -22.10
N SER H 72 34.01 -21.37 -22.56
CA SER H 72 32.60 -21.10 -22.79
C SER H 72 31.72 -22.28 -22.39
N VAL H 73 30.42 -22.15 -22.69
CA VAL H 73 29.43 -23.15 -22.29
C VAL H 73 28.30 -23.38 -23.30
N ASP H 74 27.83 -24.63 -23.38
CA ASP H 74 26.68 -25.00 -24.19
C ASP H 74 25.68 -25.74 -23.31
N THR H 75 24.63 -25.02 -22.96
CA THR H 75 23.65 -25.50 -22.00
C THR H 75 22.64 -26.46 -22.59
N SER H 76 22.59 -26.57 -23.93
CA SER H 76 21.64 -27.50 -24.51
C SER H 76 22.28 -28.86 -24.49
N LYS H 77 23.62 -28.87 -24.48
CA LYS H 77 24.39 -30.09 -24.44
C LYS H 77 24.90 -30.45 -23.05
N ASN H 78 24.88 -29.48 -22.11
CA ASN H 78 25.40 -29.62 -20.75
C ASN H 78 26.89 -29.91 -20.84
N GLN H 79 27.54 -29.14 -21.72
CA GLN H 79 28.96 -29.20 -21.98
C GLN H 79 29.65 -27.88 -21.69
N VAL H 80 30.93 -27.96 -21.39
CA VAL H 80 31.74 -26.76 -21.22
C VAL H 80 32.91 -26.90 -22.20
N SER H 81 33.51 -25.80 -22.63
CA SER H 81 34.60 -25.96 -23.59
C SER H 81 35.75 -24.96 -23.51
N LEU H 82 36.90 -25.44 -23.95
CA LEU H 82 38.15 -24.70 -23.97
C LEU H 82 38.76 -24.46 -25.32
N LYS H 83 39.11 -23.20 -25.60
CA LYS H 83 39.83 -22.87 -26.81
C LYS H 83 41.14 -22.16 -26.55
N LEU H 84 42.23 -22.72 -27.10
CA LEU H 84 43.55 -22.09 -26.96
C LEU H 84 44.07 -21.68 -28.33
N SER H 85 44.27 -20.38 -28.51
CA SER H 85 44.71 -19.88 -29.81
C SER H 85 46.21 -19.98 -29.93
N SER H 86 46.70 -19.88 -31.17
CA SER H 86 48.13 -19.86 -31.45
C SER H 86 48.89 -20.96 -30.73
N VAL H 87 48.43 -22.20 -30.84
CA VAL H 87 49.08 -23.25 -30.09
C VAL H 87 50.49 -23.56 -30.55
N THR H 88 51.34 -23.86 -29.60
CA THR H 88 52.73 -24.21 -29.86
C THR H 88 53.12 -25.51 -29.21
N ALA H 89 54.35 -25.93 -29.41
CA ALA H 89 54.80 -27.23 -28.88
C ALA H 89 54.65 -27.33 -27.37
N ALA H 90 54.79 -26.21 -26.68
CA ALA H 90 54.69 -26.09 -25.24
C ALA H 90 53.28 -26.40 -24.72
N ASP H 91 52.29 -26.43 -25.61
CA ASP H 91 50.92 -26.67 -25.25
C ASP H 91 50.57 -28.16 -25.33
N THR H 92 51.54 -29.03 -25.62
CA THR H 92 51.24 -30.45 -25.59
C THR H 92 50.98 -30.82 -24.15
N ALA H 93 49.85 -31.45 -23.89
CA ALA H 93 49.51 -31.80 -22.52
C ALA H 93 48.32 -32.70 -22.42
N VAL H 94 48.15 -33.32 -21.26
CA VAL H 94 46.87 -33.96 -21.03
C VAL H 94 45.95 -32.90 -20.47
N TYR H 95 44.83 -32.69 -21.12
CA TYR H 95 43.89 -31.69 -20.69
C TYR H 95 42.78 -32.33 -19.91
N PHE H 96 42.44 -31.75 -18.79
CA PHE H 96 41.39 -32.23 -17.91
C PHE H 96 40.37 -31.13 -17.63
N CYS H 97 39.11 -31.52 -17.41
CA CYS H 97 38.05 -30.68 -16.89
C CYS H 97 37.80 -31.12 -15.44
N ALA H 98 37.38 -30.19 -14.60
CA ALA H 98 37.10 -30.53 -13.22
C ALA H 98 36.04 -29.63 -12.58
N ARG H 99 35.36 -30.18 -11.57
CA ARG H 99 34.41 -29.41 -10.78
C ARG H 99 35.15 -28.84 -9.61
N HIS H 100 35.23 -27.50 -9.60
CA HIS H 100 35.97 -26.72 -8.62
C HIS H 100 34.97 -26.14 -7.63
N VAL H 101 35.05 -26.59 -6.40
CA VAL H 101 34.12 -26.24 -5.37
C VAL H 101 34.67 -25.10 -4.56
N TYR H 102 33.92 -24.01 -4.45
CA TYR H 102 34.39 -22.89 -3.68
C TYR H 102 33.49 -22.62 -2.51
N TYR H 103 32.30 -23.17 -2.51
CA TYR H 103 31.44 -22.96 -1.36
C TYR H 103 30.98 -24.33 -0.93
N SER H 104 31.08 -24.61 0.36
CA SER H 104 30.73 -25.89 0.94
C SER H 104 29.25 -25.99 1.20
N ASP H 105 28.82 -27.15 1.63
CA ASP H 105 27.43 -27.39 1.98
C ASP H 105 27.21 -27.30 3.49
N THR H 106 28.16 -26.65 4.19
CA THR H 106 28.14 -26.45 5.63
C THR H 106 28.18 -24.96 5.96
N ASN H 107 27.68 -24.12 5.06
CA ASN H 107 27.65 -22.67 5.23
C ASN H 107 29.01 -21.98 5.41
N SER H 108 29.99 -22.37 4.62
CA SER H 108 31.30 -21.75 4.66
C SER H 108 31.98 -21.85 3.31
N TYR H 109 33.05 -21.10 3.11
CA TYR H 109 33.81 -21.16 1.87
C TYR H 109 34.89 -22.21 1.99
N THR H 110 35.14 -22.87 0.89
CA THR H 110 36.14 -23.92 0.72
C THR H 110 36.89 -23.75 -0.57
N TYR H 111 37.77 -24.67 -0.91
CA TYR H 111 38.46 -24.49 -2.18
C TYR H 111 39.15 -25.76 -2.68
N PHE H 112 38.48 -26.53 -3.53
CA PHE H 112 39.09 -27.77 -4.04
C PHE H 112 38.52 -28.27 -5.36
N PHE H 113 39.29 -29.10 -6.05
CA PHE H 113 38.82 -29.73 -7.29
C PHE H 113 38.39 -31.12 -6.91
N ASP H 114 37.07 -31.30 -6.91
CA ASP H 114 36.33 -32.45 -6.42
C ASP H 114 36.18 -33.55 -7.45
N TYR H 115 35.81 -33.18 -8.66
CA TYR H 115 35.63 -34.19 -9.69
C TYR H 115 36.50 -33.87 -10.84
N TRP H 116 37.08 -34.90 -11.42
CA TRP H 116 37.94 -34.75 -12.57
C TRP H 116 37.50 -35.71 -13.66
N GLY H 117 37.65 -35.30 -14.91
CA GLY H 117 37.40 -36.23 -16.00
C GLY H 117 38.68 -37.02 -16.12
N GLN H 118 38.82 -37.92 -17.09
CA GLN H 118 40.08 -38.67 -17.11
C GLN H 118 41.15 -38.00 -17.95
N GLY H 119 40.75 -37.08 -18.79
CA GLY H 119 41.68 -36.31 -19.58
C GLY H 119 41.88 -36.77 -20.99
N THR H 120 42.24 -35.83 -21.85
CA THR H 120 42.50 -36.09 -23.24
C THR H 120 43.87 -35.57 -23.62
N LEU H 121 44.66 -36.41 -24.28
CA LEU H 121 46.01 -35.99 -24.64
C LEU H 121 46.06 -35.34 -25.98
N VAL H 122 46.59 -34.13 -25.99
CA VAL H 122 46.70 -33.35 -27.19
C VAL H 122 48.14 -33.04 -27.54
N THR H 123 48.52 -33.41 -28.75
CA THR H 123 49.85 -33.14 -29.29
C THR H 123 49.82 -31.93 -30.19
N VAL H 124 50.80 -31.06 -30.05
CA VAL H 124 50.87 -29.92 -30.95
C VAL H 124 52.11 -30.08 -31.79
N SER H 125 51.97 -30.04 -33.10
CA SER H 125 53.15 -30.26 -33.96
C SER H 125 53.11 -29.54 -35.32
N SER H 126 54.27 -29.52 -36.02
CA SER H 126 54.49 -28.94 -37.35
C SER H 126 54.68 -30.07 -38.38
N ALA I 1 53.51 -20.14 -7.91
CA ALA I 1 53.42 -21.58 -7.71
C ALA I 1 53.98 -21.91 -6.33
N LEU I 2 53.67 -23.11 -5.82
CA LEU I 2 54.09 -23.60 -4.50
C LEU I 2 55.28 -24.56 -4.66
N THR I 3 56.17 -24.61 -3.67
CA THR I 3 57.35 -25.46 -3.76
C THR I 3 57.19 -26.79 -3.05
N GLN I 4 57.47 -27.87 -3.76
CA GLN I 4 57.38 -29.21 -3.20
C GLN I 4 58.72 -29.90 -3.43
N PRO I 5 59.12 -30.89 -2.61
CA PRO I 5 60.28 -31.72 -2.85
C PRO I 5 60.09 -32.39 -4.18
N ALA I 6 61.12 -32.50 -5.00
CA ALA I 6 60.90 -33.18 -6.28
C ALA I 6 60.54 -34.64 -6.09
N SER I 7 61.14 -35.25 -5.08
CA SER I 7 60.96 -36.66 -4.81
C SER I 7 61.20 -37.02 -3.37
N VAL I 8 60.41 -37.93 -2.84
CA VAL I 8 60.61 -38.46 -1.50
C VAL I 8 60.54 -39.97 -1.59
N SER I 9 61.06 -40.67 -0.59
CA SER I 9 60.95 -42.11 -0.61
C SER I 9 60.97 -42.72 0.77
N GLY I 10 60.52 -43.94 0.85
CA GLY I 10 60.57 -44.68 2.12
C GLY I 10 60.15 -46.13 1.93
N SER I 11 60.28 -46.91 2.99
CA SER I 11 59.98 -48.32 2.96
C SER I 11 58.51 -48.57 3.27
N PRO I 12 57.92 -49.68 2.82
CA PRO I 12 56.58 -50.06 3.17
C PRO I 12 56.48 -50.14 4.68
N GLY I 13 55.39 -49.63 5.19
CA GLY I 13 55.07 -49.61 6.60
C GLY I 13 55.54 -48.35 7.32
N GLN I 14 56.36 -47.53 6.67
CA GLN I 14 56.85 -46.31 7.32
C GLN I 14 55.95 -45.13 7.08
N SER I 15 56.03 -44.14 7.95
CA SER I 15 55.32 -42.89 7.72
C SER I 15 56.21 -41.94 6.96
N ILE I 16 55.67 -41.34 5.91
CA ILE I 16 56.45 -40.40 5.12
C ILE I 16 55.75 -39.05 4.98
N THR I 17 56.52 -37.97 4.98
CA THR I 17 55.92 -36.65 4.85
C THR I 17 56.38 -35.89 3.62
N ILE I 18 55.39 -35.35 2.91
CA ILE I 18 55.61 -34.51 1.74
C ILE I 18 55.24 -33.07 2.08
N SER I 19 56.21 -32.18 2.04
CA SER I 19 55.93 -30.80 2.37
C SER I 19 55.57 -29.98 1.12
N CYS I 20 54.99 -28.79 1.33
CA CYS I 20 54.63 -27.79 0.34
C CYS I 20 54.81 -26.39 0.93
N THR I 21 55.71 -25.61 0.38
CA THR I 21 55.97 -24.30 0.96
C THR I 21 55.54 -23.18 0.06
N GLY I 22 54.83 -22.21 0.64
CA GLY I 22 54.36 -21.04 -0.12
C GLY I 22 54.68 -19.75 0.60
N THR I 23 53.90 -18.70 0.34
CA THR I 23 54.11 -17.39 1.02
C THR I 23 52.94 -17.12 1.95
N SER I 24 52.87 -15.92 2.51
CA SER I 24 51.69 -15.56 3.33
C SER I 24 50.48 -15.43 2.40
N SER I 25 50.74 -15.30 1.09
CA SER I 25 49.66 -14.91 0.15
C SER I 25 48.77 -16.12 -0.13
N ASP I 26 49.38 -17.30 -0.28
CA ASP I 26 48.60 -18.53 -0.58
C ASP I 26 48.35 -19.31 0.72
N ILE I 27 49.40 -19.94 1.26
CA ILE I 27 49.26 -21.02 2.28
C ILE I 27 48.94 -20.39 3.63
N GLY I 28 49.79 -19.47 4.06
CA GLY I 28 49.68 -18.74 5.33
C GLY I 28 48.40 -18.02 5.57
N GLY I 29 47.84 -17.37 4.60
CA GLY I 29 46.61 -16.65 4.68
C GLY I 29 45.41 -17.44 4.86
N TYR I 30 45.29 -18.58 4.32
CA TYR I 30 44.06 -19.32 4.25
C TYR I 30 44.24 -20.72 4.70
N ASN I 31 43.23 -21.35 5.09
CA ASN I 31 43.18 -22.74 5.46
C ASN I 31 42.45 -23.48 4.37
N TYR I 32 42.94 -23.34 3.18
CA TYR I 32 42.34 -23.94 2.00
C TYR I 32 43.28 -24.83 1.27
N VAL I 33 44.18 -25.47 1.97
CA VAL I 33 45.15 -26.31 1.31
C VAL I 33 44.56 -27.68 1.01
N SER I 34 44.72 -28.13 -0.22
CA SER I 34 44.24 -29.42 -0.62
C SER I 34 45.37 -30.21 -1.25
N TRP I 35 45.23 -31.52 -1.21
CA TRP I 35 46.20 -32.41 -1.82
C TRP I 35 45.56 -33.42 -2.73
N TYR I 36 46.28 -33.75 -3.78
CA TYR I 36 45.89 -34.73 -4.76
C TYR I 36 46.88 -35.85 -4.94
N GLN I 37 46.35 -37.03 -5.21
CA GLN I 37 47.14 -38.21 -5.54
C GLN I 37 47.00 -38.51 -7.00
N ASN I 38 48.10 -38.62 -7.72
CA ASN I 38 47.97 -38.88 -9.14
C ASN I 38 48.78 -40.07 -9.64
N HIS I 39 48.09 -41.17 -9.94
CA HIS I 39 48.76 -42.33 -10.46
C HIS I 39 48.88 -42.12 -11.96
N PRO I 40 49.93 -42.58 -12.62
CA PRO I 40 50.08 -42.47 -14.05
C PRO I 40 48.91 -43.08 -14.76
N GLY I 41 48.42 -42.40 -15.78
CA GLY I 41 47.30 -42.89 -16.57
C GLY I 41 45.93 -42.49 -16.04
N LYS I 42 45.87 -41.88 -14.86
CA LYS I 42 44.58 -41.52 -14.26
C LYS I 42 44.51 -40.03 -13.93
N ALA I 43 43.30 -39.50 -13.84
CA ALA I 43 43.15 -38.12 -13.38
C ALA I 43 43.44 -38.06 -11.90
N PRO I 44 43.91 -36.92 -11.37
CA PRO I 44 44.17 -36.72 -9.95
C PRO I 44 42.96 -36.98 -9.08
N LYS I 45 43.22 -37.61 -7.95
CA LYS I 45 42.24 -37.91 -6.93
C LYS I 45 42.35 -36.96 -5.76
N LEU I 46 41.25 -36.38 -5.33
CA LEU I 46 41.34 -35.52 -4.17
C LEU I 46 41.48 -36.39 -2.95
N ILE I 47 42.51 -36.13 -2.14
CA ILE I 47 42.72 -36.89 -0.92
C ILE I 47 42.48 -36.04 0.31
N ILE I 48 42.93 -34.79 0.28
CA ILE I 48 42.80 -33.87 1.39
C ILE I 48 42.27 -32.52 0.97
N TYR I 49 41.43 -31.91 1.78
CA TYR I 49 40.94 -30.56 1.51
C TYR I 49 40.83 -29.79 2.83
N ASP I 50 40.81 -28.47 2.74
CA ASP I 50 40.70 -27.66 3.94
C ASP I 50 41.76 -28.03 4.97
N VAL I 51 42.99 -28.22 4.48
CA VAL I 51 44.21 -28.53 5.20
C VAL I 51 44.30 -29.95 5.75
N SER I 52 43.33 -30.34 6.57
CA SER I 52 43.36 -31.64 7.21
C SER I 52 42.19 -32.62 6.96
N HIS I 53 41.17 -32.25 6.19
CA HIS I 53 40.00 -33.10 6.00
C HIS I 53 40.11 -34.09 4.86
N ARG I 54 39.43 -35.23 4.98
CA ARG I 54 39.43 -36.19 3.89
C ARG I 54 38.04 -36.33 3.28
N PRO I 55 37.92 -36.53 1.96
CA PRO I 55 36.70 -36.88 1.27
C PRO I 55 36.28 -38.27 1.69
N SER I 56 34.99 -38.56 1.62
CA SER I 56 34.57 -39.90 1.93
C SER I 56 35.22 -40.85 0.94
N GLY I 57 35.65 -42.01 1.42
CA GLY I 57 36.27 -43.00 0.55
C GLY I 57 37.80 -42.94 0.57
N VAL I 58 38.35 -41.88 1.17
CA VAL I 58 39.78 -41.74 1.26
C VAL I 58 40.30 -42.37 2.54
N SER I 59 41.35 -43.16 2.39
CA SER I 59 41.98 -43.86 3.49
C SER I 59 42.44 -42.97 4.60
N ASN I 60 42.28 -43.47 5.82
CA ASN I 60 42.61 -42.74 7.02
C ASN I 60 44.09 -42.72 7.32
N ARG I 61 44.86 -43.29 6.41
CA ARG I 61 46.30 -43.25 6.52
C ARG I 61 46.77 -41.89 6.03
N PHE I 62 45.88 -41.14 5.36
CA PHE I 62 46.23 -39.81 4.86
C PHE I 62 45.74 -38.75 5.82
N SER I 63 46.61 -37.80 6.11
CA SER I 63 46.27 -36.70 6.98
C SER I 63 47.12 -35.50 6.62
N GLY I 64 46.85 -34.37 7.23
CA GLY I 64 47.67 -33.22 6.93
C GLY I 64 47.46 -32.09 7.92
N SER I 65 48.36 -31.13 7.82
CA SER I 65 48.40 -29.97 8.69
C SER I 65 49.20 -28.85 8.05
N LYS I 66 49.22 -27.69 8.69
CA LYS I 66 50.05 -26.59 8.24
C LYS I 66 50.62 -25.80 9.40
N SER I 67 51.75 -25.17 9.17
CA SER I 67 52.39 -24.27 10.12
C SER I 67 53.05 -23.12 9.38
N GLY I 68 52.68 -21.90 9.70
CA GLY I 68 53.27 -20.78 8.98
C GLY I 68 52.89 -20.87 7.52
N ASN I 69 53.88 -20.86 6.64
CA ASN I 69 53.67 -20.91 5.20
C ASN I 69 53.91 -22.32 4.66
N THR I 70 54.04 -23.30 5.55
CA THR I 70 54.31 -24.66 5.11
C THR I 70 53.16 -25.61 5.37
N ALA I 71 52.76 -26.32 4.34
CA ALA I 71 51.72 -27.32 4.40
C ALA I 71 52.38 -28.68 4.39
N SER I 72 51.73 -29.66 5.00
CA SER I 72 52.28 -30.99 5.04
C SER I 72 51.29 -32.14 4.87
N LEU I 73 51.65 -33.04 3.95
CA LEU I 73 50.93 -34.27 3.66
C LEU I 73 51.60 -35.45 4.34
N SER I 74 50.85 -36.11 5.19
CA SER I 74 51.39 -37.24 5.92
C SER I 74 50.73 -38.55 5.52
N ILE I 75 51.56 -39.50 5.11
CA ILE I 75 51.06 -40.81 4.70
C ILE I 75 51.61 -41.90 5.62
N SER I 76 50.77 -42.44 6.50
CA SER I 76 51.27 -43.46 7.44
C SER I 76 51.12 -44.82 6.81
N GLY I 77 51.84 -45.83 7.31
CA GLY I 77 51.58 -47.17 6.81
C GLY I 77 51.85 -47.25 5.34
N LEU I 78 52.91 -46.63 4.84
CA LEU I 78 53.14 -46.56 3.41
C LEU I 78 53.02 -47.91 2.70
N GLN I 79 52.21 -47.91 1.65
CA GLN I 79 51.94 -49.10 0.83
C GLN I 79 52.56 -48.99 -0.54
N ALA I 80 52.76 -50.13 -1.21
CA ALA I 80 53.27 -50.11 -2.58
C ALA I 80 52.33 -49.34 -3.49
N GLU I 81 51.05 -49.43 -3.21
CA GLU I 81 49.98 -48.80 -3.95
C GLU I 81 49.99 -47.27 -3.86
N ASP I 82 50.78 -46.71 -2.94
CA ASP I 82 50.84 -45.28 -2.75
C ASP I 82 51.85 -44.64 -3.68
N GLU I 83 52.58 -45.42 -4.48
CA GLU I 83 53.49 -44.75 -5.39
C GLU I 83 52.64 -43.89 -6.31
N ALA I 84 52.91 -42.60 -6.32
CA ALA I 84 52.11 -41.65 -7.10
C ALA I 84 52.76 -40.29 -7.06
N ASP I 85 52.36 -39.40 -7.95
CA ASP I 85 52.78 -38.03 -7.79
C ASP I 85 51.80 -37.37 -6.83
N TYR I 86 52.27 -36.51 -5.95
CA TYR I 86 51.36 -35.80 -5.08
C TYR I 86 51.46 -34.33 -5.32
N TYR I 87 50.32 -33.68 -5.30
CA TYR I 87 50.29 -32.24 -5.53
C TYR I 87 49.58 -31.50 -4.44
N CYS I 88 50.06 -30.29 -4.13
CA CYS I 88 49.42 -29.36 -3.22
C CYS I 88 48.74 -28.29 -4.06
N CYS I 89 47.65 -27.79 -3.53
CA CYS I 89 46.96 -26.68 -4.13
C CYS I 89 46.39 -25.81 -3.05
N SER I 90 46.42 -24.52 -3.23
CA SER I 90 45.85 -23.63 -2.23
C SER I 90 45.21 -22.41 -2.84
N PHE I 91 44.51 -21.65 -2.02
CA PHE I 91 43.88 -20.44 -2.50
C PHE I 91 44.90 -19.34 -2.37
N THR I 92 44.60 -18.14 -2.78
CA THR I 92 45.56 -17.06 -2.67
C THR I 92 44.92 -15.68 -2.74
N ASP I 93 45.65 -14.66 -2.30
CA ASP I 93 45.17 -13.27 -2.33
C ASP I 93 44.62 -12.89 -3.70
N ASN I 94 45.26 -13.35 -4.76
CA ASN I 94 44.79 -13.15 -6.11
C ASN I 94 43.80 -14.28 -6.28
N ASN I 95 42.53 -14.02 -6.41
CA ASN I 95 41.52 -15.08 -6.33
C ASN I 95 41.44 -16.04 -7.54
N ILE I 96 42.50 -16.88 -7.65
CA ILE I 96 42.77 -17.93 -8.63
C ILE I 96 43.41 -19.07 -7.82
N PRO I 97 43.39 -20.34 -8.22
CA PRO I 97 44.08 -21.41 -7.55
C PRO I 97 45.57 -21.38 -7.79
N ALA I 98 46.33 -21.91 -6.84
CA ALA I 98 47.77 -22.09 -7.04
C ALA I 98 48.15 -23.54 -6.82
N PHE I 99 48.93 -24.10 -7.75
CA PHE I 99 49.41 -25.48 -7.62
C PHE I 99 50.90 -25.55 -7.36
N GLY I 100 51.32 -26.57 -6.66
CA GLY I 100 52.73 -26.77 -6.48
C GLY I 100 53.35 -27.55 -7.62
N GLY I 101 54.67 -27.63 -7.60
CA GLY I 101 55.45 -28.35 -8.60
C GLY I 101 55.16 -29.85 -8.71
N GLY I 102 54.85 -30.48 -7.58
CA GLY I 102 54.56 -31.91 -7.52
C GLY I 102 55.72 -32.70 -6.94
N THR I 103 55.40 -33.71 -6.14
CA THR I 103 56.40 -34.59 -5.51
C THR I 103 56.20 -36.00 -5.95
N LYS I 104 57.25 -36.68 -6.38
CA LYS I 104 57.07 -38.07 -6.71
C LYS I 104 57.37 -38.93 -5.49
N LEU I 105 56.42 -39.77 -5.10
CA LEU I 105 56.60 -40.66 -3.96
C LEU I 105 56.94 -42.05 -4.39
N THR I 106 58.13 -42.50 -4.00
CA THR I 106 58.63 -43.82 -4.33
C THR I 106 58.60 -44.73 -3.12
N VAL I 107 57.99 -45.89 -3.29
CA VAL I 107 57.90 -46.84 -2.20
C VAL I 107 58.90 -47.97 -2.48
N LEU I 108 59.81 -48.20 -1.52
CA LEU I 108 60.96 -49.13 -1.59
C LEU I 108 60.64 -50.51 -0.98
#